data_6DRU
#
_entry.id   6DRU
#
_cell.length_a   146.132
_cell.length_b   146.132
_cell.length_c   220.081
_cell.angle_alpha   90.000
_cell.angle_beta   90.000
_cell.angle_gamma   120.000
#
_symmetry.space_group_name_H-M   'P 32 2 1'
#
loop_
_entity.id
_entity.type
_entity.pdbx_description
1 polymer 'Glycosyl hydrolases family 31 family protein'
2 branched alpha-D-mannopyranose-(1-2)-alpha-D-mannopyranose-(1-3)-[alpha-D-mannopyranose-(1-6)]beta-D-mannopyranose-(1-4)-2-acetamido-2-deoxy-beta-D-glucopyranose-(1-4)-2-acetamido-2-deoxy-beta-D-glucopyranose
3 branched alpha-D-mannopyranose-(1-2)-alpha-D-mannopyranose-(1-2)-alpha-D-mannopyranose-(1-3)-[alpha-D-mannopyranose-(1-3)-[alpha-D-mannopyranose-(1-6)]alpha-D-mannopyranose-(1-6)]beta-D-mannopyranose-(1-4)-2-acetamido-2-deoxy-beta-D-glucopyranose-(1-4)-2-acetamido-2-deoxy-beta-D-glucopyranose
4 branched alpha-D-mannopyranose-(1-2)-alpha-D-mannopyranose-(1-2)-alpha-D-mannopyranose-(1-3)-[alpha-D-mannopyranose-(1-2)-alpha-D-mannopyranose-(1-6)-[alpha-D-mannopyranose-(1-3)]alpha-D-mannopyranose-(1-6)]beta-D-mannopyranose-(1-4)-2-acetamido-2-deoxy-beta-D-glucopyranose-(1-4)-2-acetamido-2-deoxy-beta-D-glucopyranose
5 branched beta-D-galactopyranose-(1-2)-alpha-D-xylopyranose-(1-6)-[beta-D-glucopyranose-(1-4)]beta-D-glucopyranose-(1-4)-beta-D-glucopyranose
6 branched beta-D-glucopyranose-(1-4)-[alpha-D-xylopyranose-(1-6)]beta-D-glucopyranose-(1-4)-beta-D-glucopyranose
7 branched alpha-D-mannopyranose-(1-2)-alpha-D-mannopyranose-(1-3)-[alpha-D-mannopyranose-(1-3)-[alpha-D-mannopyranose-(1-6)]alpha-D-mannopyranose-(1-6)]beta-D-mannopyranose-(1-4)-2-acetamido-2-deoxy-beta-D-glucopyranose-(1-4)-2-acetamido-2-deoxy-beta-D-glucopyranose
8 non-polymer 2-acetamido-2-deoxy-beta-D-glucopyranose
9 non-polymer alpha-D-xylopyranose
10 non-polymer GLYCEROL
11 water water
#
_entity_poly.entity_id   1
_entity_poly.type   'polypeptide(L)'
_entity_poly.pdbx_seq_one_letter_code
;TYFAPNSTGLRIQHGFETILIQPFGYDGFRVRAWPFRPPSGNEISFIYDPPIEGYEDTAHGMSYDTATTGTEPRTLRNGN
IILRTTGWGGTTAGYRLSFYRVNDDGSETLLTNEYAPLKSLNPRYYYWPGPGAEFSAEFSFSATPDEQIYGTGTQQDHMI
NKKGSVIDMVNFNSYIPTPVFMSNKGYAFIWNMPAEGRMEFGTLRTRFTAASTTLVDYVIVAAQPGDYDTLQQRISALTG
RAPAPPDFSLGYIQSKLRYENQTEVELLAQNFHDRNIPVSMIVIDYQSWAHQGDWALDPRLWPNVAQMSARVKNLTGAEM
MASLWPSVADDSVNYAALQANGLLSATRDGPGTTDSWNGSYIRNYDSTNPSARKFLWSMLKKNYYDKGIKNFWIDQADGG
ALGEAYENNGQSTYIESIPFTLPNVNYAAGTQLSVGKLYPWAHQQAIEEGFRNATDTKEGSACDHVSLSRSGYIGSQRFC
SMIWSGDTTSVWDTLAVQVASGLSAAATGWGWWTVDAGGFEVDSTVWWSGNIDTPEYRELYVRWLAWTTFLPFMRTHGSR
TCYFQDAYTCANEPWSYGASNTPIIVSYIHLRYQLGAYLKSIFNQFHLTGRSIMRPLYMDFEKTDPKISQLVSSNSNYTT
QQYMFGPRLLVSPVTLPNVTEWPVYLPQTGQNNTKPWTYWWTNETYAGGQVVKVPAPLQHIPVFHLGSREELLSGNVF
;
_entity_poly.pdbx_strand_id   A,B
#
# COMPACT_ATOMS: atom_id res chain seq x y z
N THR A 1 -2.45 -37.48 -18.74
CA THR A 1 -1.04 -37.15 -18.81
C THR A 1 -0.69 -36.01 -17.84
N TYR A 2 -1.48 -35.90 -16.77
CA TYR A 2 -1.25 -34.89 -15.75
C TYR A 2 -0.07 -35.29 -14.87
N PHE A 3 0.80 -34.32 -14.59
CA PHE A 3 1.98 -34.54 -13.75
C PHE A 3 1.51 -34.60 -12.29
N ALA A 4 1.04 -35.77 -11.89
CA ALA A 4 0.56 -35.97 -10.53
C ALA A 4 1.72 -35.83 -9.53
N PRO A 5 1.43 -35.42 -8.29
CA PRO A 5 2.49 -35.23 -7.31
C PRO A 5 2.92 -36.55 -6.69
N ASN A 6 4.15 -36.55 -6.17
CA ASN A 6 4.72 -37.72 -5.52
C ASN A 6 4.75 -37.60 -4.00
N SER A 7 4.11 -36.58 -3.45
CA SER A 7 4.09 -36.36 -2.01
C SER A 7 2.75 -35.75 -1.63
N THR A 8 2.18 -36.22 -0.53
CA THR A 8 0.90 -35.69 -0.06
C THR A 8 1.05 -34.36 0.65
N GLY A 9 2.27 -33.93 0.95
CA GLY A 9 2.49 -32.67 1.63
C GLY A 9 3.80 -32.67 2.37
N LEU A 10 4.25 -31.46 2.72
CA LEU A 10 5.49 -31.27 3.45
C LEU A 10 5.18 -30.44 4.69
N ARG A 11 5.64 -30.91 5.85
CA ARG A 11 5.43 -30.23 7.12
C ARG A 11 6.78 -29.78 7.65
N ILE A 12 6.96 -28.47 7.75
CA ILE A 12 8.23 -27.87 8.17
C ILE A 12 8.09 -27.39 9.60
N GLN A 13 9.06 -27.75 10.44
CA GLN A 13 9.13 -27.25 11.81
C GLN A 13 10.23 -26.20 11.87
N HIS A 14 9.84 -24.93 11.77
CA HIS A 14 10.76 -23.80 11.73
C HIS A 14 10.66 -23.07 13.06
N GLY A 15 11.46 -23.50 14.03
CA GLY A 15 11.33 -22.96 15.36
C GLY A 15 9.96 -23.34 15.92
N PHE A 16 9.26 -22.35 16.47
CA PHE A 16 7.94 -22.61 17.05
C PHE A 16 6.81 -22.58 16.02
N GLU A 17 7.08 -22.19 14.78
CA GLU A 17 6.04 -22.14 13.76
C GLU A 17 6.09 -23.38 12.88
N THR A 18 4.92 -23.89 12.53
CA THR A 18 4.78 -25.05 11.68
C THR A 18 4.14 -24.62 10.35
N ILE A 19 4.74 -25.05 9.24
CA ILE A 19 4.24 -24.73 7.91
C ILE A 19 3.90 -26.04 7.20
N LEU A 20 2.65 -26.18 6.78
CA LEU A 20 2.16 -27.37 6.10
C LEU A 20 1.80 -27.00 4.67
N ILE A 21 2.60 -27.44 3.72
CA ILE A 21 2.38 -27.18 2.30
C ILE A 21 1.90 -28.48 1.65
N GLN A 22 0.75 -28.43 1.00
CA GLN A 22 0.18 -29.60 0.36
C GLN A 22 -0.20 -29.29 -1.07
N PRO A 23 -0.02 -30.24 -1.99
CA PRO A 23 -0.61 -30.08 -3.33
C PRO A 23 -2.13 -30.06 -3.21
N PHE A 24 -2.75 -29.15 -3.96
CA PHE A 24 -4.18 -28.90 -3.82
C PHE A 24 -4.76 -28.60 -5.19
N GLY A 25 -5.56 -29.52 -5.72
CA GLY A 25 -6.14 -29.35 -7.03
C GLY A 25 -5.10 -29.37 -8.14
N TYR A 26 -5.57 -29.04 -9.33
CA TYR A 26 -4.70 -28.97 -10.50
C TYR A 26 -3.79 -27.76 -10.40
N ASP A 27 -2.47 -27.99 -10.48
CA ASP A 27 -1.47 -26.92 -10.54
C ASP A 27 -1.58 -25.97 -9.34
N GLY A 28 -1.84 -26.52 -8.16
CA GLY A 28 -2.05 -25.69 -6.99
C GLY A 28 -1.35 -26.24 -5.77
N PHE A 29 -0.97 -25.33 -4.88
CA PHE A 29 -0.44 -25.66 -3.56
C PHE A 29 -1.25 -24.93 -2.49
N ARG A 30 -1.46 -25.60 -1.36
CA ARG A 30 -2.13 -25.01 -0.21
C ARG A 30 -1.12 -24.90 0.93
N VAL A 31 -0.99 -23.70 1.50
CA VAL A 31 -0.01 -23.43 2.55
C VAL A 31 -0.75 -23.00 3.80
N ARG A 32 -0.41 -23.63 4.93
CA ARG A 32 -0.96 -23.27 6.23
C ARG A 32 0.17 -23.16 7.24
N ALA A 33 0.12 -22.15 8.09
CA ALA A 33 1.17 -21.89 9.05
C ALA A 33 0.56 -21.40 10.37
N TRP A 34 1.17 -21.80 11.48
CA TRP A 34 0.69 -21.42 12.80
C TRP A 34 1.83 -21.43 13.80
N PRO A 35 1.88 -20.46 14.73
CA PRO A 35 2.90 -20.50 15.79
C PRO A 35 2.40 -21.14 17.08
N PHE A 36 3.22 -22.03 17.64
CA PHE A 36 3.00 -22.66 18.95
C PHE A 36 1.78 -23.58 19.00
N ARG A 37 0.57 -23.03 18.90
CA ARG A 37 -0.59 -23.88 19.16
C ARG A 37 -1.15 -24.44 17.86
N PRO A 38 -1.45 -25.72 17.80
CA PRO A 38 -1.96 -26.33 16.56
C PRO A 38 -3.36 -25.82 16.24
N PRO A 39 -3.81 -25.98 15.00
CA PRO A 39 -5.15 -25.48 14.64
C PRO A 39 -6.24 -26.17 15.45
N SER A 40 -7.22 -25.38 15.88
CA SER A 40 -8.36 -25.94 16.60
C SER A 40 -9.12 -26.96 15.76
N GLY A 41 -9.14 -26.76 14.44
CA GLY A 41 -9.97 -27.56 13.57
C GLY A 41 -11.33 -26.94 13.29
N ASN A 42 -11.71 -25.91 14.02
CA ASN A 42 -12.97 -25.21 13.82
C ASN A 42 -12.78 -23.87 13.12
N GLU A 43 -11.65 -23.67 12.46
CA GLU A 43 -11.45 -22.44 11.69
C GLU A 43 -12.39 -22.41 10.49
N ILE A 44 -12.74 -21.21 10.06
CA ILE A 44 -13.65 -21.02 8.94
C ILE A 44 -12.84 -21.00 7.65
N SER A 45 -13.23 -21.84 6.70
CA SER A 45 -12.55 -21.99 5.43
C SER A 45 -13.55 -21.80 4.29
N PHE A 46 -13.09 -21.18 3.21
CA PHE A 46 -13.94 -20.89 2.06
C PHE A 46 -13.56 -21.72 0.84
N ILE A 47 -12.64 -22.66 0.98
CA ILE A 47 -12.22 -23.51 -0.13
C ILE A 47 -12.70 -24.94 0.13
N TYR A 48 -12.88 -25.68 -0.96
CA TYR A 48 -13.37 -27.05 -0.91
C TYR A 48 -12.20 -28.02 -0.74
N ASP A 49 -12.40 -29.01 0.11
CA ASP A 49 -11.42 -30.08 0.32
C ASP A 49 -12.13 -31.43 0.23
N PRO A 50 -11.90 -32.21 -0.84
CA PRO A 50 -11.02 -31.86 -1.95
C PRO A 50 -11.66 -30.83 -2.87
N PRO A 51 -10.86 -30.20 -3.74
CA PRO A 51 -11.45 -29.25 -4.69
C PRO A 51 -12.55 -29.91 -5.52
N ILE A 52 -13.49 -29.07 -5.96
CA ILE A 52 -14.61 -29.55 -6.78
C ILE A 52 -14.12 -30.35 -7.98
N GLU A 53 -12.91 -30.03 -8.44
CA GLU A 53 -12.35 -30.66 -9.62
C GLU A 53 -10.83 -30.66 -9.48
N GLY A 54 -10.22 -31.83 -9.59
CA GLY A 54 -8.79 -31.95 -9.40
C GLY A 54 -8.34 -33.38 -9.52
N TYR A 55 -7.05 -33.58 -9.29
CA TYR A 55 -6.42 -34.89 -9.40
C TYR A 55 -6.76 -35.82 -8.23
N GLU A 56 -7.34 -35.30 -7.15
CA GLU A 56 -7.45 -36.07 -5.92
C GLU A 56 -8.66 -37.00 -5.95
N ASP A 57 -8.57 -38.06 -5.15
CA ASP A 57 -9.68 -38.97 -4.92
C ASP A 57 -10.42 -38.67 -3.62
N THR A 58 -9.71 -38.18 -2.60
CA THR A 58 -10.31 -37.88 -1.31
C THR A 58 -9.69 -36.59 -0.77
N ALA A 59 -10.22 -36.14 0.36
CA ALA A 59 -9.78 -34.88 0.95
C ALA A 59 -8.37 -35.01 1.51
N HIS A 60 -7.65 -33.89 1.51
CA HIS A 60 -6.28 -33.90 2.04
C HIS A 60 -6.27 -33.85 3.56
N GLY A 61 -7.06 -32.95 4.14
CA GLY A 61 -6.98 -32.75 5.58
C GLY A 61 -5.62 -32.21 5.96
N MET A 62 -5.09 -32.72 7.08
CA MET A 62 -3.77 -32.34 7.56
C MET A 62 -2.69 -33.31 7.11
N SER A 63 -2.96 -34.14 6.10
CA SER A 63 -2.04 -35.21 5.75
C SER A 63 -0.79 -34.68 5.06
N TYR A 64 0.35 -35.31 5.35
CA TYR A 64 1.61 -34.95 4.72
C TYR A 64 2.48 -36.19 4.65
N ASP A 65 3.50 -36.12 3.77
CA ASP A 65 4.41 -37.23 3.53
C ASP A 65 5.77 -37.04 4.17
N THR A 66 6.26 -35.80 4.26
CA THR A 66 7.62 -35.53 4.70
C THR A 66 7.60 -34.48 5.80
N ALA A 67 8.40 -34.71 6.83
CA ALA A 67 8.57 -33.76 7.93
C ALA A 67 10.03 -33.37 8.04
N THR A 68 10.29 -32.08 8.18
CA THR A 68 11.65 -31.58 8.27
C THR A 68 11.65 -30.33 9.14
N THR A 69 12.84 -29.96 9.60
CA THR A 69 13.04 -28.69 10.31
C THR A 69 13.51 -27.58 9.38
N GLY A 70 13.52 -27.83 8.07
CA GLY A 70 13.91 -26.82 7.11
C GLY A 70 15.39 -26.52 7.08
N THR A 71 16.24 -27.49 7.44
CA THR A 71 17.68 -27.27 7.41
C THR A 71 18.23 -27.36 5.99
N GLU A 72 17.58 -28.12 5.11
CA GLU A 72 18.04 -28.36 3.77
C GLU A 72 16.92 -28.05 2.77
N PRO A 73 17.28 -27.62 1.56
CA PRO A 73 16.24 -27.29 0.56
C PRO A 73 15.57 -28.54 0.02
N ARG A 74 14.29 -28.39 -0.35
CA ARG A 74 13.51 -29.46 -0.93
C ARG A 74 12.70 -28.93 -2.11
N THR A 75 12.12 -29.84 -2.87
CA THR A 75 11.36 -29.49 -4.06
C THR A 75 10.16 -30.42 -4.17
N LEU A 76 9.00 -29.84 -4.53
CA LEU A 76 7.77 -30.60 -4.72
C LEU A 76 7.05 -30.03 -5.94
N ARG A 77 6.53 -30.93 -6.77
CA ARG A 77 5.87 -30.54 -8.00
C ARG A 77 4.48 -31.14 -8.07
N ASN A 78 3.51 -30.32 -8.47
CA ASN A 78 2.14 -30.76 -8.71
C ASN A 78 1.64 -30.05 -9.95
N GLY A 79 1.41 -30.80 -11.02
CA GLY A 79 0.98 -30.17 -12.27
C GLY A 79 2.12 -29.37 -12.86
N ASN A 80 1.84 -28.11 -13.19
CA ASN A 80 2.84 -27.22 -13.77
C ASN A 80 3.41 -26.24 -12.75
N ILE A 81 3.05 -26.37 -11.48
CA ILE A 81 3.57 -25.51 -10.43
C ILE A 81 4.59 -26.31 -9.61
N ILE A 82 5.68 -25.66 -9.23
CA ILE A 82 6.75 -26.28 -8.46
C ILE A 82 7.02 -25.43 -7.23
N LEU A 83 7.19 -26.10 -6.08
CA LEU A 83 7.59 -25.45 -4.85
C LEU A 83 9.06 -25.75 -4.57
N ARG A 84 9.80 -24.72 -4.18
CA ARG A 84 11.21 -24.87 -3.83
C ARG A 84 11.44 -24.18 -2.48
N THR A 85 11.69 -24.96 -1.44
CA THR A 85 12.07 -24.40 -0.16
C THR A 85 13.54 -24.00 -0.19
N THR A 86 13.84 -22.80 0.29
CA THR A 86 15.19 -22.25 0.24
C THR A 86 15.51 -21.59 1.56
N GLY A 87 16.74 -21.09 1.68
CA GLY A 87 17.16 -20.33 2.84
C GLY A 87 16.90 -18.85 2.65
N TRP A 88 17.45 -18.06 3.58
CA TRP A 88 17.34 -16.60 3.55
C TRP A 88 18.74 -16.01 3.52
N GLY A 89 18.96 -15.08 2.59
CA GLY A 89 20.30 -14.60 2.34
C GLY A 89 21.08 -15.61 1.50
N GLY A 90 22.38 -15.65 1.73
CA GLY A 90 23.20 -16.64 1.05
C GLY A 90 23.14 -18.03 1.62
N THR A 91 22.27 -18.26 2.61
CA THR A 91 22.22 -19.55 3.28
C THR A 91 21.53 -20.59 2.40
N THR A 92 21.87 -21.86 2.65
CA THR A 92 21.24 -23.01 2.01
C THR A 92 20.40 -23.74 3.05
N ALA A 93 19.08 -23.52 3.00
CA ALA A 93 18.17 -24.12 3.96
C ALA A 93 16.84 -24.38 3.27
N GLY A 94 15.80 -24.63 4.06
CA GLY A 94 14.49 -24.93 3.51
C GLY A 94 13.32 -24.46 4.35
N TYR A 95 13.37 -23.22 4.83
CA TYR A 95 12.28 -22.64 5.60
C TYR A 95 11.62 -21.45 4.90
N ARG A 96 12.06 -21.12 3.68
CA ARG A 96 11.45 -20.07 2.88
C ARG A 96 10.81 -20.69 1.65
N LEU A 97 9.67 -20.16 1.24
CA LEU A 97 8.88 -20.73 0.15
C LEU A 97 9.07 -19.92 -1.13
N SER A 98 9.09 -20.62 -2.26
CA SER A 98 9.14 -20.00 -3.58
C SER A 98 8.37 -20.87 -4.55
N PHE A 99 7.66 -20.24 -5.48
CA PHE A 99 6.75 -20.93 -6.38
C PHE A 99 7.10 -20.61 -7.83
N TYR A 100 7.26 -21.67 -8.64
CA TYR A 100 7.57 -21.55 -10.05
C TYR A 100 6.47 -22.23 -10.88
N ARG A 101 6.36 -21.80 -12.14
CA ARG A 101 5.53 -22.47 -13.12
C ARG A 101 6.40 -23.09 -14.20
N VAL A 102 6.09 -24.33 -14.57
CA VAL A 102 6.77 -25.00 -15.67
C VAL A 102 6.05 -24.61 -16.97
N ASN A 103 6.72 -23.85 -17.82
CA ASN A 103 6.12 -23.39 -19.05
C ASN A 103 6.08 -24.52 -20.07
N ASP A 104 5.40 -24.26 -21.20
CA ASP A 104 5.29 -25.27 -22.25
C ASP A 104 6.64 -25.55 -22.89
N ASP A 105 7.51 -24.54 -22.99
CA ASP A 105 8.81 -24.69 -23.62
C ASP A 105 9.86 -25.29 -22.70
N GLY A 106 9.46 -25.87 -21.56
CA GLY A 106 10.38 -26.50 -20.64
C GLY A 106 10.97 -25.58 -19.60
N SER A 107 11.07 -24.28 -19.88
CA SER A 107 11.65 -23.36 -18.91
C SER A 107 10.69 -23.14 -17.74
N GLU A 108 11.19 -22.46 -16.71
CA GLU A 108 10.42 -22.17 -15.52
C GLU A 108 10.33 -20.67 -15.32
N THR A 109 9.24 -20.23 -14.68
CA THR A 109 9.02 -18.82 -14.38
C THR A 109 8.65 -18.68 -12.91
N LEU A 110 9.34 -17.77 -12.22
CA LEU A 110 9.04 -17.52 -10.81
C LEU A 110 7.73 -16.76 -10.69
N LEU A 111 6.72 -17.41 -10.12
CA LEU A 111 5.45 -16.74 -9.86
C LEU A 111 5.59 -15.73 -8.72
N THR A 112 6.03 -16.21 -7.55
CA THR A 112 6.30 -15.36 -6.40
C THR A 112 7.01 -16.21 -5.35
N ASN A 113 7.75 -15.54 -4.47
CA ASN A 113 8.34 -16.17 -3.31
C ASN A 113 8.08 -15.29 -2.08
N GLU A 114 8.45 -15.80 -0.92
CA GLU A 114 8.30 -15.01 0.30
C GLU A 114 9.27 -13.85 0.30
N TYR A 115 8.75 -12.64 0.50
CA TYR A 115 9.56 -11.44 0.45
C TYR A 115 10.58 -11.44 1.57
N ALA A 116 11.79 -11.91 1.29
CA ALA A 116 12.87 -11.99 2.29
C ALA A 116 14.20 -11.65 1.64
N PRO A 117 14.41 -10.37 1.27
CA PRO A 117 15.77 -9.92 0.96
C PRO A 117 16.63 -9.90 2.22
N LEU A 118 17.92 -9.55 2.07
CA LEU A 118 18.84 -9.64 3.19
C LEU A 118 18.35 -8.83 4.39
N LYS A 119 17.99 -7.57 4.16
CA LYS A 119 17.48 -6.69 5.20
C LYS A 119 15.99 -6.48 4.96
N SER A 120 15.17 -7.16 5.75
CA SER A 120 13.72 -7.07 5.65
C SER A 120 13.10 -7.79 6.84
N LEU A 121 11.84 -7.45 7.12
CA LEU A 121 11.13 -8.12 8.19
C LEU A 121 10.79 -9.55 7.77
N ASN A 122 10.45 -10.36 8.77
CA ASN A 122 10.17 -11.76 8.51
C ASN A 122 8.93 -11.89 7.62
N PRO A 123 9.01 -12.64 6.52
CA PRO A 123 7.84 -12.75 5.63
C PRO A 123 6.65 -13.45 6.26
N ARG A 124 6.81 -14.08 7.41
CA ARG A 124 5.70 -14.65 8.19
C ARG A 124 5.79 -14.05 9.58
N TYR A 125 5.20 -12.87 9.76
CA TYR A 125 5.33 -12.09 10.98
C TYR A 125 4.12 -12.33 11.87
N TYR A 126 4.38 -12.65 13.14
CA TYR A 126 3.34 -12.89 14.13
C TYR A 126 3.45 -11.88 15.26
N TYR A 127 2.30 -11.47 15.79
CA TYR A 127 2.24 -10.44 16.83
C TYR A 127 1.06 -10.75 17.74
N TRP A 128 1.29 -10.72 19.05
CA TRP A 128 0.27 -11.04 20.03
C TRP A 128 -0.20 -9.78 20.73
N PRO A 129 -1.38 -9.26 20.41
CA PRO A 129 -1.83 -8.00 21.02
C PRO A 129 -2.57 -8.19 22.33
N GLY A 130 -3.15 -9.38 22.54
CA GLY A 130 -3.95 -9.63 23.71
C GLY A 130 -3.29 -10.58 24.69
N PRO A 131 -3.94 -10.81 25.83
CA PRO A 131 -3.38 -11.73 26.83
C PRO A 131 -3.46 -13.19 26.42
N GLY A 132 -4.32 -13.53 25.47
CA GLY A 132 -4.48 -14.90 25.02
C GLY A 132 -3.50 -15.27 23.93
N ALA A 133 -3.79 -16.38 23.25
CA ALA A 133 -2.90 -16.92 22.24
C ALA A 133 -3.25 -16.48 20.82
N GLU A 134 -4.39 -15.84 20.62
CA GLU A 134 -4.72 -15.33 19.29
C GLU A 134 -3.71 -14.27 18.86
N PHE A 135 -3.38 -14.26 17.58
CA PHE A 135 -2.31 -13.43 17.06
C PHE A 135 -2.77 -12.71 15.80
N SER A 136 -2.08 -11.62 15.50
CA SER A 136 -2.18 -10.94 14.22
C SER A 136 -1.06 -11.42 13.32
N ALA A 137 -1.34 -11.49 12.02
CA ALA A 137 -0.42 -12.07 11.05
C ALA A 137 -0.18 -11.10 9.90
N GLU A 138 1.07 -11.04 9.45
CA GLU A 138 1.46 -10.23 8.30
C GLU A 138 2.34 -11.10 7.41
N PHE A 139 1.82 -11.51 6.27
CA PHE A 139 2.54 -12.37 5.32
C PHE A 139 2.89 -11.57 4.07
N SER A 140 4.17 -11.60 3.70
CA SER A 140 4.69 -10.77 2.61
C SER A 140 5.23 -11.65 1.50
N PHE A 141 4.90 -11.29 0.26
CA PHE A 141 5.37 -11.98 -0.93
C PHE A 141 5.98 -10.98 -1.89
N SER A 142 6.96 -11.44 -2.67
CA SER A 142 7.65 -10.55 -3.60
C SER A 142 6.75 -10.18 -4.77
N ALA A 143 7.04 -9.02 -5.36
CA ALA A 143 6.31 -8.55 -6.53
C ALA A 143 7.27 -7.75 -7.41
N THR A 144 6.91 -7.65 -8.69
CA THR A 144 7.72 -6.89 -9.64
C THR A 144 6.99 -5.61 -10.03
N PRO A 145 7.72 -4.56 -10.43
CA PRO A 145 7.04 -3.29 -10.74
C PRO A 145 6.08 -3.38 -11.90
N ASP A 146 6.27 -4.33 -12.82
CA ASP A 146 5.46 -4.45 -14.02
C ASP A 146 4.22 -5.30 -13.82
N GLU A 147 4.01 -5.85 -12.62
CA GLU A 147 2.95 -6.83 -12.41
C GLU A 147 1.57 -6.14 -12.44
N GLN A 148 0.56 -6.94 -12.75
CA GLN A 148 -0.82 -6.47 -12.81
C GLN A 148 -1.70 -7.38 -11.97
N ILE A 149 -2.58 -6.76 -11.19
CA ILE A 149 -3.44 -7.48 -10.25
C ILE A 149 -4.89 -7.25 -10.65
N TYR A 150 -5.63 -8.34 -10.87
CA TYR A 150 -7.03 -8.29 -11.24
C TYR A 150 -7.87 -8.99 -10.18
N GLY A 151 -9.02 -8.40 -9.86
CA GLY A 151 -9.92 -8.99 -8.89
C GLY A 151 -10.04 -8.19 -7.62
N THR A 152 -9.76 -8.84 -6.48
CA THR A 152 -9.79 -8.24 -5.15
C THR A 152 -11.18 -7.78 -4.72
N GLY A 153 -12.23 -8.27 -5.37
CA GLY A 153 -13.58 -7.87 -5.03
C GLY A 153 -14.05 -6.67 -5.82
N THR A 154 -15.03 -5.97 -5.24
CA THR A 154 -15.66 -4.82 -5.88
C THR A 154 -15.30 -3.54 -5.15
N GLN A 155 -15.27 -2.44 -5.90
CA GLN A 155 -14.86 -1.13 -5.41
C GLN A 155 -15.09 -0.12 -6.53
N GLN A 156 -15.45 1.10 -6.16
CA GLN A 156 -15.65 2.18 -7.13
C GLN A 156 -14.36 2.97 -7.27
N ASP A 157 -13.40 2.37 -7.99
CA ASP A 157 -12.10 3.00 -8.22
C ASP A 157 -11.81 3.28 -9.69
N HIS A 158 -12.66 2.80 -10.61
CA HIS A 158 -12.48 3.03 -12.05
C HIS A 158 -11.20 2.38 -12.56
N MET A 159 -10.80 1.26 -11.96
CA MET A 159 -9.59 0.55 -12.34
C MET A 159 -9.86 -0.95 -12.39
N ILE A 160 -9.23 -1.61 -13.36
CA ILE A 160 -9.17 -3.07 -13.37
C ILE A 160 -7.78 -3.60 -13.00
N ASN A 161 -6.74 -2.77 -13.10
CA ASN A 161 -5.42 -3.11 -12.60
C ASN A 161 -5.27 -2.52 -11.21
N LYS A 162 -5.27 -3.39 -10.20
CA LYS A 162 -5.22 -2.96 -8.81
C LYS A 162 -3.80 -2.79 -8.28
N LYS A 163 -2.79 -2.91 -9.14
CA LYS A 163 -1.41 -2.73 -8.70
C LYS A 163 -1.20 -1.33 -8.16
N GLY A 164 -0.43 -1.24 -7.07
CA GLY A 164 -0.19 0.04 -6.43
C GLY A 164 -1.28 0.50 -5.49
N SER A 165 -2.27 -0.34 -5.21
CA SER A 165 -3.38 0.01 -4.34
C SER A 165 -3.33 -0.79 -3.05
N VAL A 166 -3.81 -0.18 -1.97
CA VAL A 166 -4.04 -0.86 -0.70
C VAL A 166 -5.54 -1.01 -0.52
N ILE A 167 -5.98 -2.24 -0.26
CA ILE A 167 -7.40 -2.56 -0.13
C ILE A 167 -7.63 -3.03 1.30
N ASP A 168 -8.32 -2.22 2.10
CA ASP A 168 -8.70 -2.62 3.44
C ASP A 168 -9.80 -3.66 3.39
N MET A 169 -9.70 -4.68 4.23
CA MET A 169 -10.69 -5.75 4.26
C MET A 169 -11.73 -5.46 5.34
N VAL A 170 -12.51 -4.41 5.11
CA VAL A 170 -13.63 -4.04 5.97
C VAL A 170 -14.79 -3.66 5.06
N ASN A 171 -15.94 -4.31 5.26
CA ASN A 171 -17.06 -4.17 4.35
C ASN A 171 -17.89 -2.92 4.65
N PHE A 172 -18.34 -2.27 3.60
CA PHE A 172 -19.35 -1.23 3.69
C PHE A 172 -20.00 -1.06 2.32
N ASN A 173 -20.99 -0.16 2.25
CA ASN A 173 -21.81 0.02 1.05
C ASN A 173 -20.97 0.20 -0.19
N SER A 174 -21.15 -0.72 -1.16
CA SER A 174 -20.52 -0.75 -2.48
C SER A 174 -19.07 -1.21 -2.44
N TYR A 175 -18.58 -1.70 -1.32
CA TYR A 175 -17.17 -2.04 -1.14
C TYR A 175 -17.10 -3.45 -0.54
N ILE A 176 -16.78 -4.44 -1.37
CA ILE A 176 -16.70 -5.83 -0.93
C ILE A 176 -15.28 -6.34 -1.14
N PRO A 177 -14.34 -6.02 -0.26
CA PRO A 177 -12.96 -6.49 -0.44
C PRO A 177 -12.87 -8.00 -0.24
N THR A 178 -12.34 -8.68 -1.25
CA THR A 178 -12.20 -10.13 -1.21
C THR A 178 -10.82 -10.53 -1.72
N PRO A 179 -10.00 -11.18 -0.88
CA PRO A 179 -8.61 -11.47 -1.27
C PRO A 179 -8.49 -12.66 -2.22
N VAL A 180 -9.06 -12.50 -3.42
CA VAL A 180 -8.91 -13.46 -4.51
C VAL A 180 -8.53 -12.65 -5.74
N PHE A 181 -7.31 -12.85 -6.24
CA PHE A 181 -6.83 -12.06 -7.37
C PHE A 181 -6.07 -12.94 -8.35
N MET A 182 -6.05 -12.48 -9.60
CA MET A 182 -5.22 -13.07 -10.65
C MET A 182 -4.09 -12.10 -10.99
N SER A 183 -2.92 -12.66 -11.31
CA SER A 183 -1.78 -11.88 -11.77
C SER A 183 -1.51 -12.22 -13.23
N ASN A 184 -1.02 -11.23 -13.97
CA ASN A 184 -0.67 -11.47 -15.37
C ASN A 184 0.58 -12.33 -15.52
N LYS A 185 1.30 -12.62 -14.44
CA LYS A 185 2.40 -13.57 -14.51
C LYS A 185 1.92 -15.01 -14.69
N GLY A 186 0.62 -15.26 -14.57
CA GLY A 186 0.08 -16.59 -14.78
C GLY A 186 -0.14 -17.34 -13.49
N TYR A 187 -0.72 -16.68 -12.49
CA TYR A 187 -1.08 -17.39 -11.27
C TYR A 187 -2.20 -16.63 -10.57
N ALA A 188 -2.96 -17.37 -9.77
CA ALA A 188 -4.01 -16.81 -8.92
C ALA A 188 -3.70 -17.14 -7.47
N PHE A 189 -4.29 -16.36 -6.57
CA PHE A 189 -3.96 -16.42 -5.15
C PHE A 189 -5.23 -16.21 -4.33
N ILE A 190 -5.43 -17.05 -3.31
CA ILE A 190 -6.58 -16.97 -2.43
C ILE A 190 -6.09 -16.88 -1.00
N TRP A 191 -6.41 -15.77 -0.32
CA TRP A 191 -6.12 -15.59 1.11
C TRP A 191 -7.33 -16.11 1.86
N ASN A 192 -7.30 -17.40 2.20
CA ASN A 192 -8.45 -18.10 2.79
C ASN A 192 -8.54 -17.77 4.28
N MET A 193 -8.98 -16.54 4.55
CA MET A 193 -9.05 -16.01 5.91
C MET A 193 -10.31 -15.20 6.10
N PRO A 194 -11.08 -15.44 7.16
CA PRO A 194 -12.27 -14.62 7.44
C PRO A 194 -11.99 -13.37 8.26
N ALA A 195 -10.75 -13.12 8.66
CA ALA A 195 -10.43 -11.98 9.50
C ALA A 195 -10.33 -10.70 8.68
N GLU A 196 -10.71 -9.59 9.30
CA GLU A 196 -10.47 -8.29 8.70
C GLU A 196 -8.96 -8.02 8.63
N GLY A 197 -8.57 -7.18 7.68
CA GLY A 197 -7.17 -6.90 7.52
C GLY A 197 -6.84 -5.91 6.42
N ARG A 198 -5.93 -6.30 5.53
CA ARG A 198 -5.32 -5.35 4.62
C ARG A 198 -4.75 -6.10 3.43
N MET A 199 -4.91 -5.51 2.24
CA MET A 199 -4.29 -6.00 1.02
C MET A 199 -3.34 -4.93 0.51
N GLU A 200 -2.04 -5.25 0.46
CA GLU A 200 -1.03 -4.33 -0.04
C GLU A 200 -0.48 -4.87 -1.35
N PHE A 201 -0.82 -4.23 -2.46
CA PHE A 201 -0.27 -4.58 -3.76
C PHE A 201 0.79 -3.56 -4.16
N GLY A 202 1.90 -3.60 -3.43
CA GLY A 202 2.96 -2.64 -3.62
C GLY A 202 3.83 -2.94 -4.82
N THR A 203 4.74 -2.01 -5.10
CA THR A 203 5.62 -2.15 -6.25
C THR A 203 6.47 -3.40 -6.16
N LEU A 204 7.04 -3.66 -4.98
CA LEU A 204 7.97 -4.77 -4.82
C LEU A 204 7.52 -5.81 -3.81
N ARG A 205 6.36 -5.64 -3.18
CA ARG A 205 5.93 -6.58 -2.15
C ARG A 205 4.41 -6.66 -2.13
N THR A 206 3.88 -7.88 -2.09
CA THR A 206 2.48 -8.14 -1.85
C THR A 206 2.31 -8.63 -0.42
N ARG A 207 1.45 -7.97 0.35
CA ARG A 207 1.30 -8.26 1.77
C ARG A 207 -0.17 -8.41 2.13
N PHE A 208 -0.49 -9.49 2.83
CA PHE A 208 -1.81 -9.72 3.41
C PHE A 208 -1.69 -9.76 4.93
N THR A 209 -2.67 -9.20 5.62
CA THR A 209 -2.67 -9.17 7.07
C THR A 209 -3.98 -9.71 7.62
N ALA A 210 -3.93 -10.22 8.85
CA ALA A 210 -5.10 -10.70 9.56
C ALA A 210 -5.10 -10.09 10.95
N ALA A 211 -6.19 -9.42 11.31
CA ALA A 211 -6.24 -8.71 12.59
C ALA A 211 -6.15 -9.67 13.77
N SER A 212 -6.88 -10.78 13.72
CA SER A 212 -6.86 -11.76 14.78
C SER A 212 -7.21 -13.12 14.19
N THR A 213 -6.36 -14.10 14.44
CA THR A 213 -6.57 -15.44 13.89
C THR A 213 -5.76 -16.43 14.70
N THR A 214 -6.06 -17.72 14.48
CA THR A 214 -5.29 -18.81 15.05
C THR A 214 -4.56 -19.63 14.00
N LEU A 215 -4.66 -19.25 12.72
CA LEU A 215 -4.11 -20.03 11.63
C LEU A 215 -4.12 -19.22 10.33
N VAL A 216 -2.98 -19.21 9.62
CA VAL A 216 -2.87 -18.56 8.32
C VAL A 216 -3.05 -19.63 7.25
N ASP A 217 -3.76 -19.29 6.18
CA ASP A 217 -4.14 -20.26 5.16
C ASP A 217 -4.28 -19.56 3.82
N TYR A 218 -3.50 -19.99 2.82
CA TYR A 218 -3.64 -19.46 1.48
C TYR A 218 -3.37 -20.56 0.46
N VAL A 219 -3.85 -20.31 -0.77
CA VAL A 219 -3.71 -21.24 -1.88
C VAL A 219 -3.20 -20.47 -3.09
N ILE A 220 -2.22 -21.04 -3.79
CA ILE A 220 -1.67 -20.46 -5.01
C ILE A 220 -1.80 -21.47 -6.13
N VAL A 221 -2.29 -21.03 -7.29
N VAL A 221 -2.29 -21.03 -7.29
CA VAL A 221 -2.50 -21.88 -8.44
CA VAL A 221 -2.51 -21.88 -8.44
C VAL A 221 -1.90 -21.20 -9.66
C VAL A 221 -1.91 -21.21 -9.67
N ALA A 222 -1.21 -21.97 -10.49
CA ALA A 222 -0.51 -21.46 -11.66
C ALA A 222 -1.22 -21.84 -12.95
N ALA A 223 -1.07 -20.98 -13.96
CA ALA A 223 -1.58 -21.25 -15.30
C ALA A 223 -0.64 -20.61 -16.31
N GLN A 224 -0.68 -21.14 -17.53
CA GLN A 224 0.18 -20.61 -18.59
C GLN A 224 -0.23 -19.17 -18.92
N PRO A 225 0.72 -18.31 -19.26
CA PRO A 225 0.41 -16.87 -19.39
C PRO A 225 -0.60 -16.61 -20.49
N GLY A 226 -1.40 -15.56 -20.29
CA GLY A 226 -2.50 -15.24 -21.19
C GLY A 226 -3.72 -16.11 -21.03
N ASP A 227 -3.62 -17.22 -20.29
CA ASP A 227 -4.70 -18.19 -20.19
C ASP A 227 -5.47 -17.97 -18.89
N TYR A 228 -6.27 -16.90 -18.89
CA TYR A 228 -7.04 -16.53 -17.70
C TYR A 228 -8.28 -17.39 -17.50
N ASP A 229 -8.80 -17.99 -18.57
CA ASP A 229 -9.96 -18.87 -18.43
C ASP A 229 -9.63 -20.08 -17.57
N THR A 230 -8.38 -20.54 -17.63
CA THR A 230 -7.97 -21.65 -16.77
C THR A 230 -7.85 -21.21 -15.32
N LEU A 231 -7.30 -20.03 -15.08
CA LEU A 231 -7.22 -19.49 -13.72
C LEU A 231 -8.60 -19.45 -13.08
N GLN A 232 -9.59 -18.93 -13.81
CA GLN A 232 -10.95 -18.91 -13.28
C GLN A 232 -11.52 -20.31 -13.14
N GLN A 233 -11.09 -21.25 -13.99
CA GLN A 233 -11.52 -22.64 -13.82
C GLN A 233 -10.97 -23.22 -12.52
N ARG A 234 -9.74 -22.85 -12.16
CA ARG A 234 -9.14 -23.34 -10.93
C ARG A 234 -9.72 -22.65 -9.69
N ILE A 235 -9.95 -21.34 -9.78
CA ILE A 235 -10.51 -20.60 -8.65
C ILE A 235 -11.90 -21.13 -8.30
N SER A 236 -12.74 -21.34 -9.32
CA SER A 236 -14.08 -21.86 -9.09
C SER A 236 -14.05 -23.28 -8.56
N ALA A 237 -13.09 -24.09 -8.99
CA ALA A 237 -12.94 -25.43 -8.44
C ALA A 237 -12.51 -25.40 -6.98
N LEU A 238 -11.86 -24.32 -6.55
CA LEU A 238 -11.42 -24.20 -5.17
C LEU A 238 -12.50 -23.60 -4.28
N THR A 239 -13.23 -22.61 -4.76
CA THR A 239 -14.13 -21.83 -3.91
C THR A 239 -15.61 -22.01 -4.24
N GLY A 240 -15.94 -22.60 -5.39
CA GLY A 240 -17.33 -22.84 -5.70
C GLY A 240 -17.72 -22.63 -7.15
N ARG A 241 -18.47 -23.58 -7.70
CA ARG A 241 -19.03 -23.51 -9.04
C ARG A 241 -20.47 -23.02 -8.95
N ALA A 242 -20.77 -21.94 -9.67
CA ALA A 242 -22.08 -21.34 -9.57
C ALA A 242 -23.17 -22.29 -10.07
N PRO A 243 -24.38 -22.19 -9.55
CA PRO A 243 -25.49 -23.00 -10.05
C PRO A 243 -26.07 -22.38 -11.31
N ALA A 244 -27.06 -23.09 -11.88
CA ALA A 244 -27.67 -22.44 -13.02
C ALA A 244 -28.85 -21.59 -12.56
N PRO A 245 -28.99 -20.37 -13.08
CA PRO A 245 -30.04 -19.48 -12.58
C PRO A 245 -31.40 -19.91 -13.12
N PRO A 246 -32.47 -19.58 -12.39
CA PRO A 246 -33.82 -19.83 -12.94
C PRO A 246 -34.07 -18.95 -14.15
N ASP A 247 -34.79 -19.49 -15.12
CA ASP A 247 -34.94 -18.81 -16.40
C ASP A 247 -35.63 -17.46 -16.25
N PHE A 248 -36.56 -17.33 -15.30
CA PHE A 248 -37.29 -16.07 -15.17
C PHE A 248 -36.38 -14.93 -14.74
N SER A 249 -35.32 -15.22 -13.98
CA SER A 249 -34.43 -14.18 -13.50
C SER A 249 -33.62 -13.51 -14.60
N LEU A 250 -33.60 -14.09 -15.81
CA LEU A 250 -32.85 -13.51 -16.92
C LEU A 250 -33.62 -12.43 -17.67
N GLY A 251 -34.83 -12.12 -17.23
CA GLY A 251 -35.67 -11.14 -17.90
C GLY A 251 -35.50 -9.74 -17.36
N TYR A 252 -36.59 -8.98 -17.40
CA TYR A 252 -36.59 -7.59 -16.94
C TYR A 252 -37.06 -7.54 -15.49
N ILE A 253 -36.24 -6.91 -14.64
CA ILE A 253 -36.50 -6.83 -13.21
C ILE A 253 -36.87 -5.39 -12.88
N GLN A 254 -38.13 -5.19 -12.47
CA GLN A 254 -38.64 -3.87 -12.12
C GLN A 254 -38.50 -3.64 -10.62
N SER A 255 -37.94 -2.49 -10.25
CA SER A 255 -37.77 -2.15 -8.85
C SER A 255 -37.61 -0.65 -8.72
N LYS A 256 -37.84 -0.15 -7.50
CA LYS A 256 -37.61 1.25 -7.17
C LYS A 256 -37.72 1.39 -5.66
N LEU A 257 -37.43 2.60 -5.17
CA LEU A 257 -37.61 2.96 -3.78
C LEU A 257 -38.74 3.99 -3.74
N ARG A 258 -39.96 3.56 -3.39
CA ARG A 258 -40.29 2.16 -3.14
C ARG A 258 -41.79 1.96 -3.37
N TYR A 259 -42.21 0.73 -3.66
CA TYR A 259 -43.63 0.43 -3.74
C TYR A 259 -44.17 0.22 -2.33
N GLU A 260 -45.09 1.07 -1.91
CA GLU A 260 -45.35 1.29 -0.49
C GLU A 260 -46.48 0.44 0.07
N ASN A 261 -47.52 0.13 -0.71
CA ASN A 261 -48.62 -0.68 -0.22
C ASN A 261 -48.99 -1.72 -1.27
N GLN A 262 -49.92 -2.60 -0.91
CA GLN A 262 -50.29 -3.72 -1.77
C GLN A 262 -50.98 -3.25 -3.05
N THR A 263 -51.85 -2.25 -2.94
CA THR A 263 -52.61 -1.81 -4.11
C THR A 263 -51.70 -1.13 -5.14
N GLU A 264 -50.64 -0.47 -4.70
CA GLU A 264 -49.69 0.11 -5.65
C GLU A 264 -48.98 -0.99 -6.43
N VAL A 265 -48.65 -2.10 -5.78
CA VAL A 265 -48.01 -3.22 -6.48
C VAL A 265 -48.99 -3.86 -7.45
N GLU A 266 -50.26 -3.98 -7.06
CA GLU A 266 -51.24 -4.60 -7.96
C GLU A 266 -51.53 -3.72 -9.17
N LEU A 267 -51.53 -2.39 -9.00
CA LEU A 267 -51.72 -1.51 -10.15
C LEU A 267 -50.50 -1.51 -11.05
N LEU A 268 -49.32 -1.75 -10.49
CA LEU A 268 -48.11 -1.85 -11.32
C LEU A 268 -48.19 -3.05 -12.25
N ALA A 269 -48.61 -4.21 -11.73
CA ALA A 269 -48.79 -5.38 -12.58
C ALA A 269 -49.89 -5.16 -13.60
N GLN A 270 -50.95 -4.43 -13.22
CA GLN A 270 -52.00 -4.10 -14.17
C GLN A 270 -51.49 -3.21 -15.29
N ASN A 271 -50.54 -2.32 -14.99
CA ASN A 271 -50.00 -1.44 -16.02
C ASN A 271 -49.17 -2.22 -17.03
N PHE A 272 -48.28 -3.11 -16.55
CA PHE A 272 -47.51 -3.95 -17.46
C PHE A 272 -48.42 -4.81 -18.32
N HIS A 273 -49.51 -5.31 -17.73
CA HIS A 273 -50.42 -6.17 -18.47
C HIS A 273 -51.20 -5.39 -19.52
N ASP A 274 -51.76 -4.25 -19.14
CA ASP A 274 -52.57 -3.47 -20.07
C ASP A 274 -51.73 -2.93 -21.22
N ARG A 275 -50.49 -2.52 -20.93
CA ARG A 275 -49.60 -2.01 -21.97
C ARG A 275 -48.86 -3.11 -22.72
N ASN A 276 -49.04 -4.37 -22.33
CA ASN A 276 -48.39 -5.50 -22.99
C ASN A 276 -46.87 -5.38 -22.98
N ILE A 277 -46.32 -4.92 -21.85
CA ILE A 277 -44.88 -4.79 -21.67
C ILE A 277 -44.42 -5.93 -20.76
N PRO A 278 -43.46 -6.75 -21.19
CA PRO A 278 -43.06 -7.90 -20.36
C PRO A 278 -42.23 -7.48 -19.16
N VAL A 279 -42.45 -8.17 -18.04
CA VAL A 279 -41.68 -8.01 -16.83
C VAL A 279 -41.58 -9.36 -16.14
N SER A 280 -40.39 -9.68 -15.62
CA SER A 280 -40.14 -10.99 -15.05
C SER A 280 -40.14 -11.03 -13.52
N MET A 281 -39.87 -9.91 -12.86
CA MET A 281 -39.83 -9.91 -11.40
C MET A 281 -40.15 -8.51 -10.89
N ILE A 282 -40.99 -8.45 -9.85
CA ILE A 282 -41.37 -7.22 -9.19
C ILE A 282 -40.76 -7.22 -7.80
N VAL A 283 -40.10 -6.13 -7.42
CA VAL A 283 -39.35 -6.06 -6.18
C VAL A 283 -40.00 -5.06 -5.23
N ILE A 284 -40.16 -5.47 -3.97
CA ILE A 284 -40.65 -4.60 -2.89
C ILE A 284 -39.47 -4.24 -2.00
N ASP A 285 -39.26 -2.94 -1.80
CA ASP A 285 -38.07 -2.46 -1.10
C ASP A 285 -38.29 -2.51 0.41
N TYR A 286 -37.43 -1.82 1.15
CA TYR A 286 -37.41 -1.87 2.61
C TYR A 286 -38.50 -0.97 3.20
N GLN A 287 -38.49 -0.80 4.52
CA GLN A 287 -39.45 0.00 5.27
C GLN A 287 -40.89 -0.47 5.07
N SER A 288 -41.07 -1.68 4.57
CA SER A 288 -42.40 -2.27 4.36
C SER A 288 -42.85 -3.12 5.54
N TRP A 289 -42.12 -3.07 6.66
CA TRP A 289 -42.42 -3.85 7.84
C TRP A 289 -42.94 -2.93 8.95
N ALA A 290 -43.50 -3.55 9.99
CA ALA A 290 -43.97 -2.78 11.13
C ALA A 290 -42.81 -2.40 12.05
N HIS A 291 -41.90 -3.33 12.31
CA HIS A 291 -40.75 -3.08 13.17
C HIS A 291 -39.51 -3.77 12.60
N GLN A 292 -38.34 -3.21 12.93
CA GLN A 292 -37.08 -3.82 12.53
C GLN A 292 -36.89 -5.13 13.28
N GLY A 293 -36.89 -6.24 12.54
CA GLY A 293 -36.80 -7.56 13.13
C GLY A 293 -38.06 -8.37 13.04
N ASP A 294 -39.18 -7.75 12.64
CA ASP A 294 -40.43 -8.49 12.46
C ASP A 294 -40.32 -9.46 11.28
N TRP A 295 -39.62 -9.06 10.22
CA TRP A 295 -39.41 -9.90 9.04
C TRP A 295 -40.74 -10.38 8.47
N ALA A 296 -41.59 -9.41 8.17
CA ALA A 296 -42.92 -9.61 7.61
C ALA A 296 -43.45 -8.26 7.14
N LEU A 297 -44.26 -8.30 6.09
CA LEU A 297 -44.86 -7.07 5.58
C LEU A 297 -45.88 -6.53 6.58
N ASP A 298 -45.87 -5.23 6.77
CA ASP A 298 -46.82 -4.57 7.66
C ASP A 298 -48.24 -4.83 7.15
N PRO A 299 -49.08 -5.52 7.92
CA PRO A 299 -50.44 -5.82 7.44
C PRO A 299 -51.29 -4.57 7.21
N ARG A 300 -50.96 -3.46 7.86
CA ARG A 300 -51.72 -2.23 7.64
C ARG A 300 -51.59 -1.71 6.22
N LEU A 301 -50.54 -2.12 5.50
CA LEU A 301 -50.35 -1.73 4.11
C LEU A 301 -50.24 -2.91 3.16
N TRP A 302 -50.12 -4.14 3.67
CA TRP A 302 -50.08 -5.34 2.84
C TRP A 302 -51.04 -6.37 3.44
N PRO A 303 -52.35 -6.11 3.33
CA PRO A 303 -53.32 -6.92 4.09
C PRO A 303 -53.39 -8.37 3.67
N ASN A 304 -53.28 -8.67 2.38
CA ASN A 304 -53.38 -10.03 1.86
C ASN A 304 -52.27 -10.22 0.83
N VAL A 305 -51.12 -10.73 1.29
CA VAL A 305 -49.96 -10.80 0.40
C VAL A 305 -49.99 -12.03 -0.48
N ALA A 306 -50.69 -13.09 -0.07
CA ALA A 306 -50.86 -14.24 -0.95
C ALA A 306 -51.72 -13.87 -2.15
N GLN A 307 -52.73 -13.02 -1.94
CA GLN A 307 -53.53 -12.53 -3.06
C GLN A 307 -52.76 -11.57 -3.94
N MET A 308 -51.87 -10.76 -3.35
CA MET A 308 -51.09 -9.82 -4.14
C MET A 308 -50.15 -10.56 -5.08
N SER A 309 -49.42 -11.55 -4.56
CA SER A 309 -48.48 -12.29 -5.39
C SER A 309 -49.21 -13.08 -6.47
N ALA A 310 -50.38 -13.63 -6.15
CA ALA A 310 -51.14 -14.39 -7.14
C ALA A 310 -51.69 -13.47 -8.22
N ARG A 311 -52.13 -12.27 -7.84
CA ARG A 311 -52.63 -11.32 -8.82
C ARG A 311 -51.50 -10.83 -9.72
N VAL A 312 -50.32 -10.61 -9.16
CA VAL A 312 -49.17 -10.20 -9.97
C VAL A 312 -48.81 -11.27 -10.97
N LYS A 313 -48.84 -12.55 -10.55
CA LYS A 313 -48.51 -13.62 -11.48
C LYS A 313 -49.62 -13.84 -12.50
N ASN A 314 -50.86 -13.48 -12.16
CA ASN A 314 -51.97 -13.66 -13.09
C ASN A 314 -51.95 -12.62 -14.21
N LEU A 315 -51.48 -11.40 -13.92
CA LEU A 315 -51.46 -10.33 -14.90
C LEU A 315 -50.18 -10.34 -15.74
N THR A 316 -49.03 -10.62 -15.13
CA THR A 316 -47.75 -10.53 -15.81
C THR A 316 -46.94 -11.82 -15.79
N GLY A 317 -47.32 -12.81 -14.98
CA GLY A 317 -46.50 -13.99 -14.80
C GLY A 317 -45.21 -13.77 -14.04
N ALA A 318 -44.96 -12.55 -13.56
CA ALA A 318 -43.71 -12.23 -12.89
C ALA A 318 -43.69 -12.80 -11.48
N GLU A 319 -42.50 -13.17 -11.04
CA GLU A 319 -42.29 -13.52 -9.65
C GLU A 319 -42.08 -12.26 -8.83
N MET A 320 -41.98 -12.43 -7.51
CA MET A 320 -41.86 -11.29 -6.60
C MET A 320 -40.65 -11.46 -5.70
N MET A 321 -40.11 -10.32 -5.28
CA MET A 321 -38.98 -10.26 -4.36
C MET A 321 -39.26 -9.21 -3.30
N ALA A 322 -38.88 -9.51 -2.06
CA ALA A 322 -39.10 -8.60 -0.94
C ALA A 322 -37.78 -8.37 -0.20
N SER A 323 -37.72 -7.23 0.49
CA SER A 323 -36.51 -6.78 1.15
C SER A 323 -36.54 -7.09 2.64
N LEU A 324 -35.36 -7.38 3.19
CA LEU A 324 -35.21 -7.56 4.63
C LEU A 324 -33.85 -7.04 5.06
N TRP A 325 -33.80 -6.40 6.22
CA TRP A 325 -32.58 -5.93 6.82
C TRP A 325 -32.19 -6.81 8.01
N PRO A 326 -30.89 -6.91 8.31
CA PRO A 326 -30.46 -7.74 9.45
C PRO A 326 -30.64 -7.08 10.81
N SER A 327 -31.15 -5.86 10.84
CA SER A 327 -31.26 -5.12 12.09
C SER A 327 -32.50 -5.57 12.87
N VAL A 328 -32.37 -5.56 14.20
CA VAL A 328 -33.47 -5.88 15.10
C VAL A 328 -33.58 -4.79 16.15
N ALA A 329 -34.78 -4.27 16.34
CA ALA A 329 -35.06 -3.25 17.33
C ALA A 329 -35.86 -3.84 18.48
N ASP A 330 -35.96 -3.07 19.58
CA ASP A 330 -36.68 -3.56 20.74
C ASP A 330 -38.17 -3.66 20.51
N ASP A 331 -38.73 -2.82 19.62
CA ASP A 331 -40.15 -2.89 19.36
C ASP A 331 -40.55 -4.11 18.55
N SER A 332 -39.59 -4.89 18.05
CA SER A 332 -39.90 -6.05 17.23
C SER A 332 -40.61 -7.12 18.05
N VAL A 333 -41.53 -7.83 17.40
CA VAL A 333 -42.19 -8.96 18.04
C VAL A 333 -41.24 -10.12 18.28
N ASN A 334 -40.10 -10.15 17.57
CA ASN A 334 -39.11 -11.19 17.75
C ASN A 334 -37.95 -10.78 18.65
N TYR A 335 -37.97 -9.55 19.18
CA TYR A 335 -36.82 -9.05 19.93
C TYR A 335 -36.55 -9.89 21.18
N ALA A 336 -37.60 -10.25 21.92
CA ALA A 336 -37.39 -11.01 23.15
C ALA A 336 -36.83 -12.40 22.85
N ALA A 337 -37.38 -13.07 21.83
CA ALA A 337 -36.90 -14.41 21.50
C ALA A 337 -35.48 -14.37 20.95
N LEU A 338 -35.17 -13.40 20.09
CA LEU A 338 -33.82 -13.27 19.54
C LEU A 338 -32.82 -12.97 20.65
N GLN A 339 -33.22 -12.17 21.64
CA GLN A 339 -32.33 -11.83 22.73
C GLN A 339 -32.10 -13.02 23.65
N ALA A 340 -33.16 -13.78 23.95
CA ALA A 340 -33.06 -14.85 24.94
C ALA A 340 -32.27 -16.03 24.41
N ASN A 341 -32.41 -16.36 23.14
CA ASN A 341 -31.73 -17.50 22.55
C ASN A 341 -30.36 -17.15 22.00
N GLY A 342 -29.87 -15.94 22.26
CA GLY A 342 -28.54 -15.56 21.82
C GLY A 342 -28.37 -15.55 20.31
N LEU A 343 -29.36 -15.02 19.59
CA LEU A 343 -29.32 -14.97 18.14
C LEU A 343 -28.95 -13.59 17.61
N LEU A 344 -28.46 -12.71 18.48
CA LEU A 344 -28.06 -11.36 18.09
C LEU A 344 -26.59 -11.15 18.37
N SER A 345 -25.89 -10.53 17.41
CA SER A 345 -24.56 -10.04 17.68
C SER A 345 -24.65 -8.84 18.63
N ALA A 346 -23.50 -8.47 19.18
CA ALA A 346 -23.49 -7.36 20.13
C ALA A 346 -22.09 -6.78 20.22
N THR A 347 -22.02 -5.45 20.36
CA THR A 347 -20.77 -4.83 20.77
C THR A 347 -20.34 -5.39 22.12
N ARG A 348 -19.04 -5.49 22.33
CA ARG A 348 -18.51 -6.30 23.41
C ARG A 348 -18.58 -5.63 24.78
N ASP A 349 -19.02 -4.37 24.87
CA ASP A 349 -19.33 -3.76 26.14
C ASP A 349 -20.39 -2.68 25.92
N GLY A 350 -21.10 -2.35 27.00
CA GLY A 350 -22.24 -1.47 26.90
C GLY A 350 -23.51 -2.25 26.65
N PRO A 351 -24.57 -1.56 26.23
CA PRO A 351 -25.85 -2.25 26.01
C PRO A 351 -25.78 -3.35 24.96
N GLY A 352 -24.90 -3.23 23.99
CA GLY A 352 -24.77 -4.21 22.93
C GLY A 352 -25.29 -3.77 21.59
N THR A 353 -25.84 -2.56 21.48
CA THR A 353 -26.32 -2.06 20.21
C THR A 353 -25.17 -1.90 19.22
N THR A 354 -25.43 -2.24 17.97
CA THR A 354 -24.41 -2.23 16.93
C THR A 354 -24.51 -1.05 15.98
N ASP A 355 -25.70 -0.47 15.80
CA ASP A 355 -25.88 0.69 14.95
C ASP A 355 -27.24 1.33 15.24
N SER A 356 -27.71 2.18 14.32
CA SER A 356 -29.02 2.80 14.45
C SER A 356 -29.67 2.91 13.08
N TRP A 357 -30.99 3.00 13.09
CA TRP A 357 -31.79 3.19 11.88
C TRP A 357 -33.23 3.42 12.32
N ASN A 358 -33.94 4.25 11.54
CA ASN A 358 -35.36 4.51 11.78
C ASN A 358 -35.58 5.12 13.16
N GLY A 359 -34.64 5.92 13.62
CA GLY A 359 -34.75 6.58 14.90
C GLY A 359 -34.54 5.69 16.11
N SER A 360 -34.10 4.45 15.91
CA SER A 360 -33.89 3.51 16.99
C SER A 360 -32.51 2.87 16.86
N TYR A 361 -31.87 2.61 17.99
CA TYR A 361 -30.62 1.86 17.99
C TYR A 361 -30.92 0.36 17.97
N ILE A 362 -30.15 -0.37 17.17
CA ILE A 362 -30.51 -1.73 16.79
C ILE A 362 -29.34 -2.67 17.04
N ARG A 363 -29.61 -3.96 16.86
CA ARG A 363 -28.61 -5.02 16.91
C ARG A 363 -28.79 -5.91 15.69
N ASN A 364 -27.69 -6.24 15.02
CA ASN A 364 -27.75 -7.15 13.89
C ASN A 364 -27.87 -8.59 14.36
N TYR A 365 -28.71 -9.36 13.68
CA TYR A 365 -28.79 -10.78 13.99
C TYR A 365 -27.48 -11.47 13.59
N ASP A 366 -27.22 -12.61 14.22
CA ASP A 366 -25.94 -13.30 14.05
C ASP A 366 -26.06 -14.32 12.93
N SER A 367 -25.65 -13.93 11.72
CA SER A 367 -25.70 -14.85 10.60
C SER A 367 -24.72 -16.00 10.74
N THR A 368 -23.68 -15.84 11.57
CA THR A 368 -22.75 -16.95 11.83
C THR A 368 -23.32 -17.98 12.78
N ASN A 369 -24.39 -17.64 13.50
CA ASN A 369 -25.05 -18.58 14.39
C ASN A 369 -26.03 -19.43 13.59
N PRO A 370 -25.83 -20.75 13.50
CA PRO A 370 -26.75 -21.58 12.73
C PRO A 370 -28.18 -21.54 13.25
N SER A 371 -28.36 -21.42 14.56
CA SER A 371 -29.71 -21.31 15.11
C SER A 371 -30.37 -20.01 14.68
N ALA A 372 -29.59 -18.93 14.52
CA ALA A 372 -30.17 -17.67 14.08
C ALA A 372 -30.56 -17.72 12.61
N ARG A 373 -29.77 -18.41 11.78
CA ARG A 373 -30.15 -18.60 10.38
C ARG A 373 -31.47 -19.35 10.27
N LYS A 374 -31.70 -20.32 11.16
CA LYS A 374 -32.96 -21.06 11.14
C LYS A 374 -34.11 -20.19 11.61
N PHE A 375 -33.87 -19.36 12.64
CA PHE A 375 -34.91 -18.47 13.13
C PHE A 375 -35.37 -17.51 12.03
N LEU A 376 -34.44 -17.01 11.23
CA LEU A 376 -34.79 -16.01 10.24
C LEU A 376 -35.53 -16.63 9.05
N TRP A 377 -35.15 -17.85 8.66
CA TRP A 377 -35.87 -18.51 7.58
C TRP A 377 -37.28 -18.90 8.02
N SER A 378 -37.45 -19.28 9.28
CA SER A 378 -38.79 -19.59 9.78
C SER A 378 -39.71 -18.38 9.64
N MET A 379 -39.17 -17.17 9.72
CA MET A 379 -39.96 -15.96 9.52
C MET A 379 -40.21 -15.72 8.03
N LEU A 380 -39.17 -15.84 7.21
CA LEU A 380 -39.31 -15.56 5.78
C LEU A 380 -40.20 -16.58 5.09
N LYS A 381 -40.10 -17.85 5.48
CA LYS A 381 -40.95 -18.86 4.85
C LYS A 381 -42.40 -18.71 5.28
N LYS A 382 -42.64 -18.26 6.52
CA LYS A 382 -44.00 -18.10 7.01
C LYS A 382 -44.70 -16.92 6.35
N ASN A 383 -44.00 -15.78 6.22
CA ASN A 383 -44.63 -14.54 5.81
C ASN A 383 -44.38 -14.18 4.35
N TYR A 384 -43.45 -14.86 3.68
CA TYR A 384 -43.15 -14.52 2.29
C TYR A 384 -43.22 -15.75 1.38
N TYR A 385 -42.34 -16.73 1.63
CA TYR A 385 -42.18 -17.85 0.71
C TYR A 385 -43.49 -18.62 0.55
N ASP A 386 -44.17 -18.91 1.66
CA ASP A 386 -45.45 -19.59 1.62
C ASP A 386 -46.60 -18.68 1.20
N LYS A 387 -46.30 -17.46 0.74
CA LYS A 387 -47.33 -16.52 0.35
C LYS A 387 -47.05 -15.91 -1.02
N GLY A 388 -46.20 -16.54 -1.83
CA GLY A 388 -45.97 -16.15 -3.20
C GLY A 388 -44.74 -15.29 -3.43
N ILE A 389 -44.10 -14.81 -2.37
CA ILE A 389 -42.87 -14.03 -2.49
C ILE A 389 -41.73 -14.97 -2.15
N LYS A 390 -41.11 -15.57 -3.18
CA LYS A 390 -40.13 -16.62 -2.99
C LYS A 390 -38.72 -16.19 -3.37
N ASN A 391 -38.51 -14.91 -3.63
CA ASN A 391 -37.18 -14.37 -3.86
C ASN A 391 -36.94 -13.26 -2.84
N PHE A 392 -35.70 -13.14 -2.36
CA PHE A 392 -35.44 -12.29 -1.19
C PHE A 392 -34.30 -11.32 -1.47
N TRP A 393 -34.48 -10.09 -0.99
CA TRP A 393 -33.52 -9.01 -1.16
C TRP A 393 -32.85 -8.78 0.19
N ILE A 394 -31.66 -9.34 0.37
CA ILE A 394 -30.95 -9.26 1.65
C ILE A 394 -30.01 -8.06 1.58
N ASP A 395 -30.54 -6.91 1.97
CA ASP A 395 -29.88 -5.63 1.83
C ASP A 395 -29.21 -5.23 3.13
N GLN A 396 -28.15 -4.43 3.02
CA GLN A 396 -27.52 -3.77 4.16
C GLN A 396 -26.95 -4.78 5.16
N ALA A 397 -26.39 -5.87 4.65
CA ALA A 397 -25.82 -6.92 5.49
C ALA A 397 -24.30 -7.01 5.33
N ASP A 398 -23.63 -5.85 5.30
CA ASP A 398 -22.18 -5.83 5.14
C ASP A 398 -21.46 -6.41 6.34
N GLY A 399 -22.02 -6.25 7.53
CA GLY A 399 -21.42 -6.77 8.74
C GLY A 399 -20.86 -5.67 9.61
N GLY A 400 -20.92 -5.89 10.92
CA GLY A 400 -20.46 -4.90 11.88
C GLY A 400 -21.49 -3.81 12.12
N ALA A 401 -21.32 -2.67 11.45
CA ALA A 401 -22.31 -1.61 11.48
C ALA A 401 -23.47 -2.00 10.55
N LEU A 402 -24.38 -1.06 10.29
CA LEU A 402 -25.55 -1.35 9.47
C LEU A 402 -25.31 -0.84 8.04
N GLY A 403 -24.36 -1.48 7.37
CA GLY A 403 -24.20 -1.34 5.94
C GLY A 403 -23.34 -0.20 5.46
N GLU A 404 -22.93 0.72 6.34
CA GLU A 404 -22.16 1.88 5.93
C GLU A 404 -20.82 1.90 6.65
N ALA A 405 -19.92 2.73 6.14
CA ALA A 405 -18.59 2.92 6.72
C ALA A 405 -18.60 3.91 7.87
N TYR A 406 -19.77 4.35 8.31
CA TYR A 406 -19.92 5.25 9.44
C TYR A 406 -20.97 4.70 10.38
N GLU A 407 -20.85 5.04 11.66
CA GLU A 407 -21.82 4.63 12.65
C GLU A 407 -22.96 5.63 12.73
N ASN A 408 -24.00 5.26 13.49
CA ASN A 408 -25.17 6.12 13.72
C ASN A 408 -25.92 6.38 12.41
N ASN A 409 -26.16 5.31 11.66
CA ASN A 409 -26.87 5.41 10.40
C ASN A 409 -28.27 5.99 10.62
N GLY A 410 -28.78 6.67 9.59
CA GLY A 410 -30.08 7.28 9.66
C GLY A 410 -30.12 8.63 10.35
N GLN A 411 -29.05 9.04 11.02
CA GLN A 411 -29.01 10.33 11.69
C GLN A 411 -28.43 11.38 10.74
N SER A 412 -28.20 12.58 11.25
CA SER A 412 -27.71 13.67 10.40
C SER A 412 -26.33 13.33 9.85
N THR A 413 -26.02 13.94 8.70
CA THR A 413 -24.72 13.72 8.09
C THR A 413 -23.58 14.27 8.95
N TYR A 414 -23.87 15.29 9.76
CA TYR A 414 -22.86 15.77 10.70
C TYR A 414 -22.54 14.72 11.76
N ILE A 415 -23.58 14.12 12.34
CA ILE A 415 -23.37 13.07 13.34
C ILE A 415 -22.71 11.85 12.71
N GLU A 416 -23.16 11.47 11.52
CA GLU A 416 -22.56 10.34 10.82
C GLU A 416 -21.07 10.57 10.53
N SER A 417 -20.68 11.83 10.32
CA SER A 417 -19.30 12.15 10.02
C SER A 417 -18.40 12.17 11.25
N ILE A 418 -18.98 12.19 12.45
CA ILE A 418 -18.17 12.13 13.68
C ILE A 418 -17.47 10.77 13.73
N PRO A 419 -16.15 10.71 13.91
CA PRO A 419 -15.42 9.44 13.75
C PRO A 419 -15.62 8.48 14.93
N PHE A 420 -16.86 8.03 15.11
CA PHE A 420 -17.11 6.93 16.02
C PHE A 420 -16.52 5.64 15.43
N THR A 421 -15.77 4.91 16.24
CA THR A 421 -15.05 3.74 15.74
C THR A 421 -16.03 2.65 15.31
N LEU A 422 -15.71 1.98 14.20
CA LEU A 422 -16.53 0.88 13.74
C LEU A 422 -16.46 -0.27 14.75
N PRO A 423 -17.57 -0.97 14.98
CA PRO A 423 -17.65 -1.87 16.14
C PRO A 423 -16.99 -3.22 15.88
N ASN A 424 -16.16 -3.65 16.83
CA ASN A 424 -15.65 -5.02 16.85
C ASN A 424 -16.61 -5.85 17.69
N VAL A 425 -17.66 -6.33 17.03
CA VAL A 425 -18.79 -6.96 17.71
C VAL A 425 -18.47 -8.42 18.04
N ASN A 426 -19.30 -9.03 18.89
CA ASN A 426 -19.21 -10.44 19.21
C ASN A 426 -20.13 -11.24 18.29
N TYR A 427 -19.57 -12.27 17.65
CA TYR A 427 -20.33 -13.24 16.88
C TYR A 427 -20.20 -14.61 17.54
N ALA A 428 -20.98 -15.56 17.04
CA ALA A 428 -20.85 -16.95 17.50
C ALA A 428 -19.62 -17.62 16.92
N ALA A 429 -19.06 -17.08 15.84
CA ALA A 429 -17.90 -17.66 15.18
C ALA A 429 -16.61 -16.90 15.47
N GLY A 430 -16.69 -15.83 16.25
CA GLY A 430 -15.53 -15.01 16.55
C GLY A 430 -15.96 -13.58 16.75
N THR A 431 -15.01 -12.66 16.60
CA THR A 431 -15.29 -11.25 16.64
C THR A 431 -15.28 -10.67 15.23
N GLN A 432 -15.68 -9.40 15.14
CA GLN A 432 -15.67 -8.71 13.84
C GLN A 432 -14.26 -8.70 13.25
N LEU A 433 -13.24 -8.53 14.10
CA LEU A 433 -11.87 -8.46 13.60
C LEU A 433 -11.34 -9.84 13.18
N SER A 434 -11.88 -10.92 13.77
CA SER A 434 -11.35 -12.25 13.50
C SER A 434 -12.14 -13.05 12.48
N VAL A 435 -13.42 -12.73 12.27
CA VAL A 435 -14.29 -13.56 11.45
C VAL A 435 -15.30 -12.68 10.71
N GLY A 436 -15.13 -11.35 10.80
CA GLY A 436 -16.14 -10.43 10.30
C GLY A 436 -16.45 -10.59 8.83
N LYS A 437 -15.46 -10.93 8.00
CA LYS A 437 -15.69 -11.08 6.58
C LYS A 437 -16.67 -12.20 6.26
N LEU A 438 -16.99 -13.05 7.23
CA LEU A 438 -17.93 -14.15 7.03
C LEU A 438 -19.39 -13.70 7.05
N TYR A 439 -19.68 -12.55 7.67
CA TYR A 439 -21.06 -12.18 7.95
C TYR A 439 -21.94 -12.13 6.70
N PRO A 440 -21.61 -11.38 5.63
CA PRO A 440 -22.48 -11.40 4.46
C PRO A 440 -22.49 -12.73 3.74
N TRP A 441 -21.38 -13.46 3.77
CA TRP A 441 -21.34 -14.79 3.18
C TRP A 441 -22.31 -15.74 3.89
N ALA A 442 -22.33 -15.68 5.22
CA ALA A 442 -23.26 -16.51 5.98
C ALA A 442 -24.70 -16.02 5.87
N HIS A 443 -24.90 -14.74 5.55
CA HIS A 443 -26.25 -14.23 5.32
C HIS A 443 -26.81 -14.77 4.02
N GLN A 444 -26.01 -14.79 2.95
CA GLN A 444 -26.41 -15.49 1.73
C GLN A 444 -26.70 -16.95 2.02
N GLN A 445 -25.85 -17.58 2.82
CA GLN A 445 -26.01 -18.99 3.15
C GLN A 445 -27.34 -19.26 3.85
N ALA A 446 -27.82 -18.30 4.64
CA ALA A 446 -29.08 -18.50 5.36
C ALA A 446 -30.24 -18.74 4.39
N ILE A 447 -30.32 -17.96 3.31
CA ILE A 447 -31.40 -18.15 2.35
C ILE A 447 -31.10 -19.31 1.42
N GLU A 448 -29.82 -19.54 1.10
CA GLU A 448 -29.47 -20.70 0.29
C GLU A 448 -29.92 -21.98 0.97
N GLU A 449 -29.69 -22.10 2.28
CA GLU A 449 -30.15 -23.25 3.03
C GLU A 449 -31.67 -23.34 3.02
N GLY A 450 -32.35 -22.19 3.11
CA GLY A 450 -33.80 -22.19 3.07
C GLY A 450 -34.35 -22.56 1.71
N PHE A 451 -33.77 -21.98 0.64
CA PHE A 451 -34.17 -22.34 -0.71
C PHE A 451 -34.01 -23.84 -0.95
N ARG A 452 -32.82 -24.37 -0.68
CA ARG A 452 -32.54 -25.77 -0.96
C ARG A 452 -33.37 -26.70 -0.08
N ASN A 453 -33.77 -26.23 1.11
CA ASN A 453 -34.57 -27.06 2.00
C ASN A 453 -36.01 -27.17 1.51
N ALA A 454 -36.57 -26.07 1.01
CA ALA A 454 -37.95 -26.08 0.56
C ALA A 454 -38.11 -26.92 -0.71
N THR A 455 -37.14 -26.85 -1.62
CA THR A 455 -37.23 -27.52 -2.90
C THR A 455 -36.65 -28.93 -2.91
N ASP A 456 -36.09 -29.38 -1.78
CA ASP A 456 -35.44 -30.69 -1.69
C ASP A 456 -34.36 -30.83 -2.77
N THR A 457 -33.51 -29.81 -2.87
CA THR A 457 -32.46 -29.79 -3.87
C THR A 457 -31.10 -29.58 -3.23
N LYS A 458 -30.07 -30.11 -3.88
CA LYS A 458 -28.71 -29.93 -3.41
C LYS A 458 -28.14 -28.61 -3.92
N GLU A 459 -27.27 -28.01 -3.11
CA GLU A 459 -26.60 -26.79 -3.51
C GLU A 459 -25.73 -27.06 -4.73
N GLY A 460 -25.71 -26.10 -5.65
CA GLY A 460 -25.01 -26.26 -6.91
C GLY A 460 -25.88 -26.69 -8.07
N SER A 461 -27.03 -27.30 -7.79
CA SER A 461 -27.97 -27.69 -8.84
C SER A 461 -28.76 -26.46 -9.29
N ALA A 462 -29.69 -26.68 -10.21
CA ALA A 462 -30.46 -25.58 -10.79
C ALA A 462 -31.26 -24.86 -9.71
N CYS A 463 -31.25 -23.54 -9.77
CA CYS A 463 -31.98 -22.72 -8.81
C CYS A 463 -33.43 -22.55 -9.27
N ASP A 464 -34.35 -22.56 -8.30
CA ASP A 464 -35.72 -22.14 -8.56
C ASP A 464 -35.95 -20.68 -8.22
N HIS A 465 -35.18 -20.14 -7.28
CA HIS A 465 -35.32 -18.76 -6.85
C HIS A 465 -33.95 -18.18 -6.60
N VAL A 466 -33.88 -16.86 -6.49
CA VAL A 466 -32.62 -16.15 -6.29
C VAL A 466 -32.75 -15.21 -5.10
N SER A 467 -31.60 -14.71 -4.66
CA SER A 467 -31.53 -13.67 -3.65
C SER A 467 -30.66 -12.53 -4.16
N LEU A 468 -30.96 -11.32 -3.71
CA LEU A 468 -30.24 -10.12 -4.12
C LEU A 468 -29.44 -9.62 -2.92
N SER A 469 -28.12 -9.72 -3.01
CA SER A 469 -27.22 -9.36 -1.93
C SER A 469 -26.31 -8.21 -2.35
N ARG A 470 -25.91 -7.40 -1.38
CA ARG A 470 -25.02 -6.27 -1.62
C ARG A 470 -23.59 -6.55 -1.17
N SER A 471 -23.31 -7.75 -0.64
CA SER A 471 -21.99 -8.08 -0.14
C SER A 471 -21.80 -9.59 -0.23
N GLY A 472 -20.58 -10.02 0.09
CA GLY A 472 -20.25 -11.43 0.00
C GLY A 472 -18.79 -11.62 0.34
N TYR A 473 -18.24 -12.76 -0.08
CA TYR A 473 -16.84 -13.02 0.20
C TYR A 473 -16.35 -14.14 -0.72
N ILE A 474 -15.29 -14.84 -0.30
CA ILE A 474 -14.69 -15.88 -1.11
C ILE A 474 -15.71 -16.97 -1.39
N GLY A 475 -15.88 -17.30 -2.67
CA GLY A 475 -16.77 -18.38 -3.04
C GLY A 475 -18.24 -18.06 -2.96
N SER A 476 -18.60 -16.77 -2.90
CA SER A 476 -20.02 -16.40 -2.85
C SER A 476 -20.78 -16.83 -4.08
N GLN A 477 -20.09 -17.15 -5.19
CA GLN A 477 -20.77 -17.56 -6.40
C GLN A 477 -21.46 -18.91 -6.25
N ARG A 478 -21.21 -19.64 -5.16
CA ARG A 478 -21.84 -20.94 -4.96
C ARG A 478 -23.32 -20.85 -4.62
N PHE A 479 -23.83 -19.65 -4.36
CA PHE A 479 -25.21 -19.46 -3.91
C PHE A 479 -26.10 -19.02 -5.07
N CYS A 480 -27.39 -19.32 -4.95
CA CYS A 480 -28.41 -18.73 -5.81
C CYS A 480 -28.55 -17.25 -5.46
N SER A 481 -27.49 -16.47 -5.66
CA SER A 481 -27.44 -15.11 -5.16
C SER A 481 -26.67 -14.23 -6.14
N MET A 482 -27.19 -13.04 -6.39
CA MET A 482 -26.57 -12.07 -7.28
C MET A 482 -26.14 -10.85 -6.50
N ILE A 483 -24.98 -10.30 -6.86
CA ILE A 483 -24.42 -9.13 -6.18
C ILE A 483 -24.73 -7.90 -7.02
N TRP A 484 -25.04 -6.78 -6.37
CA TRP A 484 -25.22 -5.52 -7.06
C TRP A 484 -24.36 -4.46 -6.39
N SER A 485 -23.99 -3.44 -7.18
CA SER A 485 -22.92 -2.53 -6.81
C SER A 485 -23.28 -1.53 -5.71
N GLY A 486 -24.48 -1.62 -5.13
CA GLY A 486 -24.80 -0.77 -4.00
C GLY A 486 -25.26 0.63 -4.39
N ASP A 487 -25.20 1.53 -3.41
CA ASP A 487 -25.73 2.87 -3.54
C ASP A 487 -24.78 3.74 -4.36
N THR A 488 -25.23 4.18 -5.53
CA THR A 488 -24.46 5.02 -6.43
C THR A 488 -25.22 6.31 -6.72
N THR A 489 -24.48 7.34 -7.11
CA THR A 489 -25.08 8.61 -7.47
C THR A 489 -25.51 8.60 -8.93
N SER A 490 -26.62 9.28 -9.22
CA SER A 490 -27.19 9.32 -10.57
C SER A 490 -26.55 10.47 -11.36
N VAL A 491 -25.30 10.25 -11.75
CA VAL A 491 -24.56 11.19 -12.58
C VAL A 491 -23.81 10.39 -13.65
N TRP A 492 -23.24 11.12 -14.62
CA TRP A 492 -22.59 10.48 -15.74
C TRP A 492 -21.32 9.75 -15.32
N ASP A 493 -20.51 10.36 -14.46
CA ASP A 493 -19.25 9.75 -14.04
C ASP A 493 -19.47 8.41 -13.36
N THR A 494 -20.59 8.27 -12.62
CA THR A 494 -20.85 7.02 -11.92
C THR A 494 -21.07 5.87 -12.90
N LEU A 495 -21.77 6.14 -14.00
CA LEU A 495 -22.02 5.08 -14.98
C LEU A 495 -20.72 4.52 -15.55
N ALA A 496 -19.70 5.37 -15.70
CA ALA A 496 -18.43 4.91 -16.24
C ALA A 496 -17.66 4.05 -15.24
N VAL A 497 -17.78 4.34 -13.94
CA VAL A 497 -17.00 3.60 -12.95
C VAL A 497 -17.63 2.24 -12.63
N GLN A 498 -18.94 2.08 -12.84
CA GLN A 498 -19.59 0.81 -12.50
C GLN A 498 -19.05 -0.34 -13.34
N VAL A 499 -18.60 -0.06 -14.56
CA VAL A 499 -18.13 -1.13 -15.45
C VAL A 499 -16.91 -1.81 -14.86
N ALA A 500 -15.93 -1.02 -14.42
CA ALA A 500 -14.70 -1.59 -13.88
C ALA A 500 -14.96 -2.39 -12.61
N SER A 501 -15.97 -2.01 -11.84
CA SER A 501 -16.30 -2.77 -10.63
C SER A 501 -16.81 -4.16 -10.98
N GLY A 502 -17.67 -4.26 -12.00
CA GLY A 502 -18.15 -5.56 -12.42
C GLY A 502 -17.09 -6.41 -13.07
N LEU A 503 -16.09 -5.78 -13.70
CA LEU A 503 -15.00 -6.54 -14.28
C LEU A 503 -14.07 -7.07 -13.19
N SER A 504 -13.88 -6.31 -12.12
CA SER A 504 -13.10 -6.80 -10.99
C SER A 504 -13.81 -7.96 -10.29
N ALA A 505 -15.13 -7.89 -10.19
CA ALA A 505 -15.90 -8.99 -9.60
C ALA A 505 -15.75 -10.27 -10.41
N ALA A 506 -15.66 -10.14 -11.74
CA ALA A 506 -15.50 -11.32 -12.58
C ALA A 506 -14.17 -12.01 -12.29
N ALA A 507 -13.10 -11.24 -12.09
CA ALA A 507 -11.81 -11.81 -11.76
C ALA A 507 -11.78 -12.41 -10.36
N THR A 508 -12.68 -12.00 -9.48
CA THR A 508 -12.79 -12.59 -8.15
C THR A 508 -13.57 -13.89 -8.16
N GLY A 509 -14.30 -14.18 -9.24
CA GLY A 509 -15.08 -15.39 -9.35
C GLY A 509 -16.58 -15.18 -9.31
N TRP A 510 -17.04 -13.93 -9.26
CA TRP A 510 -18.46 -13.63 -9.16
C TRP A 510 -19.01 -13.32 -10.55
N GLY A 511 -19.99 -14.11 -10.99
CA GLY A 511 -20.58 -13.91 -12.30
C GLY A 511 -21.93 -13.21 -12.23
N TRP A 512 -22.71 -13.51 -11.19
CA TRP A 512 -24.04 -12.94 -11.02
C TRP A 512 -23.89 -11.53 -10.44
N TRP A 513 -23.64 -10.57 -11.33
CA TRP A 513 -23.39 -9.19 -10.95
C TRP A 513 -24.28 -8.26 -11.75
N THR A 514 -24.68 -7.15 -11.14
CA THR A 514 -25.59 -6.20 -11.76
C THR A 514 -25.46 -4.85 -11.07
N VAL A 515 -26.24 -3.88 -11.54
CA VAL A 515 -26.22 -2.51 -11.03
C VAL A 515 -27.66 -2.04 -10.86
N ASP A 516 -27.80 -0.80 -10.36
CA ASP A 516 -29.07 -0.08 -10.37
C ASP A 516 -29.11 0.77 -11.64
N ALA A 517 -30.03 0.43 -12.55
CA ALA A 517 -30.16 1.17 -13.79
C ALA A 517 -30.55 2.62 -13.51
N GLY A 518 -29.65 3.55 -13.82
CA GLY A 518 -29.88 4.96 -13.59
C GLY A 518 -29.28 5.51 -12.32
N GLY A 519 -28.55 4.70 -11.56
CA GLY A 519 -28.04 5.13 -10.28
C GLY A 519 -29.08 4.99 -9.19
N PHE A 520 -28.67 5.27 -7.95
CA PHE A 520 -29.56 5.18 -6.81
C PHE A 520 -29.81 6.54 -6.16
N GLU A 521 -28.77 7.22 -5.70
CA GLU A 521 -28.91 8.46 -4.95
C GLU A 521 -28.86 9.67 -5.88
N VAL A 522 -29.55 10.73 -5.46
CA VAL A 522 -29.45 12.01 -6.14
C VAL A 522 -28.16 12.70 -5.71
N ASP A 523 -27.43 13.24 -6.68
CA ASP A 523 -26.28 14.08 -6.40
C ASP A 523 -26.77 15.50 -6.15
N SER A 524 -26.57 16.01 -4.94
CA SER A 524 -27.11 17.32 -4.59
C SER A 524 -26.42 18.46 -5.33
N THR A 525 -25.20 18.23 -5.84
CA THR A 525 -24.48 19.27 -6.56
C THR A 525 -24.86 19.34 -8.04
N VAL A 526 -25.58 18.35 -8.56
CA VAL A 526 -26.05 18.33 -9.93
C VAL A 526 -27.56 18.50 -9.89
N TRP A 527 -28.05 19.65 -10.38
CA TRP A 527 -29.44 20.02 -10.12
C TRP A 527 -30.42 19.02 -10.73
N TRP A 528 -30.09 18.45 -11.89
CA TRP A 528 -30.99 17.55 -12.59
C TRP A 528 -30.85 16.10 -12.16
N SER A 529 -29.90 15.80 -11.27
CA SER A 529 -29.60 14.41 -10.92
C SER A 529 -30.83 13.69 -10.39
N GLY A 530 -31.18 12.58 -11.04
CA GLY A 530 -32.27 11.73 -10.60
C GLY A 530 -33.66 12.23 -10.90
N ASN A 531 -33.79 13.38 -11.55
CA ASN A 531 -35.11 13.96 -11.84
C ASN A 531 -35.63 13.35 -13.13
N ILE A 532 -36.63 12.46 -13.03
CA ILE A 532 -37.16 11.77 -14.18
C ILE A 532 -37.95 12.68 -15.10
N ASP A 533 -38.21 13.92 -14.70
CA ASP A 533 -38.93 14.87 -15.54
C ASP A 533 -38.00 15.83 -16.27
N THR A 534 -36.70 15.79 -16.00
CA THR A 534 -35.81 16.66 -16.75
C THR A 534 -35.22 15.91 -17.94
N PRO A 535 -35.02 16.60 -19.07
CA PRO A 535 -34.37 15.93 -20.22
C PRO A 535 -32.95 15.51 -19.93
N GLU A 536 -32.26 16.20 -19.01
CA GLU A 536 -30.88 15.86 -18.72
C GLU A 536 -30.76 14.46 -18.14
N TYR A 537 -31.58 14.14 -17.13
CA TYR A 537 -31.52 12.82 -16.52
C TYR A 537 -32.20 11.76 -17.37
N ARG A 538 -33.22 12.14 -18.15
CA ARG A 538 -33.83 11.20 -19.08
C ARG A 538 -32.80 10.65 -20.06
N GLU A 539 -31.86 11.50 -20.50
CA GLU A 539 -30.77 11.03 -21.36
C GLU A 539 -29.89 10.04 -20.61
N LEU A 540 -29.49 10.38 -19.39
CA LEU A 540 -28.63 9.50 -18.61
C LEU A 540 -29.29 8.16 -18.34
N TYR A 541 -30.58 8.16 -17.99
CA TYR A 541 -31.26 6.92 -17.65
C TYR A 541 -31.33 5.99 -18.87
N VAL A 542 -31.65 6.54 -20.04
CA VAL A 542 -31.78 5.71 -21.23
C VAL A 542 -30.44 5.10 -21.62
N ARG A 543 -29.36 5.87 -21.48
CA ARG A 543 -28.03 5.31 -21.67
C ARG A 543 -27.74 4.20 -20.66
N TRP A 544 -28.12 4.43 -19.40
CA TRP A 544 -27.85 3.46 -18.34
C TRP A 544 -28.71 2.21 -18.50
N LEU A 545 -30.01 2.40 -18.76
CA LEU A 545 -30.91 1.26 -18.94
C LEU A 545 -30.49 0.40 -20.11
N ALA A 546 -29.97 1.01 -21.18
CA ALA A 546 -29.50 0.25 -22.32
C ALA A 546 -28.33 -0.65 -21.96
N TRP A 547 -27.46 -0.17 -21.07
CA TRP A 547 -26.30 -0.96 -20.67
C TRP A 547 -26.72 -2.20 -19.88
N THR A 548 -27.73 -2.05 -19.02
CA THR A 548 -28.16 -3.18 -18.19
C THR A 548 -28.69 -4.34 -19.02
N THR A 549 -29.07 -4.08 -20.28
CA THR A 549 -29.46 -5.17 -21.17
C THR A 549 -28.30 -6.15 -21.38
N PHE A 550 -27.07 -5.65 -21.39
CA PHE A 550 -25.90 -6.49 -21.63
C PHE A 550 -25.11 -6.66 -20.34
N LEU A 551 -25.80 -7.04 -19.27
CA LEU A 551 -25.23 -7.36 -17.97
C LEU A 551 -25.80 -8.70 -17.52
N PRO A 552 -25.13 -9.38 -16.57
CA PRO A 552 -25.63 -10.69 -16.13
C PRO A 552 -27.09 -10.67 -15.69
N PHE A 553 -27.54 -9.57 -15.09
CA PHE A 553 -28.94 -9.42 -14.74
C PHE A 553 -29.37 -7.99 -15.05
N MET A 554 -30.50 -7.85 -15.73
CA MET A 554 -31.04 -6.55 -16.10
C MET A 554 -32.06 -6.14 -15.06
N ARG A 555 -31.73 -5.12 -14.25
CA ARG A 555 -32.61 -4.66 -13.19
C ARG A 555 -32.50 -3.14 -13.08
N THR A 556 -33.65 -2.49 -12.97
CA THR A 556 -33.71 -1.06 -12.72
C THR A 556 -34.15 -0.81 -11.28
N HIS A 557 -33.61 0.25 -10.68
CA HIS A 557 -33.86 0.59 -9.30
C HIS A 557 -33.26 1.96 -9.02
N GLY A 558 -33.80 2.64 -8.03
CA GLY A 558 -33.26 3.92 -7.62
C GLY A 558 -34.27 4.71 -6.82
N SER A 559 -33.77 5.79 -6.23
CA SER A 559 -34.59 6.75 -5.48
C SER A 559 -34.63 8.03 -6.31
N ARG A 560 -35.67 8.15 -7.13
CA ARG A 560 -35.78 9.25 -8.08
C ARG A 560 -36.43 10.47 -7.44
N THR A 561 -36.20 11.62 -8.07
CA THR A 561 -36.94 12.83 -7.79
C THR A 561 -37.71 13.23 -9.05
N CYS A 562 -38.67 14.13 -8.90
CA CYS A 562 -39.57 14.44 -10.00
C CYS A 562 -40.30 15.75 -9.71
N TYR A 563 -40.92 16.29 -10.76
CA TYR A 563 -41.77 17.48 -10.64
C TYR A 563 -43.24 17.13 -10.43
N PHE A 564 -43.67 15.94 -10.86
CA PHE A 564 -45.06 15.51 -10.71
C PHE A 564 -45.07 14.11 -10.12
N GLN A 565 -45.83 13.92 -9.04
CA GLN A 565 -45.85 12.69 -8.28
C GLN A 565 -47.27 12.20 -8.10
N ASP A 566 -47.47 10.89 -8.27
CA ASP A 566 -48.78 10.26 -8.12
C ASP A 566 -48.69 8.97 -7.29
N ALA A 567 -47.69 8.89 -6.42
CA ALA A 567 -47.52 7.72 -5.57
C ALA A 567 -46.73 8.13 -4.33
N TYR A 568 -46.31 7.14 -3.55
CA TYR A 568 -45.53 7.42 -2.34
C TYR A 568 -44.18 8.03 -2.68
N THR A 569 -43.56 7.58 -3.78
CA THR A 569 -42.29 8.11 -4.27
C THR A 569 -42.40 8.38 -5.76
N CYS A 570 -41.40 9.06 -6.29
CA CYS A 570 -41.36 9.29 -7.73
C CYS A 570 -41.19 7.97 -8.49
N ALA A 571 -41.65 7.96 -9.73
CA ALA A 571 -41.76 6.72 -10.50
C ALA A 571 -40.43 6.35 -11.15
N ASN A 572 -40.35 5.07 -11.56
CA ASN A 572 -39.18 4.53 -12.24
C ASN A 572 -39.57 3.47 -13.25
N GLU A 573 -40.74 3.62 -13.85
CA GLU A 573 -41.29 2.64 -14.78
C GLU A 573 -40.88 2.98 -16.22
N PRO A 574 -40.90 2.00 -17.12
CA PRO A 574 -40.46 2.27 -18.50
C PRO A 574 -41.28 3.34 -19.22
N TRP A 575 -42.44 3.71 -18.70
CA TRP A 575 -43.26 4.77 -19.27
C TRP A 575 -43.18 6.07 -18.50
N SER A 576 -42.24 6.19 -17.55
CA SER A 576 -42.16 7.33 -16.66
C SER A 576 -41.07 8.31 -17.05
N TYR A 577 -40.46 8.15 -18.23
CA TYR A 577 -39.31 8.96 -18.64
C TYR A 577 -39.59 9.75 -19.92
N GLY A 578 -40.84 10.13 -20.13
CA GLY A 578 -41.20 10.88 -21.32
C GLY A 578 -41.75 9.99 -22.41
N ALA A 579 -42.70 10.54 -23.18
CA ALA A 579 -43.34 9.77 -24.22
C ALA A 579 -42.35 9.35 -25.31
N SER A 580 -41.37 10.19 -25.60
CA SER A 580 -40.39 9.86 -26.65
C SER A 580 -39.45 8.76 -26.21
N ASN A 581 -39.23 8.61 -24.90
CA ASN A 581 -38.28 7.62 -24.40
C ASN A 581 -38.91 6.27 -24.11
N THR A 582 -40.24 6.22 -23.94
CA THR A 582 -40.91 4.94 -23.71
C THR A 582 -40.61 3.89 -24.78
N PRO A 583 -40.69 4.19 -26.08
CA PRO A 583 -40.34 3.16 -27.07
C PRO A 583 -38.89 2.74 -27.02
N ILE A 584 -37.99 3.63 -26.59
CA ILE A 584 -36.58 3.26 -26.47
C ILE A 584 -36.39 2.27 -25.32
N ILE A 585 -37.00 2.55 -24.18
CA ILE A 585 -36.84 1.68 -23.01
C ILE A 585 -37.47 0.31 -23.27
N VAL A 586 -38.65 0.28 -23.87
CA VAL A 586 -39.35 -0.98 -24.12
C VAL A 586 -38.60 -1.82 -25.16
N SER A 587 -37.91 -1.16 -26.10
CA SER A 587 -37.15 -1.91 -27.09
C SER A 587 -36.03 -2.72 -26.45
N TYR A 588 -35.33 -2.12 -25.49
CA TYR A 588 -34.26 -2.85 -24.79
C TYR A 588 -34.82 -3.93 -23.89
N ILE A 589 -36.03 -3.75 -23.37
CA ILE A 589 -36.69 -4.82 -22.62
C ILE A 589 -36.95 -6.02 -23.52
N HIS A 590 -37.45 -5.76 -24.73
CA HIS A 590 -37.68 -6.85 -25.68
C HIS A 590 -36.37 -7.47 -26.14
N LEU A 591 -35.35 -6.64 -26.38
CA LEU A 591 -34.04 -7.18 -26.76
C LEU A 591 -33.48 -8.08 -25.68
N ARG A 592 -33.71 -7.74 -24.42
CA ARG A 592 -33.24 -8.58 -23.31
C ARG A 592 -33.85 -9.97 -23.40
N TYR A 593 -35.16 -10.06 -23.64
CA TYR A 593 -35.80 -11.36 -23.80
C TYR A 593 -35.36 -12.06 -25.08
N GLN A 594 -34.98 -11.28 -26.11
CA GLN A 594 -34.49 -11.89 -27.34
C GLN A 594 -33.13 -12.54 -27.14
N LEU A 595 -32.35 -12.05 -26.17
CA LEU A 595 -31.05 -12.61 -25.85
C LEU A 595 -31.14 -13.76 -24.85
N GLY A 596 -32.33 -14.31 -24.64
CA GLY A 596 -32.51 -15.32 -23.60
C GLY A 596 -31.70 -16.58 -23.85
N ALA A 597 -31.67 -17.05 -25.09
CA ALA A 597 -30.87 -18.23 -25.41
C ALA A 597 -29.39 -17.97 -25.19
N TYR A 598 -28.92 -16.80 -25.59
CA TYR A 598 -27.52 -16.43 -25.36
C TYR A 598 -27.22 -16.31 -23.87
N LEU A 599 -28.14 -15.71 -23.11
CA LEU A 599 -27.94 -15.56 -21.67
C LEU A 599 -27.90 -16.91 -20.97
N LYS A 600 -28.90 -17.75 -21.23
CA LYS A 600 -28.95 -19.05 -20.56
C LYS A 600 -27.76 -19.92 -20.95
N SER A 601 -27.22 -19.72 -22.15
CA SER A 601 -26.06 -20.50 -22.58
C SER A 601 -24.78 -20.06 -21.88
N ILE A 602 -24.57 -18.75 -21.75
CA ILE A 602 -23.34 -18.27 -21.11
C ILE A 602 -23.44 -18.43 -19.59
N PHE A 603 -24.64 -18.39 -19.02
CA PHE A 603 -24.80 -18.69 -17.60
C PHE A 603 -24.53 -20.16 -17.33
N ASN A 604 -24.76 -21.03 -18.31
CA ASN A 604 -24.51 -22.45 -18.12
C ASN A 604 -23.01 -22.75 -18.13
N GLN A 605 -22.25 -22.06 -19.00
CA GLN A 605 -20.80 -22.26 -19.02
C GLN A 605 -20.13 -21.72 -17.77
N PHE A 606 -20.65 -20.63 -17.22
CA PHE A 606 -20.18 -20.18 -15.91
C PHE A 606 -20.46 -21.22 -14.83
N HIS A 607 -21.55 -21.98 -15.01
CA HIS A 607 -21.89 -23.03 -14.05
C HIS A 607 -20.98 -24.25 -14.19
N LEU A 608 -20.43 -24.49 -15.37
CA LEU A 608 -19.64 -25.70 -15.58
C LEU A 608 -18.15 -25.49 -15.35
N THR A 609 -17.58 -24.39 -15.86
CA THR A 609 -16.14 -24.16 -15.81
C THR A 609 -15.75 -22.90 -15.06
N GLY A 610 -16.72 -22.11 -14.59
CA GLY A 610 -16.40 -20.78 -14.12
C GLY A 610 -16.06 -19.83 -15.24
N ARG A 611 -16.55 -20.10 -16.45
CA ARG A 611 -16.34 -19.24 -17.60
C ARG A 611 -16.98 -17.88 -17.34
N SER A 612 -16.15 -16.84 -17.24
CA SER A 612 -16.65 -15.53 -16.84
C SER A 612 -17.70 -15.03 -17.83
N ILE A 613 -18.76 -14.44 -17.28
CA ILE A 613 -19.88 -13.98 -18.10
C ILE A 613 -19.53 -12.66 -18.75
N MET A 614 -19.40 -11.58 -17.97
CA MET A 614 -18.88 -10.33 -18.50
C MET A 614 -17.36 -10.34 -18.31
N ARG A 615 -16.64 -10.09 -19.40
CA ARG A 615 -15.24 -10.46 -19.52
C ARG A 615 -14.37 -9.25 -19.80
N PRO A 616 -13.43 -8.91 -18.93
CA PRO A 616 -12.44 -7.89 -19.26
C PRO A 616 -11.61 -8.32 -20.47
N LEU A 617 -11.11 -7.33 -21.20
CA LEU A 617 -10.52 -7.59 -22.52
C LEU A 617 -9.24 -8.43 -22.44
N TYR A 618 -8.57 -8.48 -21.29
CA TYR A 618 -7.34 -9.26 -21.22
C TYR A 618 -7.61 -10.75 -21.24
N MET A 619 -8.83 -11.19 -20.92
CA MET A 619 -9.11 -12.62 -20.87
C MET A 619 -9.22 -13.24 -22.25
N ASP A 620 -9.57 -12.44 -23.26
CA ASP A 620 -9.78 -12.96 -24.61
C ASP A 620 -8.77 -12.45 -25.63
N PHE A 621 -8.07 -11.34 -25.36
CA PHE A 621 -7.22 -10.73 -26.37
C PHE A 621 -5.84 -10.33 -25.85
N GLU A 622 -5.42 -10.84 -24.70
CA GLU A 622 -4.04 -10.58 -24.27
C GLU A 622 -3.06 -11.40 -25.09
N LYS A 623 -3.38 -12.69 -25.34
CA LYS A 623 -2.56 -13.50 -26.21
C LYS A 623 -2.46 -12.90 -27.60
N THR A 624 -3.54 -12.28 -28.08
CA THR A 624 -3.59 -11.77 -29.45
C THR A 624 -3.08 -10.33 -29.54
N ASP A 625 -3.88 -9.39 -29.07
CA ASP A 625 -3.59 -7.97 -29.25
C ASP A 625 -2.44 -7.53 -28.35
N PRO A 626 -1.30 -7.13 -28.91
CA PRO A 626 -0.17 -6.72 -28.05
C PRO A 626 -0.42 -5.40 -27.34
N LYS A 627 -1.29 -4.54 -27.86
CA LYS A 627 -1.53 -3.25 -27.22
C LYS A 627 -2.43 -3.34 -26.00
N ILE A 628 -3.10 -4.47 -25.80
CA ILE A 628 -4.04 -4.57 -24.68
C ILE A 628 -3.30 -4.68 -23.36
N SER A 629 -2.13 -5.32 -23.36
CA SER A 629 -1.35 -5.44 -22.12
C SER A 629 -1.08 -4.08 -21.50
N GLN A 630 -0.77 -3.08 -22.31
CA GLN A 630 -0.48 -1.76 -21.74
C GLN A 630 -1.76 -1.00 -21.44
N LEU A 631 -2.81 -1.19 -22.26
CA LEU A 631 -4.07 -0.52 -22.00
C LEU A 631 -4.71 -0.95 -20.69
N VAL A 632 -4.38 -2.14 -20.19
CA VAL A 632 -4.88 -2.56 -18.89
C VAL A 632 -4.04 -2.01 -17.76
N SER A 633 -2.71 -1.98 -17.94
CA SER A 633 -1.83 -1.49 -16.88
C SER A 633 -2.09 -0.01 -16.61
N SER A 634 -2.36 0.77 -17.65
CA SER A 634 -2.64 2.19 -17.51
C SER A 634 -4.09 2.48 -17.16
N ASN A 635 -4.92 1.45 -17.06
CA ASN A 635 -6.35 1.60 -16.80
C ASN A 635 -7.00 2.56 -17.80
N SER A 636 -6.73 2.30 -19.07
CA SER A 636 -7.34 3.07 -20.15
C SER A 636 -8.85 2.85 -20.17
N ASN A 637 -9.59 3.87 -20.62
CA ASN A 637 -11.03 3.75 -20.74
C ASN A 637 -11.45 2.63 -21.69
N TYR A 638 -10.57 2.23 -22.60
CA TYR A 638 -10.89 1.14 -23.52
C TYR A 638 -10.93 -0.22 -22.83
N THR A 639 -10.30 -0.36 -21.66
CA THR A 639 -10.30 -1.61 -20.92
C THR A 639 -11.11 -1.56 -19.63
N THR A 640 -11.28 -0.37 -19.04
CA THR A 640 -12.09 -0.22 -17.84
C THR A 640 -13.56 0.04 -18.15
N GLN A 641 -13.91 0.35 -19.41
CA GLN A 641 -15.29 0.64 -19.78
C GLN A 641 -15.76 -0.16 -20.99
N GLN A 642 -14.97 -1.10 -21.48
CA GLN A 642 -15.39 -2.06 -22.50
C GLN A 642 -15.20 -3.47 -21.97
N TYR A 643 -15.98 -4.41 -22.49
CA TYR A 643 -15.89 -5.78 -22.04
C TYR A 643 -16.60 -6.68 -23.04
N MET A 644 -16.28 -7.97 -22.96
CA MET A 644 -16.97 -8.99 -23.73
C MET A 644 -18.09 -9.56 -22.88
N PHE A 645 -19.35 -9.35 -23.31
CA PHE A 645 -20.50 -9.95 -22.65
C PHE A 645 -20.77 -11.29 -23.32
N GLY A 646 -20.29 -12.36 -22.71
CA GLY A 646 -20.28 -13.66 -23.34
C GLY A 646 -19.14 -13.73 -24.34
N PRO A 647 -19.09 -14.81 -25.12
CA PRO A 647 -17.97 -15.00 -26.06
C PRO A 647 -18.10 -14.20 -27.36
N ARG A 648 -19.25 -13.62 -27.65
CA ARG A 648 -19.47 -13.02 -28.96
C ARG A 648 -19.73 -11.51 -28.94
N LEU A 649 -20.27 -10.97 -27.86
CA LEU A 649 -20.66 -9.56 -27.83
C LEU A 649 -19.58 -8.72 -27.18
N LEU A 650 -19.30 -7.56 -27.78
CA LEU A 650 -18.41 -6.56 -27.21
C LEU A 650 -19.22 -5.30 -26.94
N VAL A 651 -19.26 -4.89 -25.66
CA VAL A 651 -20.12 -3.80 -25.20
C VAL A 651 -19.27 -2.65 -24.73
N SER A 652 -19.74 -1.42 -24.97
CA SER A 652 -19.07 -0.21 -24.49
C SER A 652 -20.14 0.87 -24.28
N PRO A 653 -20.53 1.13 -23.05
CA PRO A 653 -21.59 2.10 -22.80
C PRO A 653 -21.14 3.53 -23.06
N VAL A 654 -22.10 4.38 -23.42
CA VAL A 654 -21.85 5.81 -23.60
C VAL A 654 -21.96 6.47 -22.24
N THR A 655 -20.86 7.08 -21.79
CA THR A 655 -20.76 7.64 -20.45
C THR A 655 -20.70 9.17 -20.46
N LEU A 656 -21.15 9.80 -21.54
CA LEU A 656 -21.14 11.25 -21.64
C LEU A 656 -22.45 11.74 -22.24
N PRO A 657 -22.90 12.92 -21.86
CA PRO A 657 -24.14 13.46 -22.43
C PRO A 657 -23.90 14.17 -23.75
N ASN A 658 -24.97 14.29 -24.52
CA ASN A 658 -24.96 14.96 -25.81
C ASN A 658 -23.88 14.37 -26.73
N VAL A 659 -24.14 13.12 -27.12
CA VAL A 659 -23.17 12.34 -27.88
C VAL A 659 -23.90 11.60 -28.99
N THR A 660 -23.37 11.69 -30.21
CA THR A 660 -23.86 10.93 -31.35
C THR A 660 -22.79 10.03 -31.96
N GLU A 661 -21.53 10.19 -31.55
CA GLU A 661 -20.42 9.36 -32.00
C GLU A 661 -19.67 8.87 -30.77
N TRP A 662 -19.29 7.60 -30.78
CA TRP A 662 -18.59 7.02 -29.64
C TRP A 662 -17.35 6.27 -30.13
N PRO A 663 -16.18 6.50 -29.52
CA PRO A 663 -14.97 5.78 -29.95
C PRO A 663 -14.81 4.46 -29.22
N VAL A 664 -14.89 3.35 -29.96
CA VAL A 664 -14.77 2.00 -29.40
C VAL A 664 -13.50 1.37 -29.92
N TYR A 665 -12.70 0.81 -29.04
CA TYR A 665 -11.50 0.07 -29.43
C TYR A 665 -11.89 -1.37 -29.73
N LEU A 666 -11.73 -1.78 -30.98
CA LEU A 666 -11.95 -3.18 -31.36
C LEU A 666 -10.64 -3.94 -31.21
N PRO A 667 -10.55 -4.90 -30.29
CA PRO A 667 -9.29 -5.62 -30.11
C PRO A 667 -8.95 -6.49 -31.30
N GLN A 668 -7.68 -6.86 -31.40
CA GLN A 668 -7.21 -7.78 -32.41
C GLN A 668 -7.60 -9.21 -32.04
N THR A 669 -8.00 -9.99 -33.04
CA THR A 669 -8.41 -11.37 -32.82
C THR A 669 -7.41 -12.40 -33.35
N GLY A 670 -6.45 -11.98 -34.17
CA GLY A 670 -5.43 -12.88 -34.69
C GLY A 670 -5.51 -13.15 -36.17
N GLN A 671 -6.49 -12.60 -36.89
CA GLN A 671 -6.60 -12.76 -38.34
C GLN A 671 -6.70 -11.38 -38.97
N ASN A 672 -5.60 -10.91 -39.57
CA ASN A 672 -5.56 -9.56 -40.12
C ASN A 672 -6.25 -9.49 -41.48
N ASN A 673 -6.48 -10.62 -42.13
CA ASN A 673 -7.07 -10.65 -43.47
C ASN A 673 -8.59 -10.61 -43.44
N THR A 674 -9.21 -10.44 -42.27
CA THR A 674 -10.66 -10.45 -42.15
C THR A 674 -11.13 -9.20 -41.44
N LYS A 675 -12.45 -9.08 -41.30
CA LYS A 675 -13.11 -8.01 -40.56
C LYS A 675 -14.12 -8.70 -39.65
N PRO A 676 -13.72 -9.08 -38.43
CA PRO A 676 -14.57 -9.96 -37.62
C PRO A 676 -15.63 -9.23 -36.81
N TRP A 677 -15.45 -7.93 -36.59
CA TRP A 677 -16.34 -7.16 -35.74
C TRP A 677 -17.47 -6.57 -36.57
N THR A 678 -18.71 -6.92 -36.22
CA THR A 678 -19.90 -6.42 -36.89
C THR A 678 -20.66 -5.52 -35.92
N TYR A 679 -20.85 -4.26 -36.31
CA TYR A 679 -21.62 -3.34 -35.48
C TYR A 679 -23.09 -3.75 -35.47
N TRP A 680 -23.69 -3.70 -34.28
CA TRP A 680 -25.04 -4.25 -34.11
C TRP A 680 -26.08 -3.46 -34.88
N TRP A 681 -25.95 -2.14 -34.91
CA TRP A 681 -27.01 -1.28 -35.44
C TRP A 681 -26.90 -0.99 -36.93
N THR A 682 -25.69 -1.10 -37.50
CA THR A 682 -25.50 -0.84 -38.91
C THR A 682 -25.10 -2.08 -39.70
N ASN A 683 -24.79 -3.19 -39.03
CA ASN A 683 -24.32 -4.42 -39.66
C ASN A 683 -23.03 -4.23 -40.43
N GLU A 684 -22.31 -3.14 -40.18
CA GLU A 684 -21.05 -2.89 -40.87
C GLU A 684 -19.92 -3.62 -40.17
N THR A 685 -19.00 -4.14 -40.95
CA THR A 685 -17.88 -4.91 -40.44
C THR A 685 -16.63 -4.06 -40.37
N TYR A 686 -15.81 -4.30 -39.34
CA TYR A 686 -14.58 -3.56 -39.12
C TYR A 686 -13.45 -4.54 -38.82
N ALA A 687 -12.22 -4.08 -39.07
CA ALA A 687 -11.04 -4.89 -38.78
C ALA A 687 -10.56 -4.63 -37.36
N GLY A 688 -9.99 -5.67 -36.74
CA GLY A 688 -9.53 -5.56 -35.39
C GLY A 688 -8.20 -4.82 -35.27
N GLY A 689 -7.94 -4.32 -34.06
CA GLY A 689 -6.69 -3.65 -33.77
C GLY A 689 -6.69 -2.16 -33.95
N GLN A 690 -7.86 -1.51 -33.87
CA GLN A 690 -7.95 -0.07 -34.08
C GLN A 690 -9.12 0.48 -33.29
N VAL A 691 -9.13 1.80 -33.14
CA VAL A 691 -10.24 2.52 -32.52
C VAL A 691 -11.13 3.06 -33.63
N VAL A 692 -12.43 2.78 -33.55
CA VAL A 692 -13.39 3.22 -34.53
C VAL A 692 -14.43 4.08 -33.85
N LYS A 693 -14.93 5.09 -34.57
CA LYS A 693 -15.98 5.96 -34.08
C LYS A 693 -17.28 5.57 -34.76
N VAL A 694 -18.18 4.95 -34.00
CA VAL A 694 -19.42 4.40 -34.55
C VAL A 694 -20.59 5.33 -34.23
N PRO A 695 -21.67 5.29 -35.01
CA PRO A 695 -22.85 6.11 -34.70
C PRO A 695 -23.52 5.62 -33.42
N ALA A 696 -23.63 6.53 -32.45
CA ALA A 696 -24.23 6.22 -31.14
C ALA A 696 -25.31 7.24 -30.82
N PRO A 697 -26.48 7.14 -31.46
CA PRO A 697 -27.61 7.98 -31.02
C PRO A 697 -28.12 7.53 -29.67
N LEU A 698 -29.13 8.22 -29.12
CA LEU A 698 -29.55 7.91 -27.76
C LEU A 698 -30.19 6.54 -27.65
N GLN A 699 -30.76 6.03 -28.74
CA GLN A 699 -31.43 4.74 -28.73
C GLN A 699 -30.49 3.57 -28.96
N HIS A 700 -29.24 3.82 -29.32
CA HIS A 700 -28.28 2.76 -29.66
C HIS A 700 -27.12 2.77 -28.68
N ILE A 701 -26.81 1.61 -28.12
CA ILE A 701 -25.64 1.43 -27.27
C ILE A 701 -24.55 0.75 -28.09
N PRO A 702 -23.33 1.28 -28.10
CA PRO A 702 -22.28 0.68 -28.94
C PRO A 702 -21.99 -0.77 -28.59
N VAL A 703 -22.36 -1.68 -29.50
CA VAL A 703 -22.19 -3.12 -29.32
C VAL A 703 -21.74 -3.72 -30.64
N PHE A 704 -20.64 -4.46 -30.62
CA PHE A 704 -20.18 -5.25 -31.75
C PHE A 704 -20.36 -6.72 -31.43
N HIS A 705 -20.24 -7.56 -32.46
CA HIS A 705 -20.36 -9.00 -32.23
C HIS A 705 -19.48 -9.75 -33.19
N LEU A 706 -18.91 -10.87 -32.72
CA LEU A 706 -18.14 -11.77 -33.53
C LEU A 706 -19.05 -12.86 -34.09
N GLY A 707 -18.67 -13.38 -35.26
CA GLY A 707 -19.52 -14.34 -35.93
C GLY A 707 -20.82 -13.69 -36.38
N SER A 708 -21.77 -14.54 -36.76
CA SER A 708 -23.07 -14.07 -37.20
C SER A 708 -23.97 -13.78 -36.01
N ARG A 709 -24.88 -12.83 -36.20
CA ARG A 709 -25.81 -12.47 -35.13
C ARG A 709 -26.80 -13.60 -34.88
N GLU A 710 -27.20 -14.30 -35.95
CA GLU A 710 -28.23 -15.33 -35.80
C GLU A 710 -27.70 -16.55 -35.05
N GLU A 711 -26.37 -16.76 -35.05
CA GLU A 711 -25.81 -17.86 -34.28
C GLU A 711 -25.74 -17.54 -32.79
N LEU A 712 -25.32 -16.32 -32.45
CA LEU A 712 -25.25 -15.94 -31.05
C LEU A 712 -26.65 -15.86 -30.43
N LEU A 713 -27.64 -15.45 -31.22
CA LEU A 713 -29.03 -15.48 -30.74
C LEU A 713 -29.54 -16.91 -30.56
N SER A 714 -28.86 -17.89 -31.18
CA SER A 714 -29.26 -19.29 -31.02
C SER A 714 -28.72 -19.91 -29.75
N GLY A 715 -27.65 -19.37 -29.18
CA GLY A 715 -27.03 -19.89 -27.98
C GLY A 715 -25.85 -20.81 -28.24
N ASN A 716 -25.79 -21.46 -29.41
CA ASN A 716 -24.68 -22.36 -29.74
C ASN A 716 -23.43 -21.51 -30.00
N VAL A 717 -22.73 -21.17 -28.92
CA VAL A 717 -21.51 -20.37 -28.99
C VAL A 717 -20.34 -21.04 -28.28
N PHE A 718 -20.56 -22.18 -27.62
CA PHE A 718 -19.48 -22.91 -26.98
C PHE A 718 -19.29 -24.29 -27.60
N TYR B 2 4.85 39.50 0.62
CA TYR B 2 4.32 38.21 1.06
C TYR B 2 2.88 38.32 1.55
N PHE B 3 2.05 37.39 1.12
CA PHE B 3 0.64 37.35 1.52
C PHE B 3 0.54 36.81 2.94
N ALA B 4 0.73 37.70 3.91
CA ALA B 4 0.64 37.32 5.30
C ALA B 4 -0.77 36.88 5.65
N PRO B 5 -0.93 35.99 6.62
CA PRO B 5 -2.27 35.49 6.96
C PRO B 5 -3.05 36.49 7.79
N ASN B 6 -4.37 36.33 7.75
CA ASN B 6 -5.29 37.18 8.51
C ASN B 6 -5.87 36.46 9.73
N SER B 7 -5.38 35.27 10.05
CA SER B 7 -5.88 34.49 11.17
C SER B 7 -4.73 33.71 11.78
N THR B 8 -4.69 33.67 13.11
CA THR B 8 -3.66 32.92 13.82
C THR B 8 -3.96 31.42 13.87
N GLY B 9 -5.15 31.00 13.48
CA GLY B 9 -5.50 29.59 13.49
C GLY B 9 -7.00 29.39 13.58
N LEU B 10 -7.41 28.17 13.24
CA LEU B 10 -8.81 27.77 13.30
C LEU B 10 -8.93 26.50 14.12
N ARG B 11 -9.84 26.50 15.09
CA ARG B 11 -10.09 25.35 15.96
C ARG B 11 -11.50 24.84 15.72
N ILE B 12 -11.62 23.62 15.23
CA ILE B 12 -12.90 23.01 14.87
C ILE B 12 -13.26 21.97 15.93
N GLN B 13 -14.49 22.04 16.43
CA GLN B 13 -15.02 21.03 17.34
C GLN B 13 -15.99 20.16 16.56
N HIS B 14 -15.50 19.01 16.09
CA HIS B 14 -16.27 18.09 15.25
C HIS B 14 -16.62 16.87 16.10
N GLY B 15 -17.76 16.94 16.78
CA GLY B 15 -18.10 15.89 17.71
C GLY B 15 -17.09 15.85 18.85
N PHE B 16 -16.58 14.67 19.16
CA PHE B 16 -15.62 14.55 20.23
C PHE B 16 -14.18 14.83 19.79
N GLU B 17 -13.93 15.01 18.51
CA GLU B 17 -12.58 15.27 18.02
C GLU B 17 -12.39 16.77 17.77
N THR B 18 -11.22 17.27 18.14
CA THR B 18 -10.85 18.67 17.96
C THR B 18 -9.76 18.76 16.91
N ILE B 19 -9.92 19.65 15.95
CA ILE B 19 -8.94 19.87 14.89
C ILE B 19 -8.46 21.31 14.98
N LEU B 20 -7.16 21.49 15.15
CA LEU B 20 -6.54 22.81 15.26
C LEU B 20 -5.62 23.02 14.06
N ILE B 21 -6.03 23.90 13.15
CA ILE B 21 -5.27 24.24 11.95
C ILE B 21 -4.68 25.62 12.14
N GLN B 22 -3.37 25.73 12.02
CA GLN B 22 -2.67 27.00 12.18
C GLN B 22 -1.78 27.27 10.98
N PRO B 23 -1.66 28.53 10.56
CA PRO B 23 -0.61 28.88 9.60
C PRO B 23 0.75 28.66 10.23
N PHE B 24 1.67 28.08 9.46
CA PHE B 24 2.96 27.65 9.99
C PHE B 24 4.03 27.88 8.94
N GLY B 25 4.91 28.84 9.20
CA GLY B 25 5.97 29.16 8.25
C GLY B 25 5.42 29.72 6.95
N TYR B 26 6.32 29.84 5.98
CA TYR B 26 5.94 30.33 4.67
C TYR B 26 5.14 29.28 3.92
N ASP B 27 3.93 29.65 3.49
CA ASP B 27 3.10 28.80 2.63
C ASP B 27 2.85 27.42 3.23
N GLY B 28 2.63 27.39 4.55
CA GLY B 28 2.44 26.13 5.23
C GLY B 28 1.30 26.19 6.23
N PHE B 29 0.66 25.04 6.44
CA PHE B 29 -0.35 24.87 7.46
C PHE B 29 0.05 23.71 8.37
N ARG B 30 -0.23 23.84 9.65
CA ARG B 30 -0.02 22.79 10.63
C ARG B 30 -1.37 22.32 11.16
N VAL B 31 -1.60 21.02 11.12
CA VAL B 31 -2.86 20.43 11.52
C VAL B 31 -2.63 19.49 12.69
N ARG B 32 -3.41 19.66 13.75
CA ARG B 32 -3.36 18.78 14.92
C ARG B 32 -4.77 18.36 15.28
N ALA B 33 -4.94 17.09 15.62
CA ALA B 33 -6.25 16.53 15.93
C ALA B 33 -6.12 15.52 17.06
N TRP B 34 -7.13 15.49 17.93
CA TRP B 34 -7.16 14.58 19.06
C TRP B 34 -8.60 14.30 19.47
N PRO B 35 -8.93 13.06 19.82
CA PRO B 35 -10.27 12.77 20.34
C PRO B 35 -10.35 12.81 21.86
N PHE B 36 -11.38 13.48 22.37
CA PHE B 36 -11.71 13.52 23.80
C PHE B 36 -10.67 14.26 24.65
N ARG B 37 -9.47 13.68 24.81
CA ARG B 37 -8.58 14.30 25.80
C ARG B 37 -7.60 15.25 25.12
N PRO B 38 -7.42 16.45 25.65
CA PRO B 38 -6.52 17.42 25.03
C PRO B 38 -5.07 16.97 25.14
N PRO B 39 -4.18 17.52 24.32
CA PRO B 39 -2.77 17.12 24.39
C PRO B 39 -2.16 17.48 25.74
N SER B 40 -1.35 16.55 26.27
CA SER B 40 -0.65 16.79 27.51
C SER B 40 0.31 17.98 27.41
N GLY B 41 0.84 18.24 26.21
CA GLY B 41 1.89 19.21 26.03
C GLY B 41 3.29 18.62 26.05
N ASN B 42 3.43 17.35 26.44
CA ASN B 42 4.71 16.67 26.45
C ASN B 42 4.86 15.69 25.28
N GLU B 43 4.07 15.86 24.22
CA GLU B 43 4.22 15.03 23.04
C GLU B 43 5.55 15.31 22.35
N ILE B 44 6.06 14.32 21.63
CA ILE B 44 7.34 14.43 20.96
C ILE B 44 7.13 15.07 19.60
N SER B 45 7.85 16.17 19.33
CA SER B 45 7.72 16.90 18.09
C SER B 45 9.08 17.12 17.46
N PHE B 46 9.14 17.04 16.13
CA PHE B 46 10.39 17.19 15.39
C PHE B 46 10.45 18.46 14.57
N ILE B 47 9.45 19.34 14.66
CA ILE B 47 9.43 20.58 13.90
C ILE B 47 9.64 21.75 14.84
N TYR B 48 10.15 22.84 14.28
CA TYR B 48 10.44 24.05 15.05
C TYR B 48 9.22 24.94 15.15
N ASP B 49 8.99 25.51 16.33
CA ASP B 49 7.93 26.48 16.55
C ASP B 49 8.53 27.68 17.28
N PRO B 50 8.70 28.83 16.63
CA PRO B 50 8.36 29.05 15.22
C PRO B 50 9.41 28.41 14.29
N PRO B 51 9.07 28.25 13.01
CA PRO B 51 10.05 27.73 12.05
C PRO B 51 11.31 28.57 12.05
N ILE B 52 12.43 27.93 11.70
CA ILE B 52 13.72 28.62 11.64
C ILE B 52 13.64 29.87 10.77
N GLU B 53 12.72 29.86 9.81
CA GLU B 53 12.57 30.96 8.87
C GLU B 53 11.12 31.01 8.43
N GLY B 54 10.49 32.17 8.60
CA GLY B 54 9.09 32.32 8.26
C GLY B 54 8.60 33.71 8.59
N TYR B 55 7.30 33.91 8.38
CA TYR B 55 6.66 35.20 8.57
C TYR B 55 6.45 35.56 10.04
N GLU B 56 6.62 34.62 10.95
CA GLU B 56 6.21 34.82 12.34
C GLU B 56 7.27 35.59 13.13
N ASP B 57 6.81 36.21 14.20
CA ASP B 57 7.68 36.84 15.18
C ASP B 57 7.90 35.97 16.40
N THR B 58 6.90 35.19 16.79
CA THR B 58 6.98 34.32 17.96
C THR B 58 6.29 33.01 17.66
N ALA B 59 6.38 32.09 18.62
CA ALA B 59 5.82 30.75 18.45
C ALA B 59 4.30 30.78 18.46
N HIS B 60 3.71 29.82 17.74
CA HIS B 60 2.26 29.72 17.66
C HIS B 60 1.68 29.06 18.91
N GLY B 61 2.28 27.94 19.33
CA GLY B 61 1.70 27.17 20.41
C GLY B 61 0.36 26.60 20.02
N MET B 62 -0.58 26.63 20.96
CA MET B 62 -1.96 26.19 20.71
C MET B 62 -2.87 27.35 20.32
N SER B 63 -2.32 28.49 19.95
CA SER B 63 -3.11 29.69 19.73
C SER B 63 -3.93 29.59 18.45
N TYR B 64 -5.13 30.15 18.50
CA TYR B 64 -6.01 30.16 17.33
C TYR B 64 -6.87 31.42 17.39
N ASP B 65 -7.45 31.75 16.23
CA ASP B 65 -8.25 32.96 16.09
C ASP B 65 -9.74 32.71 16.02
N THR B 66 -10.16 31.57 15.47
CA THR B 66 -11.56 31.28 15.22
C THR B 66 -11.90 29.91 15.78
N ALA B 67 -13.07 29.81 16.41
CA ALA B 67 -13.58 28.54 16.93
C ALA B 67 -14.93 28.26 16.28
N THR B 68 -15.11 27.02 15.81
CA THR B 68 -16.35 26.64 15.14
C THR B 68 -16.63 25.16 15.40
N THR B 69 -17.88 24.77 15.16
CA THR B 69 -18.27 23.37 15.18
C THR B 69 -18.27 22.75 13.78
N GLY B 70 -17.77 23.47 12.78
CA GLY B 70 -17.72 22.93 11.43
C GLY B 70 -19.06 22.83 10.75
N THR B 71 -20.01 23.71 11.10
CA THR B 71 -21.32 23.68 10.47
C THR B 71 -21.31 24.31 9.08
N GLU B 72 -20.44 25.29 8.85
CA GLU B 72 -20.40 26.01 7.60
C GLU B 72 -18.97 26.05 7.07
N PRO B 73 -18.81 26.11 5.75
CA PRO B 73 -17.46 26.12 5.17
C PRO B 73 -16.75 27.43 5.44
N ARG B 74 -15.42 27.33 5.57
CA ARG B 74 -14.56 28.49 5.80
C ARG B 74 -13.32 28.38 4.92
N THR B 75 -12.55 29.47 4.89
CA THR B 75 -11.35 29.57 4.07
C THR B 75 -10.27 30.31 4.85
N LEU B 76 -9.04 29.81 4.75
CA LEU B 76 -7.90 30.42 5.42
C LEU B 76 -6.71 30.37 4.47
N ARG B 77 -5.98 31.47 4.36
CA ARG B 77 -4.87 31.57 3.43
C ARG B 77 -3.61 32.05 4.13
N ASN B 78 -2.49 31.40 3.82
CA ASN B 78 -1.16 31.80 4.30
C ASN B 78 -0.18 31.62 3.15
N GLY B 79 0.36 32.72 2.64
CA GLY B 79 1.25 32.62 1.50
C GLY B 79 0.48 32.24 0.26
N ASN B 80 0.93 31.19 -0.42
CA ASN B 80 0.27 30.71 -1.62
C ASN B 80 -0.56 29.45 -1.39
N ILE B 81 -0.68 29.00 -0.14
CA ILE B 81 -1.50 27.85 0.21
C ILE B 81 -2.76 28.33 0.90
N ILE B 82 -3.89 27.72 0.56
CA ILE B 82 -5.18 28.07 1.14
C ILE B 82 -5.85 26.80 1.63
N LEU B 83 -6.49 26.89 2.79
CA LEU B 83 -7.29 25.79 3.34
C LEU B 83 -8.76 26.10 3.16
N ARG B 84 -9.52 25.09 2.75
CA ARG B 84 -10.97 25.23 2.59
C ARG B 84 -11.64 24.09 3.32
N THR B 85 -12.34 24.41 4.41
CA THR B 85 -13.13 23.41 5.12
C THR B 85 -14.43 23.17 4.36
N THR B 86 -14.77 21.90 4.17
CA THR B 86 -15.93 21.52 3.37
C THR B 86 -16.70 20.42 4.09
N GLY B 87 -17.82 20.01 3.51
CA GLY B 87 -18.59 18.89 4.00
C GLY B 87 -18.14 17.58 3.38
N TRP B 88 -18.94 16.54 3.63
CA TRP B 88 -18.70 15.22 3.08
C TRP B 88 -19.92 14.80 2.28
N GLY B 89 -19.70 14.33 1.05
CA GLY B 89 -20.81 14.13 0.14
C GLY B 89 -21.28 15.45 -0.44
N GLY B 90 -22.59 15.52 -0.71
CA GLY B 90 -23.18 16.75 -1.18
C GLY B 90 -23.43 17.79 -0.12
N THR B 91 -22.96 17.55 1.11
CA THR B 91 -23.26 18.43 2.22
C THR B 91 -22.44 19.72 2.14
N THR B 92 -22.99 20.77 2.76
CA THR B 92 -22.30 22.05 2.92
C THR B 92 -21.97 22.21 4.41
N ALA B 93 -20.71 21.95 4.75
CA ALA B 93 -20.28 22.01 6.14
C ALA B 93 -18.82 22.43 6.18
N GLY B 94 -18.17 22.24 7.34
CA GLY B 94 -16.79 22.64 7.49
C GLY B 94 -15.99 21.76 8.44
N TYR B 95 -16.12 20.44 8.30
CA TYR B 95 -15.34 19.50 9.10
C TYR B 95 -14.37 18.66 8.28
N ARG B 96 -14.28 18.91 6.97
CA ARG B 96 -13.33 18.23 6.10
C ARG B 96 -12.30 19.22 5.58
N LEU B 97 -11.06 18.78 5.47
CA LEU B 97 -9.95 19.66 5.09
C LEU B 97 -9.57 19.47 3.63
N SER B 98 -9.21 20.57 2.97
CA SER B 98 -8.70 20.54 1.60
C SER B 98 -7.69 21.66 1.45
N PHE B 99 -6.63 21.40 0.68
CA PHE B 99 -5.52 22.33 0.55
C PHE B 99 -5.29 22.65 -0.93
N TYR B 100 -5.23 23.94 -1.25
CA TYR B 100 -4.97 24.42 -2.60
C TYR B 100 -3.73 25.28 -2.63
N ARG B 101 -3.12 25.38 -3.81
CA ARG B 101 -2.05 26.32 -4.06
C ARG B 101 -2.52 27.38 -5.06
N VAL B 102 -2.19 28.63 -4.79
CA VAL B 102 -2.47 29.73 -5.70
C VAL B 102 -1.30 29.83 -6.67
N ASN B 103 -1.54 29.52 -7.94
CA ASN B 103 -0.49 29.54 -8.93
C ASN B 103 -0.13 30.97 -9.32
N ASP B 104 0.92 31.10 -10.13
CA ASP B 104 1.35 32.42 -10.57
C ASP B 104 0.33 33.07 -11.49
N ASP B 105 -0.38 32.28 -12.30
CA ASP B 105 -1.37 32.81 -13.23
C ASP B 105 -2.71 33.06 -12.56
N GLY B 106 -2.78 33.09 -11.24
CA GLY B 106 -4.00 33.37 -10.51
C GLY B 106 -4.86 32.15 -10.24
N SER B 107 -4.78 31.12 -11.08
CA SER B 107 -5.60 29.94 -10.89
C SER B 107 -5.10 29.13 -9.69
N GLU B 108 -5.91 28.15 -9.28
CA GLU B 108 -5.59 27.31 -8.14
C GLU B 108 -5.56 25.85 -8.56
N THR B 109 -4.76 25.06 -7.83
CA THR B 109 -4.63 23.63 -8.05
C THR B 109 -4.78 22.92 -6.71
N LEU B 110 -5.62 21.88 -6.69
CA LEU B 110 -5.84 21.10 -5.47
C LEU B 110 -4.60 20.27 -5.16
N LEU B 111 -3.94 20.58 -4.05
CA LEU B 111 -2.82 19.76 -3.60
C LEU B 111 -3.31 18.41 -3.09
N THR B 112 -4.19 18.43 -2.10
CA THR B 112 -4.82 17.23 -1.56
C THR B 112 -5.94 17.64 -0.63
N ASN B 113 -6.89 16.73 -0.43
CA ASN B 113 -7.92 16.87 0.58
C ASN B 113 -8.03 15.58 1.36
N GLU B 114 -8.86 15.59 2.41
CA GLU B 114 -9.09 14.37 3.18
C GLU B 114 -9.88 13.38 2.34
N TYR B 115 -9.36 12.16 2.23
CA TYR B 115 -9.98 11.15 1.39
C TYR B 115 -11.35 10.76 1.92
N ALA B 116 -12.40 11.40 1.42
CA ALA B 116 -13.77 11.14 1.86
C ALA B 116 -14.72 11.21 0.67
N PRO B 117 -14.67 10.22 -0.24
CA PRO B 117 -15.78 10.07 -1.19
C PRO B 117 -17.03 9.60 -0.47
N LEU B 118 -18.15 9.46 -1.19
CA LEU B 118 -19.42 9.17 -0.56
C LEU B 118 -19.35 7.91 0.31
N LYS B 119 -18.83 6.83 -0.25
CA LYS B 119 -18.67 5.57 0.47
C LYS B 119 -17.19 5.35 0.73
N SER B 120 -16.78 5.58 1.98
CA SER B 120 -15.39 5.41 2.39
C SER B 120 -15.31 5.53 3.91
N LEU B 121 -14.22 5.01 4.47
CA LEU B 121 -14.01 5.13 5.90
C LEU B 121 -13.65 6.56 6.26
N ASN B 122 -13.76 6.88 7.55
CA ASN B 122 -13.52 8.23 8.01
C ASN B 122 -12.07 8.61 7.76
N PRO B 123 -11.80 9.74 7.10
CA PRO B 123 -10.40 10.13 6.83
C PRO B 123 -9.59 10.42 8.08
N ARG B 124 -10.22 10.56 9.24
CA ARG B 124 -9.54 10.69 10.52
C ARG B 124 -10.10 9.59 11.41
N TYR B 125 -9.51 8.40 11.32
CA TYR B 125 -10.03 7.21 11.99
C TYR B 125 -9.29 7.00 13.30
N TYR B 126 -10.05 6.82 14.38
CA TYR B 126 -9.49 6.57 15.71
C TYR B 126 -9.92 5.20 16.21
N TYR B 127 -9.03 4.54 16.94
CA TYR B 127 -9.27 3.19 17.43
C TYR B 127 -8.57 3.00 18.76
N TRP B 128 -9.28 2.44 19.74
CA TRP B 128 -8.73 2.26 21.08
C TRP B 128 -8.45 0.78 21.34
N PRO B 129 -7.19 0.35 21.31
CA PRO B 129 -6.89 -1.08 21.48
C PRO B 129 -6.71 -1.49 22.93
N GLY B 130 -6.38 -0.54 23.80
CA GLY B 130 -6.09 -0.84 25.18
C GLY B 130 -7.16 -0.32 26.13
N PRO B 131 -7.00 -0.60 27.42
CA PRO B 131 -7.98 -0.10 28.40
C PRO B 131 -7.85 1.38 28.67
N GLY B 132 -6.73 2.00 28.32
CA GLY B 132 -6.52 3.41 28.55
C GLY B 132 -7.05 4.27 27.42
N ALA B 133 -6.61 5.53 27.42
CA ALA B 133 -7.09 6.53 26.47
C ALA B 133 -6.20 6.68 25.25
N GLU B 134 -5.01 6.09 25.25
CA GLU B 134 -4.16 6.13 24.06
C GLU B 134 -4.84 5.38 22.92
N PHE B 135 -4.67 5.90 21.71
CA PHE B 135 -5.40 5.40 20.55
C PHE B 135 -4.47 5.19 19.37
N SER B 136 -4.91 4.36 18.44
CA SER B 136 -4.30 4.22 17.13
C SER B 136 -5.05 5.10 16.14
N ALA B 137 -4.30 5.66 15.19
CA ALA B 137 -4.84 6.64 14.26
C ALA B 137 -4.51 6.24 12.83
N GLU B 138 -5.47 6.46 11.93
CA GLU B 138 -5.30 6.23 10.50
C GLU B 138 -5.86 7.43 9.76
N PHE B 139 -4.98 8.22 9.14
CA PHE B 139 -5.36 9.44 8.43
C PHE B 139 -5.18 9.22 6.93
N SER B 140 -6.23 9.52 6.16
CA SER B 140 -6.26 9.25 4.73
C SER B 140 -6.40 10.55 3.95
N PHE B 141 -5.61 10.68 2.89
CA PHE B 141 -5.65 11.84 2.02
C PHE B 141 -5.80 11.37 0.58
N SER B 142 -6.46 12.19 -0.23
CA SER B 142 -6.68 11.83 -1.63
C SER B 142 -5.38 11.87 -2.42
N ALA B 143 -5.34 11.09 -3.50
CA ALA B 143 -4.20 11.06 -4.39
C ALA B 143 -4.68 10.80 -5.81
N THR B 144 -3.86 11.21 -6.78
CA THR B 144 -4.17 10.99 -8.18
C THR B 144 -3.22 9.94 -8.77
N PRO B 145 -3.65 9.24 -9.83
CA PRO B 145 -2.79 8.17 -10.38
C PRO B 145 -1.47 8.65 -10.94
N ASP B 146 -1.37 9.93 -11.34
CA ASP B 146 -0.17 10.44 -11.98
C ASP B 146 0.86 10.93 -10.97
N GLU B 147 0.55 10.89 -9.69
CA GLU B 147 1.37 11.57 -8.70
C GLU B 147 2.69 10.84 -8.50
N GLN B 148 3.69 11.60 -8.07
CA GLN B 148 5.03 11.06 -7.81
C GLN B 148 5.44 11.49 -6.41
N ILE B 149 5.99 10.54 -5.65
CA ILE B 149 6.37 10.76 -4.26
C ILE B 149 7.87 10.60 -4.15
N TYR B 150 8.54 11.63 -3.64
CA TYR B 150 9.98 11.62 -3.46
C TYR B 150 10.31 11.74 -1.98
N GLY B 151 11.31 10.99 -1.52
CA GLY B 151 11.72 11.07 -0.14
C GLY B 151 11.43 9.81 0.67
N THR B 152 10.70 9.98 1.77
CA THR B 152 10.27 8.90 2.67
C THR B 152 11.45 8.21 3.36
N GLY B 153 12.62 8.85 3.39
CA GLY B 153 13.79 8.24 4.01
C GLY B 153 14.63 7.44 3.04
N THR B 154 15.38 6.49 3.60
CA THR B 154 16.29 5.65 2.84
C THR B 154 15.79 4.22 2.81
N GLN B 155 16.12 3.53 1.73
CA GLN B 155 15.67 2.17 1.46
C GLN B 155 16.37 1.66 0.22
N GLN B 156 16.64 0.34 0.19
CA GLN B 156 17.26 -0.30 -0.97
C GLN B 156 16.15 -0.85 -1.87
N ASP B 157 15.51 0.06 -2.59
CA ASP B 157 14.44 -0.28 -3.51
C ASP B 157 14.74 0.07 -4.96
N HIS B 158 15.83 0.79 -5.22
CA HIS B 158 16.24 1.18 -6.57
C HIS B 158 15.22 2.09 -7.24
N MET B 159 14.50 2.89 -6.45
CA MET B 159 13.50 3.81 -6.97
C MET B 159 13.60 5.15 -6.27
N ILE B 160 13.36 6.22 -7.02
CA ILE B 160 13.19 7.55 -6.43
C ILE B 160 11.74 7.98 -6.43
N ASN B 161 10.90 7.36 -7.26
CA ASN B 161 9.45 7.59 -7.21
C ASN B 161 8.83 6.49 -6.35
N LYS B 162 8.35 6.87 -5.16
CA LYS B 162 7.81 5.92 -4.20
C LYS B 162 6.33 5.66 -4.39
N LYS B 163 5.72 6.17 -5.46
CA LYS B 163 4.31 5.93 -5.71
C LYS B 163 4.02 4.44 -5.89
N GLY B 164 2.90 4.00 -5.31
CA GLY B 164 2.52 2.60 -5.37
C GLY B 164 3.20 1.71 -4.36
N SER B 165 3.96 2.28 -3.42
CA SER B 165 4.67 1.50 -2.42
C SER B 165 4.09 1.75 -1.04
N VAL B 166 4.17 0.74 -0.19
CA VAL B 166 3.87 0.84 1.23
C VAL B 166 5.18 0.80 1.99
N ILE B 167 5.40 1.79 2.84
CA ILE B 167 6.65 1.92 3.59
C ILE B 167 6.31 1.76 5.07
N ASP B 168 6.74 0.64 5.66
CA ASP B 168 6.55 0.43 7.08
C ASP B 168 7.51 1.31 7.89
N MET B 169 6.99 1.90 8.96
CA MET B 169 7.80 2.78 9.82
C MET B 169 8.37 1.96 10.97
N VAL B 170 9.28 1.06 10.61
CA VAL B 170 10.02 0.22 11.56
C VAL B 170 11.47 0.21 11.13
N ASN B 171 12.37 0.60 12.04
CA ASN B 171 13.77 0.76 11.67
C ASN B 171 14.53 -0.56 11.73
N PHE B 172 15.40 -0.78 10.75
CA PHE B 172 16.39 -1.85 10.80
C PHE B 172 17.51 -1.49 9.83
N ASN B 173 18.52 -2.35 9.79
CA ASN B 173 19.75 -2.09 9.04
C ASN B 173 19.44 -1.70 7.59
N SER B 174 19.89 -0.50 7.21
CA SER B 174 19.80 0.11 5.88
C SER B 174 18.42 0.64 5.55
N TYR B 175 17.51 0.68 6.52
CA TYR B 175 16.11 1.03 6.27
C TYR B 175 15.70 2.09 7.29
N ILE B 176 15.65 3.35 6.86
CA ILE B 176 15.29 4.45 7.75
C ILE B 176 14.03 5.13 7.23
N PRO B 177 12.84 4.55 7.49
CA PRO B 177 11.60 5.18 7.01
C PRO B 177 11.33 6.48 7.74
N THR B 178 11.14 7.54 6.98
CA THR B 178 10.88 8.85 7.56
C THR B 178 9.76 9.54 6.81
N PRO B 179 8.64 9.85 7.46
CA PRO B 179 7.46 10.39 6.76
C PRO B 179 7.60 11.87 6.40
N VAL B 180 8.56 12.18 5.54
CA VAL B 180 8.73 13.49 4.94
C VAL B 180 8.90 13.27 3.44
N PHE B 181 7.95 13.76 2.64
CA PHE B 181 7.99 13.52 1.22
C PHE B 181 7.58 14.76 0.45
N MET B 182 8.06 14.86 -0.79
CA MET B 182 7.65 15.87 -1.75
C MET B 182 6.82 15.22 -2.84
N SER B 183 5.83 15.96 -3.33
CA SER B 183 5.03 15.54 -4.46
C SER B 183 5.33 16.43 -5.65
N ASN B 184 5.25 15.86 -6.86
CA ASN B 184 5.45 16.65 -8.06
C ASN B 184 4.30 17.62 -8.32
N LYS B 185 3.22 17.52 -7.55
CA LYS B 185 2.14 18.52 -7.62
C LYS B 185 2.55 19.85 -7.01
N GLY B 186 3.69 19.93 -6.33
CA GLY B 186 4.15 21.18 -5.77
C GLY B 186 3.81 21.35 -4.31
N TYR B 187 4.01 20.31 -3.50
CA TYR B 187 3.81 20.43 -2.07
C TYR B 187 4.63 19.38 -1.34
N ALA B 188 4.95 19.67 -0.09
CA ALA B 188 5.63 18.75 0.80
C ALA B 188 4.77 18.47 2.02
N PHE B 189 5.05 17.36 2.69
CA PHE B 189 4.22 16.86 3.77
C PHE B 189 5.12 16.24 4.83
N ILE B 190 4.85 16.57 6.10
CA ILE B 190 5.61 16.03 7.22
C ILE B 190 4.62 15.41 8.20
N TRP B 191 4.74 14.10 8.42
CA TRP B 191 3.94 13.39 9.43
C TRP B 191 4.73 13.45 10.73
N ASN B 192 4.48 14.52 11.50
CA ASN B 192 5.27 14.83 12.71
C ASN B 192 4.81 13.93 13.86
N MET B 193 5.20 12.66 13.77
CA MET B 193 4.78 11.64 14.72
C MET B 193 5.95 10.72 15.01
N PRO B 194 6.26 10.46 16.29
CA PRO B 194 7.31 9.51 16.64
C PRO B 194 6.84 8.07 16.75
N ALA B 195 5.56 7.81 16.48
CA ALA B 195 5.02 6.46 16.62
C ALA B 195 5.35 5.62 15.39
N GLU B 196 5.54 4.32 15.63
CA GLU B 196 5.66 3.38 14.53
C GLU B 196 4.33 3.27 13.79
N GLY B 197 4.41 2.89 12.52
CA GLY B 197 3.21 2.80 11.72
C GLY B 197 3.41 2.36 10.30
N ARG B 198 2.85 3.13 9.35
CA ARG B 198 2.72 2.69 7.98
C ARG B 198 2.59 3.90 7.08
N MET B 199 3.21 3.84 5.92
CA MET B 199 3.07 4.84 4.86
C MET B 199 2.47 4.15 3.64
N GLU B 200 1.27 4.57 3.25
CA GLU B 200 0.61 4.03 2.07
C GLU B 200 0.54 5.10 0.99
N PHE B 201 1.33 4.94 -0.06
CA PHE B 201 1.27 5.84 -1.21
C PHE B 201 0.53 5.15 -2.35
N GLY B 202 -0.77 4.97 -2.14
CA GLY B 202 -1.61 4.27 -3.09
C GLY B 202 -1.99 5.12 -4.29
N THR B 203 -2.65 4.46 -5.24
CA THR B 203 -3.02 5.15 -6.49
C THR B 203 -3.95 6.32 -6.22
N LEU B 204 -4.96 6.12 -5.37
CA LEU B 204 -5.98 7.13 -5.13
C LEU B 204 -6.04 7.60 -3.69
N ARG B 205 -5.21 7.05 -2.81
CA ARG B 205 -5.29 7.41 -1.39
C ARG B 205 -3.90 7.31 -0.77
N THR B 206 -3.53 8.36 -0.03
CA THR B 206 -2.32 8.38 0.79
C THR B 206 -2.73 8.25 2.25
N ARG B 207 -2.14 7.28 2.95
CA ARG B 207 -2.53 6.99 4.31
C ARG B 207 -1.32 6.87 5.22
N PHE B 208 -1.37 7.57 6.36
CA PHE B 208 -0.40 7.44 7.43
C PHE B 208 -1.09 6.87 8.66
N THR B 209 -0.39 6.00 9.38
CA THR B 209 -0.95 5.37 10.58
C THR B 209 0.02 5.54 11.75
N ALA B 210 -0.55 5.51 12.96
CA ALA B 210 0.22 5.55 14.19
C ALA B 210 -0.30 4.44 15.10
N ALA B 211 0.61 3.55 15.53
CA ALA B 211 0.19 2.40 16.33
C ALA B 211 -0.42 2.83 17.66
N SER B 212 0.20 3.81 18.32
CA SER B 212 -0.30 4.32 19.59
C SER B 212 0.14 5.77 19.74
N THR B 213 -0.81 6.64 20.03
CA THR B 213 -0.52 8.06 20.17
C THR B 213 -1.62 8.73 20.97
N THR B 214 -1.35 9.97 21.39
CA THR B 214 -2.35 10.81 22.04
C THR B 214 -2.68 12.04 21.22
N LEU B 215 -2.09 12.18 20.03
CA LEU B 215 -2.25 13.39 19.23
C LEU B 215 -1.71 13.17 17.82
N VAL B 216 -2.48 13.56 16.81
CA VAL B 216 -2.04 13.52 15.43
C VAL B 216 -1.54 14.90 15.03
N ASP B 217 -0.46 14.96 14.26
CA ASP B 217 0.20 16.22 13.94
C ASP B 217 0.88 16.09 12.59
N TYR B 218 0.51 16.96 11.64
CA TYR B 218 1.18 16.98 10.35
C TYR B 218 1.23 18.41 9.82
N VAL B 219 2.12 18.63 8.87
CA VAL B 219 2.33 19.95 8.25
C VAL B 219 2.36 19.77 6.75
N ILE B 220 1.65 20.64 6.03
CA ILE B 220 1.63 20.65 4.57
C ILE B 220 2.06 22.03 4.09
N VAL B 221 2.98 22.05 3.13
CA VAL B 221 3.54 23.28 2.59
C VAL B 221 3.53 23.21 1.07
N ALA B 222 3.18 24.31 0.42
CA ALA B 222 3.02 24.36 -1.03
C ALA B 222 4.15 25.15 -1.68
N ALA B 223 4.46 24.78 -2.92
CA ALA B 223 5.42 25.51 -3.74
C ALA B 223 4.99 25.39 -5.20
N GLN B 224 5.43 26.36 -6.00
CA GLN B 224 5.07 26.35 -7.41
C GLN B 224 5.70 25.12 -8.09
N PRO B 225 5.03 24.52 -9.07
CA PRO B 225 5.50 23.24 -9.62
C PRO B 225 6.86 23.38 -10.27
N GLY B 226 7.63 22.27 -10.20
CA GLY B 226 8.99 22.26 -10.67
C GLY B 226 9.99 22.92 -9.75
N ASP B 227 9.54 23.64 -8.72
CA ASP B 227 10.41 24.41 -7.85
C ASP B 227 10.65 23.63 -6.56
N TYR B 228 11.49 22.60 -6.65
CA TYR B 228 11.78 21.76 -5.50
C TYR B 228 12.75 22.40 -4.53
N ASP B 229 13.56 23.36 -4.98
CA ASP B 229 14.49 24.03 -4.07
C ASP B 229 13.77 24.77 -2.97
N THR B 230 12.58 25.30 -3.25
CA THR B 230 11.81 25.97 -2.21
C THR B 230 11.22 24.96 -1.24
N LEU B 231 10.71 23.85 -1.75
CA LEU B 231 10.19 22.80 -0.87
C LEU B 231 11.23 22.37 0.15
N GLN B 232 12.47 22.15 -0.29
CA GLN B 232 13.54 21.81 0.64
C GLN B 232 13.89 22.98 1.54
N GLN B 233 13.72 24.21 1.05
CA GLN B 233 13.93 25.38 1.90
C GLN B 233 12.88 25.45 3.00
N ARG B 234 11.64 25.06 2.69
CA ARG B 234 10.57 25.07 3.68
C ARG B 234 10.72 23.91 4.65
N ILE B 235 11.10 22.74 4.15
CA ILE B 235 11.27 21.56 5.01
C ILE B 235 12.39 21.79 6.02
N SER B 236 13.53 22.31 5.55
CA SER B 236 14.65 22.54 6.45
C SER B 236 14.34 23.63 7.47
N ALA B 237 13.58 24.65 7.07
CA ALA B 237 13.16 25.67 8.02
C ALA B 237 12.20 25.11 9.07
N LEU B 238 11.52 24.01 8.75
CA LEU B 238 10.60 23.36 9.68
C LEU B 238 11.30 22.36 10.58
N THR B 239 12.26 21.59 10.04
CA THR B 239 12.84 20.47 10.76
C THR B 239 14.31 20.65 11.13
N GLY B 240 14.99 21.65 10.56
CA GLY B 240 16.37 21.89 10.94
C GLY B 240 17.26 22.29 9.79
N ARG B 241 18.07 23.32 9.98
CA ARG B 241 19.08 23.74 9.02
C ARG B 241 20.42 23.15 9.43
N ALA B 242 21.04 22.41 8.51
CA ALA B 242 22.26 21.69 8.85
C ALA B 242 23.38 22.66 9.21
N PRO B 243 24.31 22.22 10.05
CA PRO B 243 25.49 23.05 10.35
C PRO B 243 26.52 22.93 9.25
N ALA B 244 27.60 23.71 9.39
CA ALA B 244 28.62 23.52 8.38
C ALA B 244 29.61 22.45 8.84
N PRO B 245 30.01 21.53 7.96
CA PRO B 245 30.88 20.45 8.39
C PRO B 245 32.29 20.94 8.60
N PRO B 246 33.06 20.29 9.47
CA PRO B 246 34.48 20.63 9.58
C PRO B 246 35.23 20.25 8.31
N ASP B 247 36.22 21.07 7.96
CA ASP B 247 36.88 20.91 6.67
C ASP B 247 37.56 19.56 6.54
N PHE B 248 38.08 19.01 7.64
CA PHE B 248 38.79 17.73 7.54
C PHE B 248 37.86 16.60 7.14
N SER B 249 36.58 16.67 7.50
CA SER B 249 35.64 15.61 7.17
C SER B 249 35.36 15.50 5.68
N LEU B 250 35.75 16.50 4.88
CA LEU B 250 35.53 16.48 3.44
C LEU B 250 36.61 15.73 2.68
N GLY B 251 37.59 15.14 3.36
CA GLY B 251 38.68 14.44 2.73
C GLY B 251 38.41 12.97 2.55
N TYR B 252 39.49 12.18 2.61
CA TYR B 252 39.41 10.74 2.45
C TYR B 252 39.34 10.09 3.83
N ILE B 253 38.33 9.25 4.03
CA ILE B 253 38.07 8.60 5.31
C ILE B 253 38.40 7.12 5.16
N GLN B 254 39.43 6.67 5.87
CA GLN B 254 39.86 5.28 5.81
C GLN B 254 39.20 4.48 6.93
N SER B 255 38.63 3.34 6.57
CA SER B 255 37.97 2.47 7.54
C SER B 255 37.88 1.07 6.95
N LYS B 256 37.66 0.10 7.84
CA LYS B 256 37.42 -1.29 7.46
C LYS B 256 36.97 -2.03 8.71
N LEU B 257 36.60 -3.29 8.51
CA LEU B 257 36.28 -4.20 9.61
C LEU B 257 37.36 -5.27 9.65
N ARG B 258 38.33 -5.13 10.55
CA ARG B 258 38.48 -3.99 11.46
C ARG B 258 39.94 -3.86 11.88
N TYR B 259 40.35 -2.67 12.30
CA TYR B 259 41.67 -2.48 12.88
C TYR B 259 41.63 -2.86 14.35
N GLU B 260 42.39 -3.89 14.72
CA GLU B 260 42.12 -4.64 15.94
C GLU B 260 42.90 -4.14 17.16
N ASN B 261 44.13 -3.68 17.00
CA ASN B 261 44.93 -3.22 18.14
C ASN B 261 45.59 -1.88 17.80
N GLN B 262 46.26 -1.32 18.81
CA GLN B 262 46.83 0.01 18.66
C GLN B 262 47.99 0.04 17.68
N THR B 263 48.87 -0.97 17.72
CA THR B 263 50.04 -0.95 16.86
C THR B 263 49.65 -1.14 15.39
N GLU B 264 48.55 -1.83 15.14
CA GLU B 264 48.06 -1.95 13.77
C GLU B 264 47.61 -0.59 13.23
N VAL B 265 47.00 0.24 14.08
CA VAL B 265 46.58 1.57 13.65
C VAL B 265 47.80 2.45 13.40
N GLU B 266 48.83 2.31 14.24
CA GLU B 266 50.02 3.15 14.08
C GLU B 266 50.79 2.80 12.82
N LEU B 267 50.83 1.51 12.45
CA LEU B 267 51.47 1.14 11.19
C LEU B 267 50.66 1.59 9.99
N LEU B 268 49.33 1.70 10.15
CA LEU B 268 48.49 2.20 9.07
C LEU B 268 48.82 3.66 8.76
N ALA B 269 48.95 4.48 9.81
CA ALA B 269 49.35 5.87 9.61
C ALA B 269 50.76 5.97 9.04
N GLN B 270 51.65 5.05 9.46
CA GLN B 270 52.99 5.02 8.91
C GLN B 270 52.95 4.69 7.41
N ASN B 271 52.01 3.84 7.00
CA ASN B 271 51.91 3.48 5.59
C ASN B 271 51.40 4.67 4.75
N PHE B 272 50.37 5.36 5.24
CA PHE B 272 49.89 6.55 4.53
C PHE B 272 50.97 7.59 4.42
N HIS B 273 51.78 7.75 5.46
CA HIS B 273 52.83 8.77 5.46
C HIS B 273 53.96 8.39 4.51
N ASP B 274 54.44 7.14 4.58
CA ASP B 274 55.56 6.72 3.75
C ASP B 274 55.20 6.73 2.27
N ARG B 275 53.96 6.36 1.93
CA ARG B 275 53.52 6.33 0.55
C ARG B 275 53.04 7.68 0.04
N ASN B 276 53.03 8.71 0.90
CA ASN B 276 52.60 10.06 0.52
C ASN B 276 51.15 10.05 0.01
N ILE B 277 50.30 9.27 0.67
CA ILE B 277 48.88 9.20 0.34
C ILE B 277 48.12 9.96 1.42
N PRO B 278 47.34 10.98 1.06
CA PRO B 278 46.64 11.77 2.09
C PRO B 278 45.46 10.99 2.67
N VAL B 279 45.25 11.17 3.96
CA VAL B 279 44.10 10.59 4.66
C VAL B 279 43.67 11.57 5.74
N SER B 280 42.35 11.75 5.87
CA SER B 280 41.80 12.74 6.78
C SER B 280 41.25 12.15 8.07
N MET B 281 40.83 10.88 8.06
CA MET B 281 40.29 10.27 9.26
C MET B 281 40.46 8.75 9.20
N ILE B 282 40.89 8.18 10.33
CA ILE B 282 41.01 6.73 10.50
C ILE B 282 39.95 6.32 11.51
N VAL B 283 39.20 5.26 11.18
CA VAL B 283 38.05 4.83 11.97
C VAL B 283 38.36 3.49 12.60
N ILE B 284 38.02 3.36 13.89
CA ILE B 284 38.16 2.11 14.64
C ILE B 284 36.76 1.52 14.81
N ASP B 285 36.59 0.27 14.39
CA ASP B 285 35.28 -0.35 14.35
C ASP B 285 34.89 -0.94 15.69
N TYR B 286 33.88 -1.81 15.70
CA TYR B 286 33.32 -2.36 16.92
C TYR B 286 34.20 -3.48 17.47
N GLN B 287 33.71 -4.16 18.51
CA GLN B 287 34.40 -5.27 19.16
C GLN B 287 35.76 -4.88 19.72
N SER B 288 36.02 -3.58 19.84
CA SER B 288 37.28 -3.08 20.37
C SER B 288 37.21 -2.81 21.87
N TRP B 289 36.14 -3.23 22.52
CA TRP B 289 35.92 -3.04 23.94
C TRP B 289 36.05 -4.38 24.68
N ALA B 290 36.14 -4.29 26.01
CA ALA B 290 36.18 -5.50 26.82
C ALA B 290 34.80 -6.09 27.02
N HIS B 291 33.79 -5.25 27.29
CA HIS B 291 32.43 -5.69 27.49
C HIS B 291 31.47 -4.72 26.82
N GLN B 292 30.30 -5.22 26.44
CA GLN B 292 29.24 -4.39 25.87
C GLN B 292 28.71 -3.46 26.96
N GLY B 293 28.90 -2.16 26.78
CA GLY B 293 28.48 -1.18 27.76
C GLY B 293 29.62 -0.51 28.50
N ASP B 294 30.85 -0.99 28.35
CA ASP B 294 31.99 -0.32 28.96
C ASP B 294 32.25 1.03 28.31
N TRP B 295 32.04 1.11 27.00
CA TRP B 295 32.23 2.34 26.23
C TRP B 295 33.64 2.90 26.42
N ALA B 296 34.61 2.06 26.10
CA ALA B 296 36.03 2.37 26.19
C ALA B 296 36.81 1.28 25.48
N LEU B 297 37.94 1.66 24.89
CA LEU B 297 38.79 0.67 24.23
C LEU B 297 39.42 -0.26 25.25
N ASP B 298 39.44 -1.54 24.92
CA ASP B 298 40.07 -2.54 25.78
C ASP B 298 41.55 -2.23 25.95
N PRO B 299 42.02 -1.94 27.17
CA PRO B 299 43.44 -1.60 27.35
C PRO B 299 44.38 -2.74 26.99
N ARG B 300 43.90 -3.99 26.98
CA ARG B 300 44.75 -5.11 26.61
C ARG B 300 45.16 -5.06 25.13
N LEU B 301 44.43 -4.32 24.31
CA LEU B 301 44.78 -4.13 22.91
C LEU B 301 44.97 -2.67 22.53
N TRP B 302 44.58 -1.73 23.38
CA TRP B 302 44.77 -0.30 23.14
C TRP B 302 45.35 0.32 24.41
N PRO B 303 46.62 0.02 24.71
CA PRO B 303 47.15 0.40 26.03
C PRO B 303 47.26 1.90 26.25
N ASN B 304 47.63 2.67 25.22
CA ASN B 304 47.78 4.12 25.36
C ASN B 304 47.15 4.78 24.14
N VAL B 305 45.88 5.17 24.27
CA VAL B 305 45.17 5.65 23.09
C VAL B 305 45.47 7.13 22.83
N ALA B 306 45.84 7.89 23.86
CA ALA B 306 46.28 9.26 23.63
C ALA B 306 47.58 9.30 22.86
N GLN B 307 48.47 8.34 23.11
CA GLN B 307 49.70 8.24 22.34
C GLN B 307 49.42 7.77 20.92
N MET B 308 48.42 6.91 20.74
CA MET B 308 48.06 6.44 19.41
C MET B 308 47.50 7.56 18.54
N SER B 309 46.56 8.33 19.09
CA SER B 309 45.93 9.39 18.31
C SER B 309 46.93 10.49 17.96
N ALA B 310 47.85 10.79 18.88
CA ALA B 310 48.86 11.82 18.61
C ALA B 310 49.84 11.36 17.55
N ARG B 311 50.21 10.08 17.57
CA ARG B 311 51.13 9.56 16.56
C ARG B 311 50.45 9.52 15.19
N VAL B 312 49.18 9.15 15.13
CA VAL B 312 48.45 9.15 13.87
C VAL B 312 48.33 10.57 13.32
N LYS B 313 48.07 11.54 14.21
CA LYS B 313 47.94 12.92 13.78
C LYS B 313 49.29 13.51 13.38
N ASN B 314 50.38 12.99 13.93
CA ASN B 314 51.69 13.52 13.62
C ASN B 314 52.19 13.02 12.26
N LEU B 315 51.81 11.81 11.86
CA LEU B 315 52.27 11.23 10.59
C LEU B 315 51.38 11.64 9.41
N THR B 316 50.07 11.72 9.63
CA THR B 316 49.13 11.98 8.56
C THR B 316 48.27 13.23 8.77
N GLY B 317 48.27 13.80 9.97
CA GLY B 317 47.34 14.87 10.28
C GLY B 317 45.90 14.45 10.40
N ALA B 318 45.62 13.15 10.26
CA ALA B 318 44.25 12.66 10.26
C ALA B 318 43.67 12.63 11.67
N GLU B 319 42.37 12.88 11.75
CA GLU B 319 41.63 12.69 12.98
C GLU B 319 41.24 11.22 13.13
N MET B 320 40.64 10.87 14.27
CA MET B 320 40.28 9.50 14.54
C MET B 320 38.80 9.41 14.92
N MET B 321 38.21 8.26 14.63
CA MET B 321 36.82 7.97 14.96
C MET B 321 36.74 6.57 15.53
N ALA B 322 35.90 6.40 16.56
CA ALA B 322 35.73 5.11 17.22
C ALA B 322 34.26 4.73 17.26
N SER B 323 34.03 3.42 17.37
CA SER B 323 32.69 2.85 17.30
C SER B 323 32.13 2.56 18.68
N LEU B 324 30.81 2.70 18.80
CA LEU B 324 30.10 2.33 20.02
C LEU B 324 28.72 1.79 19.65
N TRP B 325 28.29 0.75 20.37
CA TRP B 325 26.97 0.17 20.24
C TRP B 325 26.10 0.54 21.45
N PRO B 326 24.78 0.64 21.28
CA PRO B 326 23.92 1.00 22.41
C PRO B 326 23.64 -0.14 23.38
N SER B 327 24.13 -1.34 23.10
CA SER B 327 23.84 -2.50 23.94
C SER B 327 24.77 -2.54 25.16
N VAL B 328 24.23 -3.01 26.28
CA VAL B 328 24.99 -3.23 27.50
C VAL B 328 24.67 -4.63 28.02
N ALA B 329 25.72 -5.35 28.41
CA ALA B 329 25.60 -6.71 28.95
C ALA B 329 25.87 -6.71 30.44
N ASP B 330 25.58 -7.84 31.08
CA ASP B 330 25.79 -7.95 32.52
C ASP B 330 27.27 -7.88 32.87
N ASP B 331 28.14 -8.31 31.97
N ASP B 331 28.14 -8.32 31.96
CA ASP B 331 29.57 -8.29 32.24
CA ASP B 331 29.59 -8.29 32.20
C ASP B 331 30.18 -6.90 32.17
C ASP B 331 30.10 -6.87 32.39
N SER B 332 29.40 -5.87 31.87
CA SER B 332 29.91 -4.51 31.81
C SER B 332 30.13 -3.95 33.21
N VAL B 333 31.17 -3.11 33.33
CA VAL B 333 31.42 -2.39 34.57
C VAL B 333 30.34 -1.36 34.84
N ASN B 334 29.58 -0.95 33.81
CA ASN B 334 28.51 0.01 33.96
C ASN B 334 27.14 -0.63 34.09
N TYR B 335 27.05 -1.96 34.04
CA TYR B 335 25.75 -2.61 34.05
C TYR B 335 24.98 -2.31 35.33
N ALA B 336 25.66 -2.40 36.47
CA ALA B 336 24.99 -2.15 37.75
C ALA B 336 24.52 -0.70 37.84
N ALA B 337 25.36 0.25 37.44
CA ALA B 337 24.98 1.65 37.51
C ALA B 337 23.85 1.98 36.55
N LEU B 338 23.93 1.47 35.32
CA LEU B 338 22.88 1.72 34.34
C LEU B 338 21.57 1.09 34.79
N GLN B 339 21.63 -0.07 35.42
CA GLN B 339 20.42 -0.75 35.88
C GLN B 339 19.77 0.01 37.03
N ALA B 340 20.57 0.52 37.96
CA ALA B 340 20.03 1.13 39.17
C ALA B 340 19.38 2.48 38.88
N ASN B 341 19.96 3.26 37.98
CA ASN B 341 19.44 4.58 37.66
C ASN B 341 18.38 4.57 36.57
N GLY B 342 17.93 3.39 36.14
CA GLY B 342 16.91 3.31 35.12
C GLY B 342 17.30 3.93 33.80
N LEU B 343 18.53 3.68 33.36
CA LEU B 343 19.04 4.22 32.11
C LEU B 343 19.02 3.20 30.98
N LEU B 344 18.32 2.09 31.15
CA LEU B 344 18.23 1.04 30.15
C LEU B 344 16.79 0.85 29.71
N SER B 345 16.58 0.69 28.41
CA SER B 345 15.30 0.22 27.92
C SER B 345 15.11 -1.24 28.31
N ALA B 346 13.86 -1.70 28.19
CA ALA B 346 13.56 -3.08 28.58
C ALA B 346 12.28 -3.53 27.89
N THR B 347 12.25 -4.80 27.49
CA THR B 347 11.00 -5.43 27.12
C THR B 347 10.04 -5.40 28.31
N ARG B 348 8.75 -5.29 28.03
CA ARG B 348 7.78 -4.93 29.05
C ARG B 348 7.38 -6.10 29.95
N ASP B 349 7.88 -7.31 29.67
CA ASP B 349 7.73 -8.41 30.61
C ASP B 349 8.90 -9.37 30.41
N GLY B 350 9.17 -10.17 31.44
CA GLY B 350 10.34 -11.03 31.44
C GLY B 350 11.54 -10.33 32.03
N PRO B 351 12.74 -10.88 31.80
CA PRO B 351 13.95 -10.28 32.37
C PRO B 351 14.20 -8.86 31.89
N GLY B 352 13.75 -8.51 30.69
CA GLY B 352 13.93 -7.18 30.15
C GLY B 352 14.96 -7.06 29.04
N THR B 353 15.66 -8.14 28.71
CA THR B 353 16.63 -8.09 27.62
C THR B 353 15.94 -7.80 26.30
N THR B 354 16.58 -7.01 25.46
CA THR B 354 15.98 -6.56 24.21
C THR B 354 16.50 -7.31 22.99
N ASP B 355 17.72 -7.84 23.05
CA ASP B 355 18.27 -8.61 21.94
C ASP B 355 19.49 -9.39 22.44
N SER B 356 20.32 -9.85 21.52
CA SER B 356 21.54 -10.56 21.86
C SER B 356 22.66 -10.18 20.91
N TRP B 357 23.89 -10.37 21.38
CA TRP B 357 25.10 -10.14 20.59
C TRP B 357 26.29 -10.62 21.39
N ASN B 358 27.29 -11.15 20.68
CA ASN B 358 28.55 -11.58 21.28
C ASN B 358 28.32 -12.67 22.32
N GLY B 359 27.33 -13.53 22.08
CA GLY B 359 27.04 -14.63 22.99
C GLY B 359 26.35 -14.25 24.27
N SER B 360 25.87 -13.02 24.39
CA SER B 360 25.21 -12.55 25.59
C SER B 360 23.91 -11.84 25.21
N TYR B 361 22.89 -12.01 26.04
CA TYR B 361 21.67 -11.24 25.86
C TYR B 361 21.82 -9.88 26.54
N ILE B 362 21.34 -8.84 25.86
CA ILE B 362 21.71 -7.47 26.20
C ILE B 362 20.46 -6.62 26.34
N ARG B 363 20.67 -5.38 26.80
CA ARG B 363 19.64 -4.36 26.90
C ARG B 363 20.19 -3.08 26.29
N ASN B 364 19.40 -2.44 25.43
CA ASN B 364 19.80 -1.18 24.84
C ASN B 364 19.64 -0.06 25.87
N TYR B 365 20.61 0.86 25.88
CA TYR B 365 20.48 2.03 26.73
C TYR B 365 19.36 2.93 26.20
N ASP B 366 18.79 3.73 27.10
CA ASP B 366 17.61 4.54 26.76
C ASP B 366 18.08 5.90 26.28
N SER B 367 18.19 6.06 24.96
CA SER B 367 18.60 7.34 24.40
C SER B 367 17.54 8.42 24.60
N THR B 368 16.29 8.04 24.82
CA THR B 368 15.26 9.03 25.12
C THR B 368 15.36 9.55 26.55
N ASN B 369 16.09 8.84 27.40
CA ASN B 369 16.30 9.28 28.78
C ASN B 369 17.46 10.28 28.82
N PRO B 370 17.22 11.53 29.20
CA PRO B 370 18.33 12.50 29.24
C PRO B 370 19.45 12.10 30.17
N SER B 371 19.15 11.46 31.30
CA SER B 371 20.21 11.00 32.21
C SER B 371 21.06 9.92 31.56
N ALA B 372 20.47 9.08 30.72
CA ALA B 372 21.24 8.05 30.04
C ALA B 372 22.14 8.65 28.97
N ARG B 373 21.64 9.67 28.26
CA ARG B 373 22.48 10.36 27.28
C ARG B 373 23.69 11.01 27.94
N LYS B 374 23.49 11.62 29.11
CA LYS B 374 24.62 12.27 29.78
C LYS B 374 25.57 11.25 30.39
N PHE B 375 25.03 10.13 30.91
CA PHE B 375 25.90 9.05 31.39
C PHE B 375 26.80 8.54 30.27
N LEU B 376 26.26 8.45 29.05
CA LEU B 376 27.03 7.88 27.95
C LEU B 376 28.10 8.83 27.46
N TRP B 377 27.82 10.13 27.45
CA TRP B 377 28.85 11.09 27.05
C TRP B 377 29.98 11.16 28.08
N SER B 378 29.65 11.00 29.36
CA SER B 378 30.69 10.98 30.39
C SER B 378 31.69 9.85 30.16
N MET B 379 31.23 8.73 29.57
CA MET B 379 32.13 7.65 29.23
C MET B 379 32.94 7.98 27.98
N LEU B 380 32.27 8.50 26.96
CA LEU B 380 32.95 8.79 25.70
C LEU B 380 33.94 9.94 25.87
N LYS B 381 33.58 10.97 26.64
CA LYS B 381 34.51 12.08 26.82
C LYS B 381 35.70 11.67 27.67
N LYS B 382 35.49 10.79 28.66
CA LYS B 382 36.60 10.36 29.50
C LYS B 382 37.54 9.42 28.76
N ASN B 383 36.99 8.50 27.97
CA ASN B 383 37.77 7.43 27.35
C ASN B 383 38.14 7.69 25.90
N TYR B 384 37.53 8.67 25.25
CA TYR B 384 37.84 8.94 23.84
C TYR B 384 38.17 10.41 23.60
N TYR B 385 37.20 11.30 23.84
CA TYR B 385 37.35 12.70 23.46
C TYR B 385 38.55 13.34 24.15
N ASP B 386 38.72 13.10 25.45
CA ASP B 386 39.87 13.62 26.18
C ASP B 386 41.15 12.83 25.91
N LYS B 387 41.14 11.93 24.92
CA LYS B 387 42.32 11.13 24.60
C LYS B 387 42.63 11.13 23.10
N GLY B 388 42.11 12.11 22.36
CA GLY B 388 42.47 12.30 20.96
C GLY B 388 41.50 11.71 19.95
N ILE B 389 40.53 10.92 20.38
CA ILE B 389 39.50 10.39 19.50
C ILE B 389 38.24 11.20 19.72
N LYS B 390 38.01 12.21 18.88
CA LYS B 390 36.94 13.18 19.10
C LYS B 390 35.82 13.09 18.07
N ASN B 391 35.81 12.04 17.24
CA ASN B 391 34.69 11.77 16.35
C ASN B 391 34.17 10.37 16.66
N PHE B 392 32.86 10.19 16.55
CA PHE B 392 32.22 8.98 17.08
C PHE B 392 31.35 8.31 16.05
N TRP B 393 31.41 6.98 16.04
CA TRP B 393 30.66 6.14 15.11
C TRP B 393 29.55 5.47 15.92
N ILE B 394 28.34 6.04 15.86
CA ILE B 394 27.20 5.57 16.65
C ILE B 394 26.48 4.53 15.79
N ASP B 395 26.94 3.28 15.88
CA ASP B 395 26.51 2.20 15.02
C ASP B 395 25.44 1.35 15.69
N GLN B 396 24.62 0.70 14.87
CA GLN B 396 23.68 -0.34 15.32
C GLN B 396 22.66 0.21 16.31
N ALA B 397 22.20 1.44 16.08
CA ALA B 397 21.25 2.10 16.96
C ALA B 397 19.91 2.35 16.28
N ASP B 398 19.40 1.35 15.56
CA ASP B 398 18.14 1.52 14.86
C ASP B 398 16.97 1.64 15.82
N GLY B 399 17.05 0.99 16.97
CA GLY B 399 15.99 1.07 17.96
C GLY B 399 15.23 -0.24 18.08
N GLY B 400 14.76 -0.52 19.29
CA GLY B 400 14.04 -1.76 19.56
C GLY B 400 14.97 -2.94 19.74
N ALA B 401 15.15 -3.72 18.68
CA ALA B 401 16.15 -4.78 18.67
C ALA B 401 17.54 -4.16 18.47
N LEU B 402 18.54 -4.98 18.22
CA LEU B 402 19.91 -4.49 18.05
C LEU B 402 20.25 -4.37 16.57
N GLY B 403 19.54 -3.47 15.90
CA GLY B 403 19.91 -3.01 14.58
C GLY B 403 19.37 -3.80 13.40
N GLU B 404 18.76 -4.96 13.63
CA GLU B 404 18.29 -5.80 12.54
C GLU B 404 16.79 -6.02 12.63
N ALA B 405 16.21 -6.49 11.52
CA ALA B 405 14.79 -6.78 11.44
C ALA B 405 14.43 -8.15 12.00
N TYR B 406 15.39 -8.84 12.62
CA TYR B 406 15.16 -10.12 13.25
C TYR B 406 15.74 -10.10 14.66
N GLU B 407 15.16 -10.92 15.54
CA GLU B 407 15.66 -11.00 16.89
C GLU B 407 16.75 -12.06 17.01
N ASN B 408 17.40 -12.09 18.17
CA ASN B 408 18.47 -13.05 18.48
C ASN B 408 19.69 -12.81 17.59
N ASN B 409 20.09 -11.55 17.48
CA ASN B 409 21.24 -11.19 16.66
C ASN B 409 22.49 -11.89 17.16
N GLY B 410 23.42 -12.12 16.24
CA GLY B 410 24.67 -12.79 16.55
C GLY B 410 24.59 -14.31 16.60
N GLN B 411 23.39 -14.88 16.59
CA GLN B 411 23.21 -16.32 16.63
C GLN B 411 23.13 -16.85 15.20
N SER B 412 22.83 -18.14 15.05
CA SER B 412 22.77 -18.75 13.73
C SER B 412 21.69 -18.10 12.88
N THR B 413 21.88 -18.17 11.56
CA THR B 413 20.90 -17.59 10.65
C THR B 413 19.57 -18.33 10.71
N TYR B 414 19.60 -19.62 11.07
CA TYR B 414 18.35 -20.35 11.26
C TYR B 414 17.55 -19.78 12.42
N ILE B 415 18.22 -19.56 13.56
CA ILE B 415 17.54 -18.98 14.72
C ILE B 415 17.09 -17.55 14.40
N GLU B 416 17.95 -16.78 13.72
CA GLU B 416 17.58 -15.42 13.33
C GLU B 416 16.35 -15.42 12.43
N SER B 417 16.16 -16.47 11.64
CA SER B 417 15.01 -16.54 10.74
C SER B 417 13.72 -16.96 11.45
N ILE B 418 13.82 -17.52 12.65
CA ILE B 418 12.62 -17.87 13.40
C ILE B 418 11.86 -16.59 13.75
N PRO B 419 10.56 -16.50 13.45
CA PRO B 419 9.83 -15.22 13.56
C PRO B 419 9.50 -14.84 15.00
N PHE B 420 10.54 -14.59 15.79
CA PHE B 420 10.34 -13.96 17.09
C PHE B 420 9.92 -12.50 16.88
N THR B 421 8.87 -12.09 17.58
CA THR B 421 8.31 -10.76 17.37
C THR B 421 9.29 -9.68 17.80
N LEU B 422 9.36 -8.61 17.01
CA LEU B 422 10.21 -7.49 17.36
C LEU B 422 9.71 -6.83 18.64
N PRO B 423 10.60 -6.34 19.50
CA PRO B 423 10.19 -5.98 20.87
C PRO B 423 9.53 -4.61 20.93
N ASN B 424 8.38 -4.56 21.61
CA ASN B 424 7.74 -3.30 21.98
C ASN B 424 8.26 -2.93 23.36
N VAL B 425 9.43 -2.28 23.40
CA VAL B 425 10.15 -2.05 24.64
C VAL B 425 9.59 -0.86 25.40
N ASN B 426 9.99 -0.71 26.65
CA ASN B 426 9.67 0.46 27.46
C ASN B 426 10.81 1.47 27.35
N TYR B 427 10.47 2.70 27.02
CA TYR B 427 11.41 3.82 27.06
C TYR B 427 10.95 4.81 28.12
N ALA B 428 11.80 5.81 28.36
CA ALA B 428 11.42 6.90 29.26
C ALA B 428 10.41 7.84 28.60
N ALA B 429 10.34 7.83 27.26
CA ALA B 429 9.45 8.72 26.53
C ALA B 429 8.21 8.01 25.99
N GLY B 430 8.08 6.72 26.22
CA GLY B 430 6.95 5.96 25.71
C GLY B 430 7.36 4.53 25.44
N THR B 431 6.59 3.86 24.60
CA THR B 431 6.91 2.51 24.15
C THR B 431 7.46 2.53 22.73
N GLN B 432 7.96 1.37 22.30
CA GLN B 432 8.49 1.26 20.94
C GLN B 432 7.42 1.59 19.91
N LEU B 433 6.17 1.18 20.17
CA LEU B 433 5.10 1.45 19.21
C LEU B 433 4.68 2.91 19.22
N SER B 434 4.88 3.61 20.33
CA SER B 434 4.40 4.99 20.46
C SER B 434 5.47 6.04 20.22
N VAL B 435 6.76 5.71 20.38
CA VAL B 435 7.81 6.72 20.35
C VAL B 435 9.09 6.14 19.74
N GLY B 436 9.00 4.91 19.21
CA GLY B 436 10.19 4.20 18.81
C GLY B 436 11.04 4.93 17.78
N LYS B 437 10.41 5.65 16.86
CA LYS B 437 11.16 6.35 15.82
C LYS B 437 12.10 7.41 16.36
N LEU B 438 11.95 7.78 17.64
CA LEU B 438 12.81 8.79 18.25
C LEU B 438 14.17 8.23 18.64
N TYR B 439 14.28 6.91 18.83
CA TYR B 439 15.49 6.35 19.43
C TYR B 439 16.77 6.72 18.69
N PRO B 440 16.90 6.47 17.38
CA PRO B 440 18.16 6.87 16.71
C PRO B 440 18.34 8.37 16.63
N TRP B 441 17.24 9.12 16.52
CA TRP B 441 17.31 10.58 16.53
C TRP B 441 17.87 11.11 17.84
N ALA B 442 17.40 10.55 18.97
CA ALA B 442 17.92 10.94 20.28
C ALA B 442 19.33 10.40 20.52
N HIS B 443 19.71 9.33 19.84
CA HIS B 443 21.10 8.84 19.95
C HIS B 443 22.07 9.80 19.30
N GLN B 444 21.73 10.30 18.11
CA GLN B 444 22.51 11.38 17.51
C GLN B 444 22.56 12.59 18.42
N GLN B 445 21.42 12.94 19.03
CA GLN B 445 21.35 14.09 19.92
C GLN B 445 22.30 13.93 21.10
N ALA B 446 22.50 12.70 21.57
CA ALA B 446 23.41 12.46 22.69
C ALA B 446 24.82 12.92 22.35
N ILE B 447 25.27 12.65 21.12
CA ILE B 447 26.62 13.05 20.73
C ILE B 447 26.66 14.53 20.37
N GLU B 448 25.59 15.06 19.78
CA GLU B 448 25.53 16.49 19.48
C GLU B 448 25.61 17.33 20.74
N GLU B 449 24.87 16.95 21.79
CA GLU B 449 24.92 17.67 23.04
C GLU B 449 26.32 17.63 23.65
N GLY B 450 27.00 16.49 23.53
CA GLY B 450 28.36 16.39 24.03
C GLY B 450 29.34 17.23 23.23
N PHE B 451 29.23 17.17 21.89
CA PHE B 451 30.08 18.00 21.05
C PHE B 451 29.92 19.48 21.38
N ARG B 452 28.67 19.97 21.36
CA ARG B 452 28.43 21.39 21.58
C ARG B 452 28.81 21.82 22.99
N ASN B 453 28.79 20.89 23.94
CA ASN B 453 29.16 21.23 25.31
C ASN B 453 30.67 21.38 25.45
N ALA B 454 31.43 20.51 24.82
CA ALA B 454 32.89 20.57 24.93
C ALA B 454 33.44 21.81 24.24
N THR B 455 32.87 22.17 23.10
CA THR B 455 33.36 23.30 22.31
C THR B 455 32.68 24.61 22.68
N ASP B 456 31.70 24.58 23.58
CA ASP B 456 30.95 25.77 24.00
C ASP B 456 30.40 26.52 22.79
N THR B 457 29.75 25.77 21.90
CA THR B 457 29.15 26.31 20.69
C THR B 457 27.68 25.89 20.66
N LYS B 458 26.84 26.70 20.03
CA LYS B 458 25.43 26.40 19.90
C LYS B 458 25.17 25.51 18.70
N GLU B 459 24.13 24.69 18.82
CA GLU B 459 23.71 23.81 17.73
C GLU B 459 23.35 24.62 16.50
N GLY B 460 23.72 24.10 15.33
CA GLY B 460 23.51 24.78 14.07
C GLY B 460 24.71 25.56 13.57
N SER B 461 25.63 25.92 14.47
CA SER B 461 26.85 26.61 14.07
C SER B 461 27.86 25.61 13.52
N ALA B 462 29.04 26.11 13.17
CA ALA B 462 30.05 25.27 12.55
C ALA B 462 30.46 24.13 13.47
N CYS B 463 30.59 22.94 12.91
CA CYS B 463 31.00 21.76 13.66
C CYS B 463 32.52 21.68 13.72
N ASP B 464 33.04 21.26 14.87
CA ASP B 464 34.44 20.89 14.98
C ASP B 464 34.65 19.41 14.77
N HIS B 465 33.65 18.60 15.07
CA HIS B 465 33.73 17.15 14.95
C HIS B 465 32.40 16.64 14.41
N VAL B 466 32.41 15.39 13.94
CA VAL B 466 31.22 14.76 13.35
C VAL B 466 30.98 13.42 14.02
N SER B 467 29.79 12.87 13.76
CA SER B 467 29.44 11.53 14.16
C SER B 467 28.89 10.78 12.96
N LEU B 468 29.10 9.46 12.96
CA LEU B 468 28.66 8.58 11.87
C LEU B 468 27.53 7.70 12.39
N SER B 469 26.32 7.92 11.88
CA SER B 469 25.13 7.22 12.33
C SER B 469 24.53 6.40 11.20
N ARG B 470 23.87 5.30 11.56
CA ARG B 470 23.22 4.44 10.60
C ARG B 470 21.71 4.62 10.55
N SER B 471 21.17 5.53 11.36
CA SER B 471 19.73 5.74 11.40
C SER B 471 19.44 7.17 11.84
N GLY B 472 18.17 7.52 11.81
CA GLY B 472 17.76 8.87 12.17
C GLY B 472 16.27 9.03 11.98
N TYR B 473 15.82 10.28 11.86
CA TYR B 473 14.40 10.53 11.66
C TYR B 473 14.23 11.96 11.15
N ILE B 474 13.04 12.52 11.39
CA ILE B 474 12.71 13.86 10.91
C ILE B 474 13.67 14.87 11.51
N GLY B 475 14.28 15.69 10.64
CA GLY B 475 15.17 16.73 11.11
C GLY B 475 16.51 16.26 11.61
N SER B 476 16.93 15.04 11.24
CA SER B 476 18.24 14.54 11.65
C SER B 476 19.38 15.37 11.07
N GLN B 477 19.12 16.17 10.04
CA GLN B 477 20.16 16.98 9.43
C GLN B 477 20.66 18.10 10.34
N ARG B 478 19.98 18.36 11.46
CA ARG B 478 20.38 19.42 12.37
C ARG B 478 21.62 19.08 13.18
N PHE B 479 22.10 17.83 13.12
CA PHE B 479 23.21 17.38 13.95
C PHE B 479 24.51 17.35 13.16
N CYS B 480 25.62 17.49 13.87
CA CYS B 480 26.93 17.21 13.29
C CYS B 480 27.06 15.72 13.04
N SER B 481 26.23 15.17 12.16
CA SER B 481 26.11 13.73 12.01
C SER B 481 25.82 13.39 10.56
N MET B 482 26.50 12.37 10.06
CA MET B 482 26.30 11.89 8.70
C MET B 482 25.73 10.48 8.74
N ILE B 483 24.79 10.20 7.84
CA ILE B 483 24.15 8.89 7.75
C ILE B 483 24.74 8.13 6.59
N TRP B 484 24.91 6.81 6.77
CA TRP B 484 25.38 5.94 5.70
C TRP B 484 24.42 4.77 5.54
N SER B 485 24.39 4.21 4.32
CA SER B 485 23.32 3.31 3.90
C SER B 485 23.38 1.93 4.56
N GLY B 486 24.30 1.68 5.48
CA GLY B 486 24.28 0.44 6.22
C GLY B 486 24.96 -0.71 5.49
N ASP B 487 24.63 -1.92 5.93
CA ASP B 487 25.29 -3.13 5.45
C ASP B 487 24.77 -3.52 4.07
N THR B 488 25.66 -3.49 3.09
CA THR B 488 25.34 -3.80 1.71
C THR B 488 26.23 -4.94 1.24
N THR B 489 25.76 -5.65 0.20
CA THR B 489 26.52 -6.74 -0.39
C THR B 489 27.49 -6.21 -1.44
N SER B 490 28.66 -6.83 -1.53
CA SER B 490 29.69 -6.39 -2.46
C SER B 490 29.49 -7.08 -3.82
N VAL B 491 28.47 -6.62 -4.54
CA VAL B 491 28.16 -7.08 -5.89
C VAL B 491 27.78 -5.86 -6.73
N TRP B 492 27.67 -6.10 -8.04
CA TRP B 492 27.43 -4.98 -8.96
C TRP B 492 26.03 -4.39 -8.78
N ASP B 493 25.01 -5.23 -8.60
CA ASP B 493 23.66 -4.71 -8.48
C ASP B 493 23.50 -3.81 -7.26
N THR B 494 24.24 -4.09 -6.19
CA THR B 494 24.13 -3.26 -4.99
C THR B 494 24.62 -1.84 -5.25
N LEU B 495 25.71 -1.69 -6.02
CA LEU B 495 26.23 -0.36 -6.31
C LEU B 495 25.21 0.49 -7.05
N ALA B 496 24.41 -0.11 -7.92
CA ALA B 496 23.40 0.65 -8.65
C ALA B 496 22.25 1.06 -7.75
N VAL B 497 21.94 0.26 -6.72
CA VAL B 497 20.79 0.54 -5.87
C VAL B 497 21.09 1.66 -4.86
N GLN B 498 22.36 1.83 -4.48
CA GLN B 498 22.70 2.81 -3.46
C GLN B 498 22.40 4.24 -3.91
N VAL B 499 22.45 4.51 -5.21
CA VAL B 499 22.26 5.88 -5.69
C VAL B 499 20.87 6.39 -5.35
N ALA B 500 19.84 5.59 -5.65
CA ALA B 500 18.48 6.02 -5.38
C ALA B 500 18.22 6.19 -3.89
N SER B 501 18.92 5.42 -3.06
CA SER B 501 18.77 5.58 -1.61
C SER B 501 19.29 6.95 -1.16
N GLY B 502 20.44 7.37 -1.68
CA GLY B 502 20.97 8.68 -1.32
C GLY B 502 20.17 9.82 -1.91
N LEU B 503 19.54 9.61 -3.06
CA LEU B 503 18.69 10.65 -3.64
C LEU B 503 17.39 10.79 -2.85
N SER B 504 16.86 9.68 -2.35
CA SER B 504 15.67 9.74 -1.50
C SER B 504 16.00 10.43 -0.17
N ALA B 505 17.20 10.20 0.36
CA ALA B 505 17.61 10.89 1.58
C ALA B 505 17.68 12.39 1.36
N ALA B 506 18.10 12.80 0.15
CA ALA B 506 18.15 14.23 -0.16
C ALA B 506 16.76 14.85 -0.15
N ALA B 507 15.77 14.13 -0.68
CA ALA B 507 14.40 14.64 -0.67
C ALA B 507 13.79 14.61 0.72
N THR B 508 14.34 13.80 1.64
CA THR B 508 13.89 13.79 3.02
C THR B 508 14.49 14.94 3.83
N GLY B 509 15.53 15.59 3.31
CA GLY B 509 16.19 16.68 4.00
C GLY B 509 17.58 16.35 4.49
N TRP B 510 18.09 15.15 4.20
CA TRP B 510 19.39 14.71 4.69
C TRP B 510 20.43 14.94 3.60
N GLY B 511 21.44 15.75 3.92
CA GLY B 511 22.50 16.04 2.97
C GLY B 511 23.79 15.28 3.26
N TRP B 512 24.11 15.10 4.54
CA TRP B 512 25.33 14.41 4.96
C TRP B 512 25.10 12.90 4.84
N TRP B 513 25.28 12.39 3.63
CA TRP B 513 25.01 10.99 3.31
C TRP B 513 26.22 10.37 2.62
N THR B 514 26.41 9.07 2.85
CA THR B 514 27.55 8.35 2.28
C THR B 514 27.24 6.87 2.26
N VAL B 515 28.21 6.08 1.77
CA VAL B 515 28.08 4.63 1.63
C VAL B 515 29.39 3.99 2.08
N ASP B 516 29.43 2.65 2.02
CA ASP B 516 30.66 1.89 2.16
C ASP B 516 31.24 1.66 0.76
N ALA B 517 32.38 2.28 0.49
CA ALA B 517 33.03 2.13 -0.81
C ALA B 517 33.41 0.67 -1.03
N GLY B 518 32.76 0.03 -2.00
CA GLY B 518 33.01 -1.37 -2.30
C GLY B 518 32.05 -2.34 -1.67
N GLY B 519 31.02 -1.86 -0.98
CA GLY B 519 30.11 -2.71 -0.25
C GLY B 519 30.67 -3.11 1.10
N PHE B 520 29.83 -3.81 1.87
CA PHE B 520 30.21 -4.27 3.19
C PHE B 520 30.29 -5.79 3.28
N GLU B 521 29.20 -6.49 3.00
CA GLU B 521 29.15 -7.94 3.18
C GLU B 521 29.53 -8.68 1.91
N VAL B 522 30.09 -9.87 2.08
CA VAL B 522 30.34 -10.77 0.98
C VAL B 522 29.03 -11.45 0.59
N ASP B 523 28.74 -11.49 -0.70
CA ASP B 523 27.62 -12.28 -1.20
C ASP B 523 28.09 -13.72 -1.39
N SER B 524 27.52 -14.64 -0.61
CA SER B 524 28.00 -16.02 -0.63
C SER B 524 27.69 -16.72 -1.95
N THR B 525 26.71 -16.23 -2.71
CA THR B 525 26.39 -16.84 -3.99
C THR B 525 27.26 -16.35 -5.13
N VAL B 526 28.03 -15.29 -4.92
CA VAL B 526 28.96 -14.75 -5.90
C VAL B 526 30.36 -15.03 -5.38
N TRP B 527 31.08 -15.94 -6.06
CA TRP B 527 32.30 -16.49 -5.50
C TRP B 527 33.36 -15.42 -5.26
N TRP B 528 33.44 -14.42 -6.13
CA TRP B 528 34.47 -13.39 -6.03
C TRP B 528 34.08 -12.23 -5.12
N SER B 529 32.85 -12.22 -4.60
CA SER B 529 32.34 -11.08 -3.85
C SER B 529 33.24 -10.77 -2.65
N GLY B 530 33.73 -9.54 -2.60
CA GLY B 530 34.52 -9.07 -1.47
C GLY B 530 35.96 -9.55 -1.45
N ASN B 531 36.39 -10.32 -2.45
CA ASN B 531 37.75 -10.85 -2.47
C ASN B 531 38.67 -9.82 -3.10
N ILE B 532 39.49 -9.17 -2.27
CA ILE B 532 40.38 -8.11 -2.74
C ILE B 532 41.52 -8.63 -3.61
N ASP B 533 41.70 -9.95 -3.69
CA ASP B 533 42.76 -10.53 -4.50
C ASP B 533 42.27 -11.03 -5.86
N THR B 534 40.96 -11.02 -6.12
CA THR B 534 40.50 -11.43 -7.43
C THR B 534 40.32 -10.21 -8.34
N PRO B 535 40.60 -10.36 -9.63
CA PRO B 535 40.38 -9.23 -10.55
C PRO B 535 38.92 -8.83 -10.64
N GLU B 536 37.99 -9.76 -10.39
CA GLU B 536 36.57 -9.45 -10.48
C GLU B 536 36.16 -8.42 -9.44
N TYR B 537 36.52 -8.64 -8.18
CA TYR B 537 36.14 -7.67 -7.16
C TYR B 537 37.04 -6.43 -7.18
N ARG B 538 38.30 -6.59 -7.59
CA ARG B 538 39.16 -5.42 -7.75
C ARG B 538 38.56 -4.43 -8.73
N GLU B 539 37.94 -4.94 -9.81
CA GLU B 539 37.25 -4.06 -10.75
C GLU B 539 36.07 -3.38 -10.09
N LEU B 540 35.26 -4.15 -9.35
CA LEU B 540 34.10 -3.58 -8.67
C LEU B 540 34.50 -2.50 -7.68
N TYR B 541 35.55 -2.74 -6.90
CA TYR B 541 35.95 -1.76 -5.88
C TYR B 541 36.41 -0.45 -6.51
N VAL B 542 37.16 -0.52 -7.61
CA VAL B 542 37.67 0.69 -8.24
C VAL B 542 36.52 1.51 -8.82
N ARG B 543 35.52 0.85 -9.39
CA ARG B 543 34.32 1.56 -9.82
C ARG B 543 33.60 2.19 -8.63
N TRP B 544 33.49 1.45 -7.53
CA TRP B 544 32.76 1.93 -6.36
C TRP B 544 33.51 3.07 -5.68
N LEU B 545 34.82 2.88 -5.45
CA LEU B 545 35.62 3.92 -4.81
C LEU B 545 35.61 5.21 -5.64
N ALA B 546 35.58 5.08 -6.96
CA ALA B 546 35.52 6.26 -7.82
C ALA B 546 34.23 7.03 -7.60
N TRP B 547 33.13 6.32 -7.37
CA TRP B 547 31.85 7.00 -7.16
C TRP B 547 31.83 7.78 -5.86
N THR B 548 32.42 7.22 -4.79
CA THR B 548 32.40 7.90 -3.50
C THR B 548 33.14 9.22 -3.52
N THR B 549 33.99 9.45 -4.54
CA THR B 549 34.62 10.76 -4.69
C THR B 549 33.57 11.84 -4.89
N PHE B 550 32.47 11.52 -5.56
CA PHE B 550 31.43 12.51 -5.84
C PHE B 550 30.20 12.24 -4.98
N LEU B 551 30.42 12.09 -3.68
CA LEU B 551 29.39 11.94 -2.67
C LEU B 551 29.67 12.90 -1.54
N PRO B 552 28.65 13.24 -0.73
CA PRO B 552 28.89 14.21 0.35
C PRO B 552 30.06 13.85 1.24
N PHE B 553 30.31 12.57 1.46
CA PHE B 553 31.49 12.13 2.20
C PHE B 553 32.09 10.91 1.51
N MET B 554 33.40 10.96 1.29
CA MET B 554 34.14 9.89 0.64
C MET B 554 34.73 9.00 1.73
N ARG B 555 34.20 7.78 1.84
CA ARG B 555 34.64 6.87 2.89
C ARG B 555 34.63 5.44 2.38
N THR B 556 35.70 4.71 2.67
CA THR B 556 35.79 3.28 2.37
C THR B 556 35.65 2.48 3.65
N HIS B 557 35.00 1.33 3.55
CA HIS B 557 34.74 0.45 4.68
C HIS B 557 34.18 -0.85 4.14
N GLY B 558 34.36 -1.92 4.90
CA GLY B 558 33.79 -3.19 4.52
C GLY B 558 34.47 -4.34 5.23
N SER B 559 33.85 -5.50 5.10
CA SER B 559 34.36 -6.76 5.64
C SER B 559 34.77 -7.61 4.45
N ARG B 560 36.04 -7.52 4.08
CA ARG B 560 36.53 -8.17 2.87
C ARG B 560 36.95 -9.61 3.16
N THR B 561 37.03 -10.39 2.08
CA THR B 561 37.67 -11.68 2.09
C THR B 561 38.89 -11.60 1.16
N CYS B 562 39.76 -12.60 1.26
CA CYS B 562 41.03 -12.51 0.54
C CYS B 562 41.69 -13.88 0.48
N TYR B 563 42.68 -14.00 -0.42
CA TYR B 563 43.52 -15.18 -0.51
C TYR B 563 44.78 -15.08 0.33
N PHE B 564 45.22 -13.86 0.65
CA PHE B 564 46.39 -13.64 1.47
C PHE B 564 46.06 -12.64 2.56
N GLN B 565 46.35 -13.00 3.81
CA GLN B 565 46.01 -12.20 4.97
C GLN B 565 47.25 -12.03 5.84
N ASP B 566 47.47 -10.80 6.30
CA ASP B 566 48.62 -10.49 7.16
C ASP B 566 48.20 -9.61 8.34
N ALA B 567 46.94 -9.70 8.73
CA ALA B 567 46.42 -8.93 9.86
C ALA B 567 45.22 -9.66 10.43
N TYR B 568 44.51 -9.00 11.36
CA TYR B 568 43.34 -9.60 11.98
C TYR B 568 42.24 -9.85 10.97
N THR B 569 42.08 -8.96 10.00
CA THR B 569 41.10 -9.09 8.93
C THR B 569 41.77 -8.82 7.59
N CYS B 570 41.07 -9.13 6.51
CA CYS B 570 41.57 -8.79 5.19
C CYS B 570 41.62 -7.28 5.00
N ALA B 571 42.52 -6.83 4.13
CA ALA B 571 42.80 -5.41 4.04
C ALA B 571 41.78 -4.68 3.19
N ASN B 572 41.76 -3.34 3.34
CA ASN B 572 40.88 -2.48 2.58
C ASN B 572 41.53 -1.13 2.31
N GLU B 573 42.84 -1.12 2.17
CA GLU B 573 43.63 0.09 1.97
C GLU B 573 43.81 0.38 0.49
N PRO B 574 44.09 1.63 0.12
CA PRO B 574 44.21 1.98 -1.30
C PRO B 574 45.32 1.22 -2.03
N TRP B 575 46.24 0.57 -1.33
CA TRP B 575 47.29 -0.21 -1.95
C TRP B 575 47.04 -1.72 -1.88
N SER B 576 45.83 -2.13 -1.49
CA SER B 576 45.54 -3.53 -1.23
C SER B 576 44.79 -4.20 -2.39
N TYR B 577 44.67 -3.52 -3.53
CA TYR B 577 43.85 -4.01 -4.63
C TYR B 577 44.67 -4.23 -5.90
N GLY B 578 45.93 -4.58 -5.75
CA GLY B 578 46.78 -4.80 -6.91
C GLY B 578 47.63 -3.60 -7.23
N ALA B 579 48.84 -3.87 -7.73
CA ALA B 579 49.78 -2.79 -8.03
C ALA B 579 49.25 -1.87 -9.12
N SER B 580 48.52 -2.41 -10.09
CA SER B 580 48.00 -1.57 -11.18
C SER B 580 46.87 -0.67 -10.70
N ASN B 581 46.16 -1.06 -9.65
CA ASN B 581 45.00 -0.30 -9.18
C ASN B 581 45.36 0.76 -8.15
N THR B 582 46.50 0.62 -7.47
CA THR B 582 46.91 1.63 -6.49
C THR B 582 46.97 3.04 -7.06
N PRO B 583 47.58 3.30 -8.22
CA PRO B 583 47.57 4.68 -8.74
C PRO B 583 46.17 5.16 -9.12
N ILE B 584 45.26 4.26 -9.49
CA ILE B 584 43.90 4.69 -9.81
C ILE B 584 43.19 5.18 -8.55
N ILE B 585 43.31 4.42 -7.46
CA ILE B 585 42.64 4.79 -6.23
C ILE B 585 43.24 6.08 -5.67
N VAL B 586 44.57 6.21 -5.70
CA VAL B 586 45.21 7.39 -5.15
C VAL B 586 44.88 8.62 -5.98
N SER B 587 44.66 8.45 -7.29
CA SER B 587 44.28 9.57 -8.12
C SER B 587 42.92 10.14 -7.70
N TYR B 588 41.96 9.26 -7.40
CA TYR B 588 40.67 9.74 -6.93
C TYR B 588 40.75 10.32 -5.53
N ILE B 589 41.69 9.84 -4.71
CA ILE B 589 41.93 10.46 -3.41
C ILE B 589 42.42 11.89 -3.59
N HIS B 590 43.36 12.10 -4.51
CA HIS B 590 43.85 13.44 -4.78
C HIS B 590 42.76 14.31 -5.40
N LEU B 591 41.96 13.74 -6.30
CA LEU B 591 40.85 14.49 -6.89
C LEU B 591 39.86 14.94 -5.82
N ARG B 592 39.63 14.10 -4.80
CA ARG B 592 38.73 14.47 -3.72
C ARG B 592 39.21 15.73 -3.00
N TYR B 593 40.50 15.77 -2.67
CA TYR B 593 41.05 16.97 -2.03
C TYR B 593 41.08 18.15 -2.98
N GLN B 594 41.18 17.89 -4.28
CA GLN B 594 41.15 18.97 -5.26
C GLN B 594 39.78 19.62 -5.33
N LEU B 595 38.72 18.88 -5.00
CA LEU B 595 37.37 19.40 -4.97
C LEU B 595 37.01 20.04 -3.63
N GLY B 596 38.00 20.34 -2.80
CA GLY B 596 37.71 20.83 -1.45
C GLY B 596 36.96 22.14 -1.44
N ALA B 597 37.34 23.07 -2.33
CA ALA B 597 36.63 24.34 -2.41
C ALA B 597 35.18 24.14 -2.86
N TYR B 598 34.97 23.28 -3.85
CA TYR B 598 33.63 22.99 -4.32
C TYR B 598 32.79 22.31 -3.24
N LEU B 599 33.40 21.39 -2.49
CA LEU B 599 32.67 20.68 -1.43
C LEU B 599 32.24 21.64 -0.32
N LYS B 600 33.17 22.44 0.19
CA LYS B 600 32.83 23.35 1.27
C LYS B 600 31.82 24.39 0.84
N SER B 601 31.79 24.72 -0.46
CA SER B 601 30.83 25.70 -0.95
C SER B 601 29.42 25.12 -1.02
N ILE B 602 29.28 23.88 -1.51
CA ILE B 602 27.96 23.29 -1.60
C ILE B 602 27.46 22.81 -0.24
N PHE B 603 28.37 22.44 0.66
CA PHE B 603 27.96 22.11 2.02
C PHE B 603 27.49 23.36 2.77
N ASN B 604 28.01 24.53 2.42
CA ASN B 604 27.60 25.77 3.08
C ASN B 604 26.22 26.20 2.63
N GLN B 605 25.90 26.03 1.34
CA GLN B 605 24.58 26.37 0.86
C GLN B 605 23.52 25.43 1.44
N PHE B 606 23.87 24.16 1.65
CA PHE B 606 22.98 23.25 2.37
C PHE B 606 22.75 23.74 3.80
N HIS B 607 23.76 24.39 4.38
CA HIS B 607 23.63 24.89 5.74
C HIS B 607 22.75 26.14 5.81
N LEU B 608 22.69 26.92 4.74
CA LEU B 608 21.95 28.18 4.71
C LEU B 608 20.53 28.02 4.18
N THR B 609 20.36 27.23 3.13
CA THR B 609 19.09 27.12 2.42
C THR B 609 18.49 25.71 2.47
N GLY B 610 19.24 24.74 2.98
CA GLY B 610 18.85 23.36 2.75
C GLY B 610 19.03 22.97 1.31
N ARG B 611 19.94 23.65 0.61
CA ARG B 611 20.27 23.37 -0.78
C ARG B 611 20.83 21.95 -0.90
N SER B 612 20.10 21.07 -1.57
CA SER B 612 20.49 19.67 -1.63
C SER B 612 21.86 19.50 -2.26
N ILE B 613 22.68 18.65 -1.65
CA ILE B 613 24.05 18.44 -2.11
C ILE B 613 24.05 17.52 -3.32
N MET B 614 23.69 16.24 -3.13
CA MET B 614 23.46 15.36 -4.27
C MET B 614 22.00 15.45 -4.66
N ARG B 615 21.75 15.70 -5.94
CA ARG B 615 20.48 16.23 -6.41
C ARG B 615 19.86 15.33 -7.46
N PRO B 616 18.68 14.75 -7.22
CA PRO B 616 17.97 14.05 -8.31
C PRO B 616 17.64 15.00 -9.44
N LEU B 617 17.53 14.45 -10.64
CA LEU B 617 17.46 15.26 -11.86
C LEU B 617 16.21 16.10 -11.95
N TYR B 618 15.13 15.74 -11.25
CA TYR B 618 13.91 16.55 -11.32
C TYR B 618 14.06 17.90 -10.61
N MET B 619 15.03 18.02 -9.71
CA MET B 619 15.17 19.28 -8.97
C MET B 619 15.79 20.38 -9.83
N ASP B 620 16.56 20.02 -10.85
CA ASP B 620 17.23 21.01 -11.69
C ASP B 620 16.71 21.05 -13.12
N PHE B 621 16.03 20.00 -13.59
CA PHE B 621 15.66 19.98 -15.00
C PHE B 621 14.22 19.53 -15.25
N GLU B 622 13.34 19.55 -14.24
CA GLU B 622 11.94 19.26 -14.52
C GLU B 622 11.27 20.42 -15.23
N LYS B 623 11.53 21.66 -14.78
CA LYS B 623 11.05 22.82 -15.51
C LYS B 623 11.60 22.86 -16.92
N THR B 624 12.84 22.40 -17.12
CA THR B 624 13.51 22.50 -18.42
C THR B 624 13.16 21.30 -19.30
N ASP B 625 13.75 20.14 -19.00
CA ASP B 625 13.62 18.97 -19.84
C ASP B 625 12.25 18.34 -19.69
N PRO B 626 11.42 18.32 -20.75
CA PRO B 626 10.09 17.68 -20.63
C PRO B 626 10.17 16.17 -20.48
N LYS B 627 11.28 15.54 -20.92
CA LYS B 627 11.48 14.10 -20.85
C LYS B 627 11.78 13.59 -19.45
N ILE B 628 12.10 14.48 -18.52
CA ILE B 628 12.50 14.03 -17.18
C ILE B 628 11.30 13.62 -16.34
N SER B 629 10.15 14.27 -16.53
CA SER B 629 8.96 13.91 -15.75
C SER B 629 8.62 12.43 -15.89
N GLN B 630 8.76 11.89 -17.10
CA GLN B 630 8.45 10.48 -17.32
C GLN B 630 9.60 9.57 -16.93
N LEU B 631 10.85 10.01 -17.12
CA LEU B 631 11.99 9.19 -16.73
C LEU B 631 12.03 8.96 -15.22
N VAL B 632 11.44 9.86 -14.44
CA VAL B 632 11.35 9.66 -12.99
C VAL B 632 10.17 8.77 -12.65
N SER B 633 9.05 8.94 -13.35
CA SER B 633 7.85 8.15 -13.07
C SER B 633 8.11 6.67 -13.29
N SER B 634 8.86 6.32 -14.33
CA SER B 634 9.17 4.94 -14.65
C SER B 634 10.38 4.40 -13.90
N ASN B 635 11.02 5.24 -13.07
CA ASN B 635 12.24 4.86 -12.35
C ASN B 635 13.30 4.34 -13.32
N SER B 636 13.52 5.09 -14.39
CA SER B 636 14.56 4.76 -15.35
C SER B 636 15.93 4.85 -14.69
N ASN B 637 16.87 4.04 -15.18
CA ASN B 637 18.24 4.08 -14.68
C ASN B 637 18.88 5.45 -14.88
N TYR B 638 18.37 6.25 -15.81
CA TYR B 638 18.91 7.58 -16.04
C TYR B 638 18.56 8.55 -14.92
N THR B 639 17.53 8.25 -14.12
CA THR B 639 17.14 9.09 -13.01
C THR B 639 17.41 8.47 -11.63
N THR B 640 17.48 7.14 -11.54
CA THR B 640 17.80 6.48 -10.28
C THR B 640 19.30 6.27 -10.11
N GLN B 641 20.10 6.46 -11.15
CA GLN B 641 21.53 6.24 -11.08
C GLN B 641 22.35 7.42 -11.61
N GLN B 642 21.71 8.54 -11.94
CA GLN B 642 22.40 9.78 -12.27
C GLN B 642 21.91 10.88 -11.33
N TYR B 643 22.77 11.87 -11.09
CA TYR B 643 22.40 12.94 -10.17
C TYR B 643 23.36 14.12 -10.35
N MET B 644 22.92 15.27 -9.82
CA MET B 644 23.74 16.47 -9.76
C MET B 644 24.46 16.50 -8.41
N PHE B 645 25.79 16.42 -8.44
CA PHE B 645 26.59 16.61 -7.25
C PHE B 645 26.97 18.09 -7.18
N GLY B 646 26.20 18.85 -6.41
CA GLY B 646 26.31 20.29 -6.45
C GLY B 646 25.62 20.85 -7.68
N PRO B 647 25.78 22.15 -7.93
CA PRO B 647 25.08 22.77 -9.06
C PRO B 647 25.73 22.54 -10.42
N ARG B 648 26.94 22.00 -10.47
CA ARG B 648 27.70 21.96 -11.72
C ARG B 648 28.03 20.55 -12.22
N LEU B 649 28.14 19.56 -11.33
CA LEU B 649 28.60 18.23 -11.71
C LEU B 649 27.43 17.28 -11.95
N LEU B 650 27.53 16.47 -13.01
CA LEU B 650 26.61 15.39 -13.30
C LEU B 650 27.36 14.06 -13.20
N VAL B 651 26.90 13.18 -12.32
CA VAL B 651 27.60 11.93 -12.01
C VAL B 651 26.74 10.76 -12.44
N SER B 652 27.39 9.70 -12.94
CA SER B 652 26.71 8.46 -13.31
C SER B 652 27.70 7.31 -13.16
N PRO B 653 27.59 6.53 -12.09
CA PRO B 653 28.57 5.46 -11.85
C PRO B 653 28.40 4.30 -12.83
N VAL B 654 29.51 3.61 -13.07
CA VAL B 654 29.48 2.40 -13.90
C VAL B 654 29.09 1.23 -13.01
N THR B 655 27.95 0.62 -13.32
CA THR B 655 27.38 -0.43 -12.48
C THR B 655 27.42 -1.81 -13.14
N LEU B 656 28.30 -2.00 -14.13
CA LEU B 656 28.43 -3.28 -14.81
C LEU B 656 29.90 -3.60 -15.00
N PRO B 657 30.26 -4.88 -15.01
CA PRO B 657 31.65 -5.27 -15.22
C PRO B 657 32.01 -5.35 -16.70
N ASN B 658 33.30 -5.23 -16.98
CA ASN B 658 33.87 -5.30 -18.33
C ASN B 658 33.14 -4.33 -19.27
N VAL B 659 33.37 -3.05 -18.99
CA VAL B 659 32.67 -1.97 -19.68
C VAL B 659 33.69 -0.89 -20.01
N THR B 660 33.68 -0.40 -21.25
CA THR B 660 34.51 0.71 -21.67
C THR B 660 33.73 1.91 -22.16
N GLU B 661 32.43 1.76 -22.41
CA GLU B 661 31.56 2.87 -22.79
C GLU B 661 30.30 2.81 -21.93
N TRP B 662 29.84 3.98 -21.49
CA TRP B 662 28.70 4.07 -20.60
C TRP B 662 27.69 5.07 -21.15
N PRO B 663 26.40 4.71 -21.20
CA PRO B 663 25.39 5.65 -21.72
C PRO B 663 24.85 6.57 -20.64
N VAL B 664 25.11 7.87 -20.78
CA VAL B 664 24.66 8.87 -19.83
C VAL B 664 23.64 9.76 -20.52
N TYR B 665 22.50 9.97 -19.86
CA TYR B 665 21.50 10.91 -20.36
C TYR B 665 21.84 12.31 -19.87
N LEU B 666 22.17 13.20 -20.79
CA LEU B 666 22.43 14.59 -20.46
C LEU B 666 21.12 15.36 -20.54
N PRO B 667 20.61 15.88 -19.42
CA PRO B 667 19.32 16.59 -19.46
C PRO B 667 19.42 17.91 -20.22
N GLN B 668 18.26 18.42 -20.60
CA GLN B 668 18.20 19.73 -21.24
C GLN B 668 18.40 20.80 -20.17
N THR B 669 19.12 21.86 -20.53
CA THR B 669 19.45 22.91 -19.58
C THR B 669 18.69 24.21 -19.77
N GLY B 670 18.04 24.41 -20.93
CA GLY B 670 17.25 25.60 -21.17
C GLY B 670 17.81 26.53 -22.22
N GLN B 671 18.97 26.21 -22.80
CA GLN B 671 19.56 26.99 -23.88
C GLN B 671 19.79 25.98 -25.01
N ASN B 672 18.91 26.01 -26.01
CA ASN B 672 18.88 24.96 -27.01
C ASN B 672 19.94 25.13 -28.09
N ASN B 673 20.48 26.33 -28.27
CA ASN B 673 21.48 26.61 -29.29
C ASN B 673 22.92 26.41 -28.83
N THR B 674 23.14 25.83 -27.64
CA THR B 674 24.48 25.67 -27.11
C THR B 674 24.74 24.19 -26.77
N LYS B 675 25.96 23.93 -26.28
CA LYS B 675 26.37 22.62 -25.81
C LYS B 675 26.95 22.78 -24.41
N PRO B 676 26.14 22.65 -23.37
CA PRO B 676 26.58 23.04 -22.03
C PRO B 676 27.35 21.97 -21.28
N TRP B 677 27.24 20.71 -21.70
CA TRP B 677 27.81 19.58 -20.98
C TRP B 677 29.24 19.31 -21.47
N THR B 678 30.19 19.37 -20.56
CA THR B 678 31.60 19.08 -20.84
C THR B 678 31.99 17.80 -20.11
N TYR B 679 32.42 16.80 -20.87
CA TYR B 679 32.88 15.56 -20.25
C TYR B 679 34.20 15.80 -19.52
N TRP B 680 34.32 15.21 -18.33
CA TRP B 680 35.45 15.51 -17.46
C TRP B 680 36.76 14.98 -18.06
N TRP B 681 36.73 13.80 -18.66
CA TRP B 681 37.97 13.12 -19.05
C TRP B 681 38.44 13.46 -20.46
N THR B 682 37.54 13.92 -21.34
CA THR B 682 37.90 14.27 -22.70
C THR B 682 37.77 15.76 -22.99
N ASN B 683 37.17 16.54 -22.10
CA ASN B 683 36.93 17.96 -22.28
C ASN B 683 36.05 18.26 -23.49
N GLU B 684 35.38 17.25 -24.02
CA GLU B 684 34.50 17.41 -25.17
C GLU B 684 33.13 17.88 -24.71
N THR B 685 32.52 18.74 -25.51
CA THR B 685 31.23 19.32 -25.18
C THR B 685 30.11 18.61 -25.91
N TYR B 686 28.97 18.48 -25.25
CA TYR B 686 27.79 17.83 -25.80
C TYR B 686 26.56 18.71 -25.55
N ALA B 687 25.55 18.52 -26.39
CA ALA B 687 24.30 19.26 -26.24
C ALA B 687 23.35 18.52 -25.33
N GLY B 688 22.52 19.29 -24.61
CA GLY B 688 21.57 18.69 -23.70
C GLY B 688 20.37 18.09 -24.40
N GLY B 689 19.70 17.19 -23.70
CA GLY B 689 18.50 16.57 -24.22
C GLY B 689 18.70 15.28 -24.97
N GLN B 690 19.79 14.55 -24.71
CA GLN B 690 20.08 13.32 -25.44
C GLN B 690 20.88 12.39 -24.55
N VAL B 691 20.90 11.11 -24.93
CA VAL B 691 21.72 10.10 -24.29
C VAL B 691 22.99 9.89 -25.12
N VAL B 692 24.14 10.00 -24.47
CA VAL B 692 25.43 9.86 -25.14
C VAL B 692 26.20 8.70 -24.54
N LYS B 693 26.97 8.03 -25.38
CA LYS B 693 27.82 6.92 -24.95
C LYS B 693 29.26 7.44 -24.89
N VAL B 694 29.76 7.62 -23.68
CA VAL B 694 31.08 8.23 -23.46
C VAL B 694 32.10 7.15 -23.14
N PRO B 695 33.39 7.38 -23.39
CA PRO B 695 34.41 6.41 -23.00
C PRO B 695 34.52 6.33 -21.48
N ALA B 696 34.32 5.14 -20.94
CA ALA B 696 34.37 4.89 -19.50
C ALA B 696 35.30 3.72 -19.23
N PRO B 697 36.62 3.95 -19.32
CA PRO B 697 37.57 2.90 -18.90
C PRO B 697 37.53 2.69 -17.39
N LEU B 698 38.35 1.76 -16.90
CA LEU B 698 38.25 1.39 -15.49
C LEU B 698 38.68 2.52 -14.57
N GLN B 699 39.53 3.42 -15.05
CA GLN B 699 40.03 4.53 -14.26
C GLN B 699 39.16 5.78 -14.34
N HIS B 700 38.17 5.81 -15.23
CA HIS B 700 37.36 7.00 -15.47
C HIS B 700 35.91 6.71 -15.08
N ILE B 701 35.33 7.58 -14.27
CA ILE B 701 33.92 7.53 -13.92
C ILE B 701 33.18 8.58 -14.74
N PRO B 702 32.08 8.23 -15.42
CA PRO B 702 31.38 9.21 -16.25
C PRO B 702 30.91 10.43 -15.46
N VAL B 703 31.51 11.58 -15.71
CA VAL B 703 31.19 12.83 -15.03
C VAL B 703 31.22 13.95 -16.04
N PHE B 704 30.13 14.71 -16.12
CA PHE B 704 30.04 15.93 -16.90
C PHE B 704 29.99 17.13 -15.96
N HIS B 705 30.19 18.32 -16.52
CA HIS B 705 30.10 19.52 -15.72
C HIS B 705 29.61 20.69 -16.55
N LEU B 706 28.82 21.55 -15.92
CA LEU B 706 28.36 22.79 -16.51
C LEU B 706 29.34 23.92 -16.20
N GLY B 707 29.39 24.90 -17.09
CA GLY B 707 30.33 25.98 -16.94
C GLY B 707 31.78 25.51 -17.07
N SER B 708 32.69 26.38 -16.68
CA SER B 708 34.10 26.07 -16.75
C SER B 708 34.54 25.25 -15.54
N ARG B 709 35.55 24.41 -15.76
CA ARG B 709 36.05 23.58 -14.66
C ARG B 709 36.81 24.43 -13.65
N GLU B 710 37.47 25.50 -14.09
CA GLU B 710 38.25 26.32 -13.17
C GLU B 710 37.36 27.09 -12.21
N GLU B 711 36.11 27.38 -12.61
CA GLU B 711 35.20 28.07 -11.72
C GLU B 711 34.60 27.14 -10.67
N LEU B 712 34.21 25.92 -11.07
CA LEU B 712 33.67 24.99 -10.09
C LEU B 712 34.75 24.56 -9.10
N LEU B 713 36.00 24.44 -9.56
CA LEU B 713 37.10 24.16 -8.64
C LEU B 713 37.39 25.32 -7.70
N SER B 714 36.93 26.52 -8.04
CA SER B 714 37.12 27.68 -7.18
C SER B 714 36.10 27.75 -6.04
N GLY B 715 34.95 27.10 -6.20
CA GLY B 715 33.89 27.14 -5.23
C GLY B 715 32.83 28.17 -5.54
N ASN B 716 33.19 29.22 -6.28
CA ASN B 716 32.25 30.29 -6.65
C ASN B 716 31.25 29.74 -7.67
N VAL B 717 30.20 29.10 -7.15
CA VAL B 717 29.14 28.55 -7.97
C VAL B 717 27.75 29.03 -7.55
N PHE B 718 27.67 29.80 -6.47
CA PHE B 718 26.40 30.36 -6.01
C PHE B 718 26.45 31.89 -6.06
#